data_6RGL
#
_entry.id   6RGL
#
loop_
_entity.id
_entity.type
_entity.pdbx_description
1 polymer Afp2
2 polymer Afp3
3 polymer Afp4
#
loop_
_entity_poly.entity_id
_entity_poly.type
_entity_poly.pdbx_seq_one_letter_code
_entity_poly.pdbx_strand_id
1 'polypeptide(L)'
;MTVTTTYPGVYLSEDAVSSFSVNSAATAVPLFAYDSENTNTINKPIQVFRNWAEFTVEYPTPLEDAFYTSLSLWFMHGGG
KCYLVNEANIADAVAQYDDITLIVAAGTDTTTYTAFTTVVGQGYRIFGLFDGPKEKIAGTAKPDEVMEEYPTSPFGAVFY
PWGTLASGAAVPPSAIAAASITQTDRTRGVWKAPANQAVNGVTPAFAVSDDFQGKYNQGKALNMIRTFSGQGTVVWGART
LEDSDNWRYIPVRRLFNAVERDIQKSLNKLVFEPNSQPTWQRVKAAVDSYLHSLWQQGALAGNTPADAWFVQVGKDLTMT
QEEINQGKMIIKIGLAAVRPAEFIILQFSQDIAQ
;
B,A
2 'polypeptide(L)'
;MATVTSVPGVYIEEDASPAMSVSASATAVPLFVARFTPLKPELAGVITRIGSWLDYTILFDSNVPSSARVTVSSTAVEPS
PEFDALETASSKATTTYTYQIDDTEVVDPTASVALRLYFQNGGGPCYLYPLEKADDNGPLAALPDLIDEVGEITLLASPD
PDETYRTAVYGALAASLDQHKGYFLLADSVNGDAPSAVGGSAQVAVYYPNVEVPHTRKLDDAEVAIDGYLDDEGKAVTTL
AALRVVNTEFAGEIAQSLSGDLSAPLSLPPSALIAGVYGKTDGERGVWKAPANVVLNGVSDVSVRVTNEQQAELNPKGIN
VIRHFSDRGLVVWGSRTQKDDDDWRYIPVRRLFDAAERDIKKALQPMVFEPNSQLTWKRVQTAIDNYLYRLWQQGALAGN
KAEEAYFVRVGKGITMTQDEINQGKMIIQVGMAAVRPAEFIILKFTQDMSQ
;
C
3 'polypeptide(L)'
;MTMVLPGVSYNETLLTQASNDDPVTMPLFIGYTPPDTAIPVTVMQPVSVGSLTQANSLFGQRGTLAYSLRHFFENGGLQC
YVLPLGPGKGEPAARLQELIAALQTPQMLETLLADDKTGLVLVPELSELNEVSSTSLSAEGVDAAEVDADALWYQGWQVL
LTLCRQAPQRFALLELPEDPASAVTLTQQSFSADQCQRGAAWWPRLETSYQDESSAPVVLSPLPAVAAAIQRSAHDNGVW
KAPANIALAKTRRPTQSILTSQALLDNQGVSCNLIRSFVGKGVRLWGCRTLLNEENTAWRYIQIRLLVSSVEHYLSKLAR
AYLFEPNTAPTWMKLKGQVWTWLRQQWLAGAFFGTVEDEAFSLSIGLDETMTEDDIRHGKMILQVRLALLAPAEFIAISL
TLDLRDGTASAQTGGQS
;
D
#
# COMPACT_ATOMS: atom_id res chain seq x y z
N THR A 4 36.21 49.56 32.75
CA THR A 4 36.92 50.35 33.74
C THR A 4 36.16 51.59 34.16
N THR A 5 36.68 52.24 35.20
CA THR A 5 35.90 53.19 35.98
C THR A 5 36.78 54.40 36.31
N THR A 6 37.55 54.87 35.33
CA THR A 6 38.79 55.64 35.57
C THR A 6 38.66 56.95 36.33
N TYR A 7 38.02 57.92 35.76
CA TYR A 7 37.69 59.16 36.41
C TYR A 7 36.58 58.91 37.42
N PRO A 8 36.40 59.77 38.42
CA PRO A 8 35.22 59.64 39.26
C PRO A 8 33.99 60.12 38.50
N GLY A 9 32.91 59.38 38.65
CA GLY A 9 31.66 59.80 38.08
C GLY A 9 30.79 58.63 37.69
N VAL A 10 29.89 58.93 36.75
CA VAL A 10 28.77 58.08 36.42
C VAL A 10 29.13 57.27 35.20
N TYR A 11 29.18 55.97 35.38
CA TYR A 11 29.35 55.01 34.31
C TYR A 11 28.05 54.26 34.25
N LEU A 12 27.95 53.32 33.32
CA LEU A 12 26.67 52.70 33.09
C LEU A 12 26.85 51.40 32.33
N SER A 13 26.00 50.43 32.66
CA SER A 13 25.93 49.15 31.97
C SER A 13 24.49 48.84 31.60
N GLU A 14 24.32 47.83 30.78
CA GLU A 14 22.99 47.43 30.33
C GLU A 14 22.88 45.92 30.30
N ASP A 15 21.75 45.43 29.81
CA ASP A 15 21.62 44.01 29.52
C ASP A 15 22.42 43.68 28.26
N ALA A 16 22.95 42.47 28.21
CA ALA A 16 23.85 42.07 27.12
C ALA A 16 23.14 41.29 26.03
N VAL A 17 22.62 40.11 26.35
CA VAL A 17 22.12 39.19 25.34
C VAL A 17 20.72 38.75 25.73
N SER A 18 19.93 38.37 24.73
CA SER A 18 18.52 38.05 24.91
C SER A 18 18.23 36.64 24.44
N SER A 19 16.94 36.34 24.38
CA SER A 19 16.43 35.08 23.90
C SER A 19 16.28 35.08 22.39
N PHE A 20 15.52 34.10 21.91
CA PHE A 20 15.36 33.87 20.48
C PHE A 20 14.09 33.07 20.28
N SER A 21 13.56 33.16 19.06
CA SER A 21 12.64 32.16 18.57
C SER A 21 12.79 32.11 17.06
N VAL A 22 12.21 31.11 16.48
CA VAL A 22 12.36 30.92 15.05
C VAL A 22 11.35 31.79 14.33
N ASN A 23 11.70 32.17 13.12
CA ASN A 23 10.79 32.88 12.24
C ASN A 23 10.28 31.88 11.22
N SER A 24 8.96 31.91 11.01
CA SER A 24 8.22 30.72 10.63
C SER A 24 8.58 30.13 9.27
N ALA A 25 8.18 30.78 8.18
CA ALA A 25 8.17 30.08 6.90
C ALA A 25 7.85 30.93 5.69
N ALA A 26 7.88 30.28 4.53
CA ALA A 26 7.32 30.67 3.25
C ALA A 26 6.42 29.58 2.68
N THR A 27 6.84 28.31 2.81
CA THR A 27 6.09 27.06 2.63
C THR A 27 5.78 26.77 1.15
N ALA A 28 5.94 27.76 0.29
CA ALA A 28 5.76 27.53 -1.15
C ALA A 28 6.55 28.64 -1.85
N VAL A 29 7.77 28.33 -2.23
CA VAL A 29 8.46 29.17 -3.19
C VAL A 29 8.79 28.22 -4.31
N PRO A 30 7.97 28.13 -5.33
CA PRO A 30 8.31 27.26 -6.45
C PRO A 30 9.11 28.00 -7.48
N LEU A 31 10.20 27.37 -7.91
CA LEU A 31 10.77 27.72 -9.18
C LEU A 31 9.97 26.96 -10.21
N PHE A 32 9.86 27.53 -11.39
CA PHE A 32 9.11 26.87 -12.44
C PHE A 32 10.05 26.42 -13.52
N ALA A 33 9.80 25.21 -14.03
CA ALA A 33 10.74 24.50 -14.89
C ALA A 33 10.72 25.14 -16.27
N TYR A 34 11.43 26.25 -16.39
CA TYR A 34 11.64 26.85 -17.69
C TYR A 34 12.45 25.91 -18.56
N ASP A 35 12.09 25.89 -19.83
CA ASP A 35 12.82 25.10 -20.80
C ASP A 35 13.76 26.05 -21.54
N SER A 36 15.06 25.86 -21.34
CA SER A 36 16.04 26.78 -21.91
C SER A 36 16.10 26.67 -23.41
N GLU A 37 15.78 25.50 -23.97
CA GLU A 37 15.70 25.37 -25.41
C GLU A 37 14.57 26.18 -26.02
N ASN A 38 13.55 26.50 -25.23
CA ASN A 38 12.35 27.12 -25.74
C ASN A 38 12.64 28.56 -26.14
N THR A 39 11.94 29.01 -27.17
CA THR A 39 12.21 30.28 -27.83
C THR A 39 11.14 31.33 -27.63
N ASN A 40 9.87 30.91 -27.49
CA ASN A 40 8.74 31.83 -27.43
C ASN A 40 8.60 32.47 -26.05
N THR A 41 9.69 33.05 -25.59
CA THR A 41 9.92 33.22 -24.16
C THR A 41 11.19 34.03 -24.01
N ILE A 42 11.50 34.33 -22.78
CA ILE A 42 12.72 35.05 -22.49
C ILE A 42 13.82 34.01 -22.38
N ASN A 43 14.85 34.19 -23.17
CA ASN A 43 15.96 33.26 -23.11
C ASN A 43 16.92 33.58 -21.98
N LYS A 44 16.63 34.60 -21.19
CA LYS A 44 17.10 34.63 -19.81
C LYS A 44 16.61 33.38 -19.11
N PRO A 45 17.49 32.60 -18.50
CA PRO A 45 17.09 31.30 -17.94
C PRO A 45 16.22 31.42 -16.71
N ILE A 46 16.65 32.28 -15.80
CA ILE A 46 16.07 32.43 -14.49
C ILE A 46 15.15 33.64 -14.52
N GLN A 47 13.89 33.42 -14.25
CA GLN A 47 12.94 34.50 -14.14
C GLN A 47 12.45 34.60 -12.70
N VAL A 48 12.61 35.79 -12.15
CA VAL A 48 12.31 36.09 -10.77
C VAL A 48 11.00 36.85 -10.76
N PHE A 49 9.93 36.17 -10.41
CA PHE A 49 8.60 36.70 -10.60
C PHE A 49 7.82 36.77 -9.31
N ARG A 50 7.12 37.87 -9.16
CA ARG A 50 6.46 38.25 -7.92
C ARG A 50 4.97 37.98 -7.95
N ASN A 51 4.26 38.53 -8.91
CA ASN A 51 2.84 38.26 -9.04
C ASN A 51 2.45 38.33 -10.51
N TRP A 52 1.14 38.46 -10.74
CA TRP A 52 0.57 38.44 -12.07
C TRP A 52 0.91 39.67 -12.89
N ALA A 53 1.18 40.78 -12.22
CA ALA A 53 1.29 42.07 -12.92
C ALA A 53 2.53 42.13 -13.78
N GLU A 54 3.70 41.89 -13.17
CA GLU A 54 4.95 41.93 -13.90
C GLU A 54 5.06 40.73 -14.83
N PHE A 55 4.32 39.66 -14.52
CA PHE A 55 4.14 38.59 -15.46
C PHE A 55 3.43 39.09 -16.70
N THR A 56 2.36 39.84 -16.52
CA THR A 56 1.61 40.32 -17.67
C THR A 56 2.34 41.44 -18.36
N VAL A 57 3.18 42.18 -17.64
CA VAL A 57 4.00 43.11 -18.40
C VAL A 57 5.13 42.35 -19.06
N GLU A 58 5.45 41.17 -18.56
CA GLU A 58 6.35 40.31 -19.32
C GLU A 58 5.59 39.60 -20.42
N TYR A 59 4.49 38.94 -20.07
CA TYR A 59 3.69 38.19 -21.02
C TYR A 59 2.29 38.78 -21.04
N PRO A 60 2.05 39.77 -21.87
CA PRO A 60 0.67 40.13 -22.17
C PRO A 60 0.09 39.15 -23.16
N THR A 61 0.97 38.45 -23.87
CA THR A 61 1.05 37.46 -24.93
C THR A 61 0.53 36.12 -24.46
N PRO A 62 -0.69 35.75 -24.86
CA PRO A 62 -1.23 34.47 -24.43
C PRO A 62 -0.53 33.31 -25.13
N LEU A 63 0.38 32.69 -24.42
CA LEU A 63 1.10 31.54 -24.93
C LEU A 63 0.27 30.30 -24.61
N GLU A 64 0.71 29.16 -25.12
CA GLU A 64 0.12 27.90 -24.75
C GLU A 64 1.14 26.92 -24.21
N ASP A 65 2.40 27.34 -24.10
CA ASP A 65 3.38 26.49 -23.48
C ASP A 65 3.10 26.44 -21.98
N ALA A 66 3.51 25.32 -21.38
CA ALA A 66 2.95 24.88 -20.11
C ALA A 66 3.27 25.82 -18.97
N PHE A 67 4.43 26.46 -19.01
CA PHE A 67 4.77 27.44 -17.99
C PHE A 67 3.85 28.65 -18.09
N TYR A 68 3.47 29.05 -19.30
CA TYR A 68 2.49 30.11 -19.41
C TYR A 68 1.16 29.66 -18.85
N THR A 69 0.75 28.44 -19.18
CA THR A 69 -0.44 27.89 -18.59
C THR A 69 -0.28 27.67 -17.10
N SER A 70 0.95 27.44 -16.64
CA SER A 70 1.21 27.34 -15.22
C SER A 70 0.94 28.64 -14.49
N LEU A 71 1.64 29.71 -14.84
CA LEU A 71 1.51 30.96 -14.09
C LEU A 71 0.14 31.58 -14.26
N SER A 72 -0.53 31.29 -15.38
CA SER A 72 -1.94 31.61 -15.48
C SER A 72 -2.73 30.92 -14.40
N LEU A 73 -2.58 29.61 -14.30
CA LEU A 73 -3.23 28.82 -13.28
C LEU A 73 -2.72 29.13 -11.89
N TRP A 74 -1.41 29.32 -11.78
CA TRP A 74 -0.79 29.60 -10.49
C TRP A 74 -1.31 30.90 -9.92
N PHE A 75 -1.27 31.95 -10.71
CA PHE A 75 -1.79 33.21 -10.23
C PHE A 75 -3.30 33.28 -10.32
N MET A 76 -3.93 32.29 -10.96
CA MET A 76 -5.37 32.18 -10.80
C MET A 76 -5.73 31.81 -9.38
N HIS A 77 -4.87 31.06 -8.71
CA HIS A 77 -5.07 30.72 -7.32
C HIS A 77 -4.37 31.68 -6.39
N GLY A 78 -4.28 32.93 -6.79
CA GLY A 78 -3.47 33.81 -5.99
C GLY A 78 -2.06 33.69 -6.50
N GLY A 79 -1.33 32.71 -5.99
CA GLY A 79 0.04 32.52 -6.36
C GLY A 79 0.95 33.45 -5.58
N GLY A 80 2.23 33.14 -5.60
CA GLY A 80 3.14 33.91 -4.79
C GLY A 80 4.33 34.37 -5.57
N LYS A 81 5.37 34.83 -4.87
CA LYS A 81 6.59 35.20 -5.55
C LYS A 81 7.30 33.94 -5.97
N CYS A 82 7.01 33.48 -7.18
CA CYS A 82 7.43 32.19 -7.65
C CYS A 82 8.38 32.38 -8.82
N TYR A 83 9.39 31.54 -8.89
CA TYR A 83 10.45 31.83 -9.83
C TYR A 83 10.35 30.89 -11.02
N LEU A 84 11.24 31.09 -11.98
CA LEU A 84 11.22 30.29 -13.19
C LEU A 84 12.63 30.25 -13.76
N VAL A 85 13.32 29.17 -13.48
CA VAL A 85 14.70 28.97 -13.90
C VAL A 85 14.70 27.86 -14.94
N ASN A 86 15.74 27.81 -15.75
CA ASN A 86 15.77 26.81 -16.79
C ASN A 86 16.07 25.42 -16.23
N GLU A 87 16.20 24.47 -17.13
CA GLU A 87 16.65 23.14 -16.80
C GLU A 87 18.16 23.05 -16.67
N ALA A 88 18.87 24.17 -16.76
CA ALA A 88 20.31 24.15 -16.57
C ALA A 88 20.75 24.83 -15.29
N ASN A 89 19.90 25.61 -14.64
CA ASN A 89 20.38 26.38 -13.51
C ASN A 89 19.58 26.09 -12.26
N ILE A 90 19.40 24.81 -11.96
CA ILE A 90 18.59 24.44 -10.82
C ILE A 90 19.33 24.73 -9.52
N ALA A 91 20.48 24.09 -9.33
CA ALA A 91 21.19 24.10 -8.05
C ALA A 91 21.69 25.48 -7.69
N ASP A 92 21.89 26.33 -8.68
CA ASP A 92 22.56 27.60 -8.54
C ASP A 92 21.78 28.55 -7.65
N ALA A 93 20.56 28.89 -8.08
CA ALA A 93 19.73 29.78 -7.30
C ALA A 93 19.24 29.12 -6.03
N VAL A 94 19.16 27.79 -6.01
CA VAL A 94 18.88 27.08 -4.78
C VAL A 94 19.99 27.29 -3.78
N ALA A 95 21.23 27.24 -4.25
CA ALA A 95 22.34 27.65 -3.42
C ALA A 95 22.32 29.14 -3.12
N GLN A 96 21.59 29.93 -3.90
CA GLN A 96 21.48 31.36 -3.65
C GLN A 96 20.27 31.71 -2.81
N TYR A 97 19.07 31.39 -3.31
CA TYR A 97 17.90 32.15 -2.91
C TYR A 97 17.32 31.69 -1.59
N ASP A 98 17.61 30.47 -1.16
CA ASP A 98 17.40 29.97 0.20
C ASP A 98 15.93 29.99 0.62
N ASP A 99 15.02 29.95 -0.34
CA ASP A 99 13.61 30.05 -0.03
C ASP A 99 12.81 28.97 -0.72
N ILE A 100 13.38 28.39 -1.78
CA ILE A 100 12.66 27.56 -2.74
C ILE A 100 12.12 26.34 -2.05
N THR A 101 10.82 26.18 -2.12
CA THR A 101 10.18 25.09 -1.41
C THR A 101 9.71 24.02 -2.36
N LEU A 102 9.33 24.41 -3.57
CA LEU A 102 8.66 23.53 -4.49
C LEU A 102 9.41 23.50 -5.81
N ILE A 103 9.36 22.36 -6.48
CA ILE A 103 9.98 22.18 -7.78
C ILE A 103 8.92 21.56 -8.66
N VAL A 104 8.52 22.25 -9.72
CA VAL A 104 7.49 21.73 -10.57
C VAL A 104 8.15 20.96 -11.71
N ALA A 105 7.34 20.14 -12.37
CA ALA A 105 7.73 19.53 -13.63
C ALA A 105 6.86 20.15 -14.70
N ALA A 106 7.47 20.95 -15.57
CA ALA A 106 6.76 21.50 -16.72
C ALA A 106 6.97 20.60 -17.93
N GLY A 107 6.71 19.32 -17.73
CA GLY A 107 7.01 18.32 -18.74
C GLY A 107 8.49 18.08 -18.98
N THR A 108 9.35 18.61 -18.12
CA THR A 108 10.79 18.52 -18.28
C THR A 108 11.32 17.57 -17.22
N ASP A 109 12.02 16.54 -17.66
CA ASP A 109 12.32 15.41 -16.80
C ASP A 109 13.78 15.03 -16.75
N THR A 110 14.46 15.05 -17.89
CA THR A 110 15.64 14.23 -18.08
C THR A 110 16.80 14.77 -17.28
N THR A 111 17.25 15.97 -17.61
CA THR A 111 18.18 16.68 -16.76
C THR A 111 17.55 17.12 -15.45
N THR A 112 16.22 17.23 -15.42
CA THR A 112 15.50 17.69 -14.24
C THR A 112 15.68 16.72 -13.09
N TYR A 113 15.47 15.43 -13.38
CA TYR A 113 15.52 14.44 -12.33
C TYR A 113 16.94 14.28 -11.80
N THR A 114 17.91 14.42 -12.70
CA THR A 114 19.31 14.34 -12.31
C THR A 114 19.69 15.52 -11.43
N ALA A 115 19.30 16.72 -11.84
CA ALA A 115 19.56 17.89 -11.03
C ALA A 115 18.77 17.85 -9.74
N PHE A 116 17.58 17.27 -9.78
CA PHE A 116 16.85 17.02 -8.55
C PHE A 116 17.61 16.07 -7.65
N THR A 117 18.02 14.92 -8.19
CA THR A 117 18.76 14.00 -7.34
C THR A 117 20.19 14.45 -7.12
N THR A 118 20.64 15.46 -7.84
CA THR A 118 21.94 16.05 -7.52
C THR A 118 21.88 16.75 -6.17
N VAL A 119 20.91 17.67 -6.02
CA VAL A 119 20.93 18.55 -4.86
C VAL A 119 20.48 17.84 -3.61
N VAL A 120 19.66 16.80 -3.77
CA VAL A 120 19.31 15.99 -2.62
C VAL A 120 20.46 15.06 -2.29
N GLY A 121 21.33 14.82 -3.28
CA GLY A 121 22.63 14.22 -2.99
C GLY A 121 23.50 15.10 -2.11
N GLN A 122 23.20 16.39 -2.01
CA GLN A 122 23.71 17.19 -0.92
C GLN A 122 22.62 17.62 0.04
N GLY A 123 21.36 17.34 -0.28
CA GLY A 123 20.30 17.37 0.70
C GLY A 123 19.93 18.75 1.21
N TYR A 124 19.28 19.54 0.37
CA TYR A 124 19.05 20.94 0.71
C TYR A 124 17.67 21.21 1.26
N ARG A 125 16.95 20.17 1.68
CA ARG A 125 15.65 20.26 2.34
C ARG A 125 14.61 20.96 1.46
N ILE A 126 14.27 20.31 0.35
CA ILE A 126 13.23 20.80 -0.54
C ILE A 126 12.29 19.64 -0.81
N PHE A 127 11.11 19.97 -1.31
CA PHE A 127 10.20 18.96 -1.82
C PHE A 127 9.94 19.31 -3.28
N GLY A 128 10.52 18.52 -4.18
CA GLY A 128 10.14 18.56 -5.56
C GLY A 128 8.94 17.69 -5.81
N LEU A 129 8.45 17.74 -7.04
CA LEU A 129 7.26 17.00 -7.43
C LEU A 129 7.21 16.94 -8.95
N PHE A 130 6.79 15.81 -9.47
CA PHE A 130 7.02 15.47 -10.87
C PHE A 130 5.71 15.37 -11.62
N ASP A 131 5.82 15.03 -12.89
CA ASP A 131 4.65 14.79 -13.72
C ASP A 131 4.38 13.31 -13.84
N GLY A 132 3.12 12.98 -14.02
CA GLY A 132 2.76 11.65 -14.43
C GLY A 132 3.13 11.48 -15.89
N PRO A 133 3.07 10.24 -16.37
CA PRO A 133 3.29 9.99 -17.80
C PRO A 133 2.15 10.57 -18.60
N LYS A 134 2.36 10.67 -19.91
CA LYS A 134 1.55 11.57 -20.70
C LYS A 134 0.10 11.10 -20.80
N GLU A 135 -0.11 9.91 -21.33
CA GLU A 135 -1.49 9.54 -21.58
C GLU A 135 -1.70 8.03 -21.60
N LYS A 136 -2.77 7.63 -20.90
CA LYS A 136 -3.55 6.40 -21.10
C LYS A 136 -2.67 5.14 -21.02
N ILE A 137 -2.22 4.87 -19.80
CA ILE A 137 -1.81 3.51 -19.47
C ILE A 137 -3.00 2.60 -19.70
N ALA A 138 -2.77 1.51 -20.44
CA ALA A 138 -3.83 0.54 -20.65
C ALA A 138 -4.23 -0.17 -19.36
N GLY A 139 -3.29 -0.36 -18.44
CA GLY A 139 -3.61 -0.92 -17.14
C GLY A 139 -3.92 -2.40 -17.13
N THR A 140 -3.76 -3.08 -18.26
CA THR A 140 -4.02 -4.51 -18.31
C THR A 140 -2.88 -5.28 -17.65
N ALA A 141 -1.73 -4.63 -17.55
CA ALA A 141 -0.42 -5.24 -17.34
C ALA A 141 0.46 -4.14 -16.78
N LYS A 142 1.75 -4.25 -17.02
CA LYS A 142 2.76 -3.19 -17.03
C LYS A 142 2.80 -2.31 -15.79
N PRO A 143 2.61 -2.85 -14.58
CA PRO A 143 2.19 -2.00 -13.46
C PRO A 143 3.28 -1.13 -12.88
N ASP A 144 4.54 -1.50 -13.02
CA ASP A 144 5.63 -0.77 -12.41
C ASP A 144 6.52 -0.11 -13.43
N GLU A 145 6.50 -0.59 -14.67
CA GLU A 145 7.38 -0.09 -15.71
C GLU A 145 7.08 1.33 -16.16
N VAL A 146 6.16 2.01 -15.50
CA VAL A 146 5.86 3.41 -15.77
C VAL A 146 6.43 4.27 -14.67
N MET A 147 7.23 3.70 -13.78
CA MET A 147 7.59 4.41 -12.57
C MET A 147 9.08 4.68 -12.44
N GLU A 148 9.92 3.74 -12.85
CA GLU A 148 11.38 3.76 -12.70
C GLU A 148 12.05 4.91 -13.44
N GLU A 149 11.32 5.58 -14.32
CA GLU A 149 11.77 6.75 -15.05
C GLU A 149 11.87 7.95 -14.15
N TYR A 150 11.39 7.82 -12.92
CA TYR A 150 11.31 8.83 -11.91
C TYR A 150 12.22 8.39 -10.79
N PRO A 151 13.14 9.22 -10.31
CA PRO A 151 14.05 8.81 -9.25
C PRO A 151 13.31 8.68 -7.93
N THR A 152 13.58 7.60 -7.21
CA THR A 152 12.97 7.44 -5.90
C THR A 152 13.66 8.35 -4.89
N SER A 153 12.87 8.84 -3.95
CA SER A 153 13.26 9.80 -2.93
C SER A 153 12.09 9.89 -1.97
N PRO A 154 12.27 10.48 -0.80
CA PRO A 154 11.10 10.80 0.00
C PRO A 154 10.44 12.10 -0.45
N PHE A 155 10.83 12.58 -1.62
CA PHE A 155 10.58 13.93 -2.07
C PHE A 155 9.94 13.86 -3.45
N GLY A 156 8.63 13.66 -3.51
CA GLY A 156 7.98 13.81 -4.79
C GLY A 156 6.83 12.89 -5.11
N ALA A 157 6.02 13.31 -6.09
CA ALA A 157 4.98 12.50 -6.69
C ALA A 157 4.69 13.05 -8.08
N VAL A 158 3.85 12.33 -8.83
CA VAL A 158 3.77 12.51 -10.26
C VAL A 158 2.42 13.03 -10.72
N PHE A 159 1.33 12.57 -10.08
CA PHE A 159 -0.04 13.07 -10.28
C PHE A 159 -0.47 12.95 -11.73
N TYR A 160 -0.74 11.73 -12.16
CA TYR A 160 -0.87 11.35 -13.55
C TYR A 160 -1.72 12.21 -14.49
N PRO A 161 -3.05 12.37 -14.29
CA PRO A 161 -3.98 12.47 -15.44
C PRO A 161 -3.78 13.52 -16.52
N TRP A 162 -2.80 14.42 -16.39
CA TRP A 162 -2.56 15.52 -17.33
C TRP A 162 -3.81 16.37 -17.50
N GLY A 163 -4.12 17.06 -16.41
CA GLY A 163 -5.26 17.95 -16.35
C GLY A 163 -5.17 18.94 -17.49
N THR A 164 -5.99 18.68 -18.49
CA THR A 164 -5.74 19.22 -19.79
C THR A 164 -6.23 20.63 -19.97
N LEU A 165 -6.97 21.17 -19.00
CA LEU A 165 -7.33 22.58 -18.89
C LEU A 165 -8.08 23.02 -20.15
N ALA A 166 -9.32 22.54 -20.24
CA ALA A 166 -10.10 22.60 -21.47
C ALA A 166 -10.28 24.01 -22.04
N SER A 167 -10.05 25.05 -21.23
CA SER A 167 -9.86 26.38 -21.75
C SER A 167 -8.67 26.43 -22.70
N GLY A 168 -7.56 25.80 -22.31
CA GLY A 168 -6.34 25.90 -23.10
C GLY A 168 -5.62 24.59 -23.33
N ALA A 169 -4.30 24.61 -23.15
CA ALA A 169 -3.43 23.50 -23.50
C ALA A 169 -3.35 22.51 -22.34
N ALA A 170 -2.90 21.30 -22.63
CA ALA A 170 -2.79 20.25 -21.62
C ALA A 170 -1.71 20.57 -20.61
N VAL A 171 -2.13 20.70 -19.35
CA VAL A 171 -1.27 21.22 -18.31
C VAL A 171 -0.75 20.04 -17.50
N PRO A 172 0.55 19.96 -17.26
CA PRO A 172 1.08 19.03 -16.30
C PRO A 172 0.50 19.28 -14.93
N PRO A 173 0.08 18.23 -14.24
CA PRO A 173 -0.52 18.41 -12.92
C PRO A 173 0.47 18.70 -11.82
N SER A 174 1.77 18.77 -12.14
CA SER A 174 2.69 19.46 -11.25
C SER A 174 2.25 20.89 -11.03
N ALA A 175 1.85 21.57 -12.10
CA ALA A 175 1.34 22.93 -11.96
C ALA A 175 -0.03 22.90 -11.30
N ILE A 176 -0.83 21.88 -11.59
CA ILE A 176 -2.22 21.90 -11.18
C ILE A 176 -2.34 21.56 -9.71
N ALA A 177 -1.58 20.57 -9.24
CA ALA A 177 -1.67 20.20 -7.84
C ALA A 177 -1.03 21.25 -6.94
N ALA A 178 -0.11 22.04 -7.49
CA ALA A 178 0.47 23.15 -6.72
C ALA A 178 -0.57 24.18 -6.36
N ALA A 179 -1.58 24.34 -7.21
CA ALA A 179 -2.70 25.22 -6.91
C ALA A 179 -3.49 24.72 -5.73
N SER A 180 -3.67 23.40 -5.60
CA SER A 180 -4.24 22.81 -4.41
C SER A 180 -3.43 23.11 -3.18
N ILE A 181 -2.11 23.11 -3.30
CA ILE A 181 -1.27 23.47 -2.19
C ILE A 181 -1.35 24.96 -1.95
N THR A 182 -1.54 25.72 -3.02
CA THR A 182 -1.59 27.17 -2.93
C THR A 182 -2.80 27.60 -2.12
N GLN A 183 -3.87 26.84 -2.23
CA GLN A 183 -5.03 27.03 -1.39
C GLN A 183 -5.05 26.09 -0.20
N THR A 184 -3.90 25.56 0.16
CA THR A 184 -3.79 24.73 1.36
C THR A 184 -3.04 25.45 2.47
N ASP A 185 -1.83 25.90 2.16
CA ASP A 185 -1.09 26.73 3.10
C ASP A 185 -1.83 28.02 3.38
N ARG A 186 -2.42 28.60 2.33
CA ARG A 186 -3.33 29.73 2.50
C ARG A 186 -4.53 29.34 3.33
N THR A 187 -5.00 28.11 3.18
CA THR A 187 -6.05 27.66 4.07
C THR A 187 -5.48 27.37 5.45
N ARG A 188 -4.66 26.33 5.54
CA ARG A 188 -4.11 25.91 6.83
C ARG A 188 -2.83 25.11 6.60
N GLY A 189 -1.69 25.80 6.71
CA GLY A 189 -0.41 25.16 6.94
C GLY A 189 0.07 24.09 6.00
N VAL A 190 0.96 23.23 6.50
CA VAL A 190 1.60 22.20 5.69
C VAL A 190 1.19 20.79 6.07
N TRP A 191 0.88 20.53 7.34
CA TRP A 191 0.55 19.18 7.79
C TRP A 191 -0.82 18.74 7.30
N LYS A 192 -1.70 19.68 7.00
CA LYS A 192 -2.91 19.37 6.26
C LYS A 192 -2.49 18.90 4.87
N ALA A 193 -3.07 17.80 4.46
CA ALA A 193 -2.74 17.27 3.15
C ALA A 193 -3.57 17.97 2.06
N PRO A 194 -2.92 18.55 1.07
CA PRO A 194 -3.67 19.10 -0.07
C PRO A 194 -4.27 18.00 -0.93
N ALA A 195 -5.35 17.38 -0.43
CA ALA A 195 -5.86 16.16 -1.01
C ALA A 195 -7.36 16.27 -1.22
N ASN A 196 -7.94 17.39 -0.81
CA ASN A 196 -9.35 17.65 -1.05
C ASN A 196 -9.61 19.09 -1.48
N GLN A 197 -8.57 19.83 -1.85
CA GLN A 197 -8.75 21.14 -2.46
C GLN A 197 -9.15 20.94 -3.91
N ALA A 198 -10.29 21.49 -4.30
CA ALA A 198 -10.75 21.37 -5.67
C ALA A 198 -10.31 22.57 -6.50
N VAL A 199 -9.83 22.29 -7.71
CA VAL A 199 -9.33 23.32 -8.59
C VAL A 199 -10.40 23.66 -9.62
N ASN A 200 -10.16 24.73 -10.38
CA ASN A 200 -11.22 25.44 -11.06
C ASN A 200 -10.95 25.48 -12.55
N GLY A 201 -11.94 25.05 -13.33
CA GLY A 201 -11.87 25.15 -14.77
C GLY A 201 -10.87 24.23 -15.44
N VAL A 202 -10.20 23.37 -14.69
CA VAL A 202 -9.18 22.51 -15.23
C VAL A 202 -9.84 21.17 -15.45
N THR A 203 -9.70 20.66 -16.61
CA THR A 203 -10.30 19.36 -16.79
C THR A 203 -9.21 18.32 -16.90
N PRO A 204 -9.34 17.20 -16.19
CA PRO A 204 -8.41 16.10 -16.41
C PRO A 204 -8.64 15.55 -17.80
N ALA A 205 -7.54 15.12 -18.42
CA ALA A 205 -7.66 14.44 -19.70
C ALA A 205 -8.46 13.16 -19.53
N PHE A 206 -8.31 12.49 -18.41
CA PHE A 206 -8.83 11.17 -18.18
C PHE A 206 -9.62 11.15 -16.89
N ALA A 207 -10.81 10.58 -16.95
CA ALA A 207 -11.53 10.18 -15.75
C ALA A 207 -11.07 8.77 -15.45
N VAL A 208 -10.30 8.61 -14.37
CA VAL A 208 -9.33 7.53 -14.38
C VAL A 208 -9.93 6.18 -14.02
N SER A 209 -10.31 5.95 -12.76
CA SER A 209 -10.79 4.66 -12.27
C SER A 209 -11.06 4.73 -10.78
N ASP A 210 -11.44 3.60 -10.21
CA ASP A 210 -11.23 3.38 -8.79
C ASP A 210 -10.21 2.29 -8.51
N ASP A 211 -10.08 1.35 -9.44
CA ASP A 211 -9.27 0.15 -9.26
C ASP A 211 -7.89 0.25 -9.84
N PHE A 212 -7.78 0.67 -11.11
CA PHE A 212 -6.55 1.18 -11.68
C PHE A 212 -5.98 2.31 -10.83
N GLN A 213 -6.86 3.15 -10.28
CA GLN A 213 -6.51 3.99 -9.14
C GLN A 213 -6.06 3.16 -7.95
N GLY A 214 -6.85 2.18 -7.54
CA GLY A 214 -6.56 1.47 -6.31
C GLY A 214 -5.36 0.56 -6.41
N LYS A 215 -5.14 -0.04 -7.58
CA LYS A 215 -4.01 -0.94 -7.73
C LYS A 215 -2.70 -0.20 -7.91
N TYR A 216 -2.74 1.11 -8.11
CA TYR A 216 -1.53 1.91 -8.23
C TYR A 216 -1.39 2.86 -7.06
N ASN A 217 -2.23 2.71 -6.05
CA ASN A 217 -2.07 3.44 -4.81
C ASN A 217 -0.82 3.04 -4.05
N GLN A 218 -0.29 1.87 -4.33
CA GLN A 218 0.83 1.29 -3.62
C GLN A 218 2.06 1.30 -4.52
N GLY A 219 3.16 0.77 -3.98
CA GLY A 219 4.41 0.78 -4.71
C GLY A 219 5.05 2.14 -4.64
N LYS A 220 4.47 3.09 -5.38
CA LYS A 220 5.00 4.44 -5.47
C LYS A 220 3.86 5.44 -5.46
N ALA A 221 4.12 6.65 -5.96
CA ALA A 221 3.36 7.84 -5.64
C ALA A 221 2.64 8.38 -6.87
N LEU A 222 1.86 7.49 -7.50
CA LEU A 222 1.06 7.81 -8.68
C LEU A 222 0.17 9.02 -8.44
N ASN A 223 -0.76 8.91 -7.50
CA ASN A 223 -1.57 10.00 -6.95
C ASN A 223 -2.37 10.72 -8.04
N MET A 224 -3.19 9.93 -8.74
CA MET A 224 -3.98 10.49 -9.83
C MET A 224 -5.01 11.45 -9.28
N ILE A 225 -5.45 12.35 -10.15
CA ILE A 225 -6.24 13.50 -9.77
C ILE A 225 -7.61 13.31 -10.39
N ARG A 226 -8.61 12.99 -9.58
CA ARG A 226 -9.84 12.44 -10.11
C ARG A 226 -11.01 13.37 -9.82
N THR A 227 -11.85 13.54 -10.83
CA THR A 227 -13.07 14.32 -10.73
C THR A 227 -14.13 13.49 -10.05
N PHE A 228 -14.85 14.09 -9.12
CA PHE A 228 -15.98 13.43 -8.50
C PHE A 228 -17.24 14.23 -8.76
N SER A 229 -18.31 13.84 -8.09
CA SER A 229 -19.43 14.72 -7.87
C SER A 229 -19.17 15.56 -6.64
N GLY A 230 -19.78 16.74 -6.59
CA GLY A 230 -19.61 17.57 -5.43
C GLY A 230 -18.29 18.28 -5.57
N GLN A 231 -17.27 17.70 -4.96
CA GLN A 231 -15.90 18.02 -5.34
C GLN A 231 -15.71 17.71 -6.81
N GLY A 232 -15.17 18.67 -7.54
CA GLY A 232 -14.92 18.51 -8.95
C GLY A 232 -13.44 18.67 -9.21
N THR A 233 -12.96 17.84 -10.15
CA THR A 233 -11.57 17.66 -10.59
C THR A 233 -10.56 17.71 -9.44
N VAL A 234 -10.91 17.09 -8.32
CA VAL A 234 -10.18 17.32 -7.09
C VAL A 234 -8.94 16.43 -7.06
N VAL A 235 -7.92 16.89 -6.34
CA VAL A 235 -6.72 16.11 -6.06
C VAL A 235 -7.09 14.91 -5.21
N TRP A 236 -6.24 13.89 -5.23
CA TRP A 236 -6.69 12.59 -4.75
C TRP A 236 -5.49 11.72 -4.43
N GLY A 237 -5.35 11.33 -3.17
CA GLY A 237 -4.26 10.47 -2.76
C GLY A 237 -2.99 11.20 -2.40
N ALA A 238 -2.43 10.93 -1.21
CA ALA A 238 -1.23 11.62 -0.73
C ALA A 238 -0.26 10.59 -0.17
N ARG A 239 0.92 10.53 -0.75
CA ARG A 239 1.88 9.45 -0.52
C ARG A 239 3.18 9.81 -1.19
N THR A 240 4.30 9.56 -0.52
CA THR A 240 5.56 9.78 -1.21
C THR A 240 5.94 8.55 -2.01
N LEU A 241 7.12 8.62 -2.63
CA LEU A 241 7.58 7.59 -3.56
C LEU A 241 7.81 6.27 -2.85
N GLU A 242 8.53 6.29 -1.74
CA GLU A 242 8.63 5.08 -0.95
C GLU A 242 7.33 4.83 -0.23
N ASP A 243 6.97 3.56 -0.12
CA ASP A 243 5.85 3.19 0.73
C ASP A 243 6.49 2.69 2.00
N SER A 244 6.89 3.62 2.84
CA SER A 244 7.62 3.31 4.03
C SER A 244 6.85 3.85 5.22
N ASP A 245 7.04 3.20 6.35
CA ASP A 245 6.38 3.61 7.57
C ASP A 245 6.87 4.94 8.06
N ASN A 246 8.13 5.27 7.83
CA ASN A 246 8.57 6.62 8.10
C ASN A 246 7.99 7.57 7.10
N TRP A 247 8.13 7.27 5.81
CA TRP A 247 7.71 8.21 4.79
C TRP A 247 6.73 7.52 3.87
N ARG A 248 5.48 7.77 4.16
CA ARG A 248 4.47 7.95 3.14
C ARG A 248 3.91 9.30 3.49
N TYR A 249 2.77 9.65 2.89
CA TYR A 249 1.95 10.77 3.35
C TYR A 249 2.69 12.08 3.32
N ILE A 250 2.93 12.60 2.11
CA ILE A 250 3.67 13.81 1.77
C ILE A 250 3.67 14.95 2.78
N PRO A 251 2.54 15.36 3.42
CA PRO A 251 2.66 16.38 4.47
C PRO A 251 3.47 15.94 5.67
N VAL A 252 3.45 14.65 6.03
CA VAL A 252 4.26 14.31 7.18
C VAL A 252 5.72 14.24 6.78
N ARG A 253 6.00 13.99 5.53
CA ARG A 253 7.33 14.29 5.02
C ARG A 253 7.57 15.78 4.98
N ARG A 254 6.62 16.52 4.40
CA ARG A 254 6.81 17.96 4.26
C ARG A 254 6.77 18.70 5.59
N LEU A 255 6.23 18.06 6.63
CA LEU A 255 6.32 18.65 7.95
C LEU A 255 7.77 18.80 8.38
N PHE A 256 8.50 17.69 8.39
CA PHE A 256 9.91 17.76 8.74
C PHE A 256 10.73 18.43 7.67
N ASN A 257 10.22 18.50 6.44
CA ASN A 257 10.86 19.35 5.46
C ASN A 257 10.72 20.82 5.84
N ALA A 258 9.67 21.16 6.57
CA ALA A 258 9.46 22.53 6.99
C ALA A 258 9.80 22.75 8.45
N VAL A 259 10.06 21.70 9.22
CA VAL A 259 10.13 21.87 10.66
C VAL A 259 11.43 22.49 11.11
N GLU A 260 12.44 22.54 10.24
CA GLU A 260 13.80 22.78 10.67
C GLU A 260 14.50 23.89 9.93
N ARG A 261 14.10 24.17 8.68
CA ARG A 261 14.70 25.24 7.91
C ARG A 261 14.46 26.60 8.52
N ASP A 262 13.38 26.75 9.27
CA ASP A 262 13.27 27.85 10.19
C ASP A 262 14.29 27.80 11.30
N ILE A 263 14.52 26.62 11.88
CA ILE A 263 15.33 26.53 13.08
C ILE A 263 16.79 26.68 12.76
N GLN A 264 17.24 25.91 11.78
CA GLN A 264 18.63 25.91 11.34
C GLN A 264 19.06 27.29 10.86
N LYS A 265 18.16 27.99 10.18
CA LYS A 265 18.38 29.39 9.87
C LYS A 265 18.51 30.23 11.13
N SER A 266 17.58 30.07 12.08
CA SER A 266 17.40 30.99 13.19
C SER A 266 18.58 31.02 14.13
N LEU A 267 19.28 29.90 14.25
CA LEU A 267 20.31 29.79 15.25
C LEU A 267 21.69 30.10 14.69
N ASN A 268 21.75 30.55 13.45
CA ASN A 268 23.02 30.93 12.85
C ASN A 268 23.63 32.12 13.57
N LYS A 269 22.79 32.98 14.15
CA LYS A 269 23.23 34.11 14.93
C LYS A 269 23.86 33.71 16.27
N LEU A 270 23.84 32.44 16.61
CA LEU A 270 24.02 32.03 17.98
C LEU A 270 25.30 31.22 18.17
N VAL A 271 26.10 31.07 17.11
CA VAL A 271 27.37 30.37 17.22
C VAL A 271 28.42 31.26 17.88
N PHE A 272 29.59 30.65 18.14
CA PHE A 272 30.76 31.28 18.76
C PHE A 272 30.50 31.79 20.16
N GLU A 273 29.62 31.32 20.73
CA GLU A 273 28.99 31.51 22.01
C GLU A 273 29.63 30.58 23.04
N PRO A 274 29.78 31.05 24.27
CA PRO A 274 30.31 30.19 25.34
C PRO A 274 29.44 28.99 25.63
N ASN A 275 29.96 27.81 25.30
CA ASN A 275 29.21 26.55 25.42
C ASN A 275 29.07 26.20 26.90
N SER A 276 28.14 26.88 27.54
CA SER A 276 28.00 26.79 28.99
C SER A 276 26.73 26.04 29.30
N GLN A 277 26.61 25.49 30.50
CA GLN A 277 25.33 24.94 30.93
C GLN A 277 24.16 25.93 30.86
N PRO A 278 24.24 27.16 31.37
CA PRO A 278 23.07 28.05 31.27
C PRO A 278 22.74 28.48 29.86
N THR A 279 23.67 28.35 28.93
CA THR A 279 23.27 28.40 27.54
C THR A 279 22.29 27.29 27.21
N TRP A 280 22.60 26.07 27.66
CA TRP A 280 21.99 24.87 27.10
C TRP A 280 20.53 24.79 27.49
N GLN A 281 20.24 25.03 28.75
CA GLN A 281 18.89 25.08 29.24
C GLN A 281 18.06 26.16 28.59
N ARG A 282 18.69 27.29 28.29
CA ARG A 282 18.01 28.43 27.72
C ARG A 282 17.58 28.18 26.30
N VAL A 283 18.45 27.49 25.56
CA VAL A 283 18.15 27.09 24.20
C VAL A 283 16.96 26.16 24.17
N LYS A 284 16.90 25.25 25.14
CA LYS A 284 15.80 24.33 25.26
C LYS A 284 14.50 25.04 25.56
N ALA A 285 14.59 26.14 26.29
CA ALA A 285 13.43 26.87 26.77
C ALA A 285 12.66 27.57 25.68
N ALA A 286 13.25 27.81 24.52
CA ALA A 286 12.55 28.54 23.47
C ALA A 286 11.80 27.63 22.53
N VAL A 287 12.30 26.42 22.33
CA VAL A 287 11.80 25.60 21.23
C VAL A 287 10.48 24.96 21.59
N ASP A 288 10.48 24.29 22.74
CA ASP A 288 9.35 23.58 23.33
C ASP A 288 8.04 24.34 23.31
N SER A 289 8.07 25.62 23.65
CA SER A 289 6.87 26.43 23.57
C SER A 289 6.42 26.65 22.14
N TYR A 290 7.36 26.97 21.25
CA TYR A 290 7.08 27.02 19.84
C TYR A 290 6.57 25.69 19.32
N LEU A 291 7.10 24.59 19.85
CA LEU A 291 6.51 23.30 19.57
C LEU A 291 5.12 23.20 20.17
N HIS A 292 4.95 23.74 21.36
CA HIS A 292 3.71 23.58 22.09
C HIS A 292 2.57 24.32 21.45
N SER A 293 2.86 25.52 20.97
CA SER A 293 1.99 26.23 20.06
C SER A 293 1.65 25.39 18.85
N LEU A 294 2.66 24.92 18.16
CA LEU A 294 2.53 24.07 17.00
C LEU A 294 1.85 22.76 17.34
N TRP A 295 2.01 22.29 18.57
CA TRP A 295 1.19 21.19 19.02
C TRP A 295 -0.25 21.61 19.26
N GLN A 296 -0.45 22.70 19.99
CA GLN A 296 -1.79 23.22 20.16
C GLN A 296 -2.37 23.77 18.89
N GLN A 297 -1.55 24.04 17.89
CA GLN A 297 -2.07 24.22 16.55
C GLN A 297 -2.67 22.93 15.99
N GLY A 298 -2.31 21.77 16.53
CA GLY A 298 -2.77 20.54 15.96
C GLY A 298 -2.02 20.15 14.72
N ALA A 299 -0.89 20.81 14.49
CA ALA A 299 0.00 20.37 13.42
C ALA A 299 0.61 19.02 13.76
N LEU A 300 1.04 18.84 15.00
CA LEU A 300 1.64 17.57 15.42
C LEU A 300 0.67 16.90 16.39
N ALA A 301 0.64 15.57 16.36
CA ALA A 301 -0.28 14.81 17.18
C ALA A 301 0.31 14.59 18.55
N GLY A 302 -0.56 14.30 19.51
CA GLY A 302 -0.09 13.72 20.74
C GLY A 302 -0.43 14.58 21.93
N ASN A 303 -1.08 14.00 22.92
CA ASN A 303 -1.31 14.71 24.17
C ASN A 303 -0.02 14.79 24.98
N THR A 304 -0.14 15.50 26.14
CA THR A 304 0.89 15.84 27.14
C THR A 304 2.22 16.13 26.46
N PRO A 305 2.27 17.24 25.72
CA PRO A 305 3.08 17.33 24.50
C PRO A 305 4.57 17.10 24.62
N ALA A 306 5.08 17.14 25.86
CA ALA A 306 6.40 16.57 26.14
C ALA A 306 6.41 15.06 26.05
N ASP A 307 5.25 14.43 25.91
CA ASP A 307 5.15 13.15 25.25
C ASP A 307 5.13 13.28 23.74
N ALA A 308 4.35 14.23 23.21
CA ALA A 308 4.22 14.39 21.76
C ALA A 308 5.50 14.85 21.12
N TRP A 309 6.42 15.40 21.90
CA TRP A 309 7.81 15.42 21.50
C TRP A 309 8.63 14.80 22.61
N PHE A 310 9.94 14.89 22.45
CA PHE A 310 10.81 15.04 23.60
C PHE A 310 11.91 15.97 23.15
N VAL A 311 12.77 16.33 24.09
CA VAL A 311 13.86 17.24 23.84
C VAL A 311 14.92 16.97 24.90
N GLN A 312 16.16 16.91 24.48
CA GLN A 312 17.23 16.60 25.41
C GLN A 312 18.55 17.16 24.92
N VAL A 313 19.21 17.83 25.84
CA VAL A 313 20.47 18.53 25.62
C VAL A 313 21.10 18.71 26.99
N GLY A 314 22.40 18.43 27.12
CA GLY A 314 23.04 18.59 28.40
C GLY A 314 24.54 18.62 28.32
N LYS A 315 25.18 18.00 29.30
CA LYS A 315 26.62 17.84 29.25
C LYS A 315 27.04 16.43 28.91
N ASP A 316 26.27 15.43 29.28
CA ASP A 316 26.64 14.07 28.98
C ASP A 316 25.53 13.25 28.37
N LEU A 317 24.26 13.60 28.61
CA LEU A 317 23.19 12.97 27.84
C LEU A 317 23.30 13.37 26.38
N THR A 318 23.77 14.58 26.12
CA THR A 318 24.27 14.99 24.83
C THR A 318 25.68 15.52 25.05
N MET A 319 26.43 15.66 23.95
CA MET A 319 27.63 16.51 23.79
C MET A 319 28.62 16.42 24.95
N THR A 320 29.28 15.28 25.03
CA THR A 320 30.24 15.05 26.11
C THR A 320 31.52 15.87 25.98
N GLN A 321 32.52 15.50 26.76
CA GLN A 321 33.57 16.43 27.15
C GLN A 321 34.47 16.86 26.02
N GLU A 322 35.10 15.91 25.34
CA GLU A 322 36.17 16.27 24.42
C GLU A 322 35.62 16.92 23.17
N GLU A 323 34.38 16.62 22.81
CA GLU A 323 33.84 17.30 21.65
C GLU A 323 33.25 18.64 22.00
N ILE A 324 32.86 18.83 23.27
CA ILE A 324 32.80 20.19 23.77
C ILE A 324 34.16 20.82 23.66
N ASN A 325 35.21 20.10 24.04
CA ASN A 325 36.55 20.61 23.87
C ASN A 325 36.94 20.71 22.41
N GLN A 326 36.32 19.91 21.54
CA GLN A 326 36.40 20.12 20.12
C GLN A 326 35.44 21.18 19.61
N GLY A 327 34.71 21.85 20.50
CA GLY A 327 33.79 22.88 20.11
C GLY A 327 32.41 22.39 19.75
N LYS A 328 32.27 21.10 19.50
CA LYS A 328 31.02 20.56 18.96
C LYS A 328 29.96 20.52 20.03
N MET A 329 28.74 20.87 19.66
CA MET A 329 27.58 20.62 20.50
C MET A 329 26.63 19.78 19.65
N ILE A 330 26.01 18.82 20.28
CA ILE A 330 25.01 18.00 19.61
C ILE A 330 23.75 18.08 20.45
N ILE A 331 22.60 18.06 19.78
CA ILE A 331 21.31 18.00 20.45
C ILE A 331 20.51 16.91 19.77
N LYS A 332 19.37 16.58 20.37
CA LYS A 332 18.45 15.64 19.72
C LYS A 332 17.06 15.77 20.28
N ILE A 333 16.09 15.51 19.42
CA ILE A 333 14.67 15.49 19.76
C ILE A 333 14.06 14.32 19.00
N GLY A 334 12.85 13.95 19.40
CA GLY A 334 12.00 13.09 18.60
C GLY A 334 10.56 13.37 19.01
N LEU A 335 9.58 13.01 18.19
CA LEU A 335 8.27 13.60 18.39
C LEU A 335 7.14 12.76 17.81
N ALA A 336 5.92 13.04 18.26
CA ALA A 336 4.71 12.47 17.70
C ALA A 336 4.10 13.44 16.70
N ALA A 337 3.93 12.98 15.47
CA ALA A 337 3.28 13.78 14.44
C ALA A 337 1.91 13.19 14.13
N VAL A 338 1.11 13.90 13.35
CA VAL A 338 -0.16 13.37 12.91
C VAL A 338 0.11 12.43 11.75
N ARG A 339 -0.87 11.59 11.47
CA ARG A 339 -0.83 10.94 10.19
C ARG A 339 -2.15 11.15 9.49
N PRO A 340 -2.12 11.30 8.18
CA PRO A 340 -3.36 11.55 7.44
C PRO A 340 -4.23 10.32 7.40
N ALA A 341 -5.49 10.52 7.79
CA ALA A 341 -6.49 9.47 7.70
C ALA A 341 -6.87 9.29 6.23
N GLU A 342 -6.03 8.51 5.55
CA GLU A 342 -6.26 8.24 4.15
C GLU A 342 -7.40 7.26 3.95
N PHE A 343 -7.44 6.20 4.74
CA PHE A 343 -8.37 5.11 4.52
C PHE A 343 -9.48 5.19 5.54
N ILE A 344 -10.62 4.63 5.19
CA ILE A 344 -11.80 4.65 6.03
C ILE A 344 -12.43 3.29 5.89
N ILE A 345 -12.44 2.51 6.96
CA ILE A 345 -13.36 1.38 7.01
C ILE A 345 -14.26 1.65 8.20
N LEU A 346 -15.36 0.91 8.30
CA LEU A 346 -16.29 1.13 9.40
C LEU A 346 -17.04 -0.15 9.68
N GLN A 347 -17.34 -0.41 10.95
CA GLN A 347 -17.85 -1.71 11.36
C GLN A 347 -19.24 -1.58 11.94
N PHE A 348 -20.15 -2.44 11.50
CA PHE A 348 -21.49 -2.52 12.06
C PHE A 348 -21.59 -3.67 13.05
N SER A 349 -22.61 -3.60 13.90
CA SER A 349 -22.99 -4.69 14.79
C SER A 349 -24.39 -4.41 15.31
N GLN A 350 -25.15 -5.48 15.56
CA GLN A 350 -26.53 -5.40 16.03
C GLN A 350 -26.56 -6.01 17.43
N ASP A 351 -26.35 -5.21 18.45
CA ASP A 351 -26.17 -5.79 19.78
C ASP A 351 -27.30 -5.37 20.71
N THR B 4 64.70 29.30 35.98
CA THR B 4 65.73 29.87 36.85
C THR B 4 65.13 30.88 37.83
N THR B 5 65.90 31.24 38.85
CA THR B 5 65.42 32.06 39.96
C THR B 5 66.46 33.12 40.30
N THR B 6 66.89 33.86 39.28
CA THR B 6 67.98 34.81 39.40
C THR B 6 67.65 35.98 40.33
N TYR B 7 66.68 36.81 39.94
CA TYR B 7 66.40 38.05 40.66
C TYR B 7 65.13 37.92 41.49
N PRO B 8 65.01 38.72 42.56
CA PRO B 8 63.78 38.71 43.35
C PRO B 8 62.64 39.41 42.62
N GLY B 9 61.43 38.96 42.91
CA GLY B 9 60.25 39.43 42.23
C GLY B 9 59.23 38.32 42.12
N VAL B 10 58.21 38.54 41.29
CA VAL B 10 57.10 37.62 41.14
C VAL B 10 57.28 36.87 39.83
N TYR B 11 57.53 35.57 39.94
CA TYR B 11 57.58 34.66 38.80
C TYR B 11 56.26 33.91 38.67
N LEU B 12 56.02 33.37 37.48
CA LEU B 12 54.88 32.48 37.28
C LEU B 12 55.20 31.46 36.19
N SER B 13 54.76 30.24 36.42
CA SER B 13 54.82 29.15 35.45
C SER B 13 53.40 28.71 35.10
N GLU B 14 53.30 27.90 34.04
CA GLU B 14 52.02 27.33 33.67
C GLU B 14 52.11 25.81 33.56
N ASP B 15 51.04 25.18 33.07
CA ASP B 15 51.01 23.74 32.91
C ASP B 15 51.98 23.30 31.81
N ALA B 16 52.47 22.08 31.92
CA ALA B 16 53.41 21.53 30.93
C ALA B 16 52.64 20.87 29.78
N VAL B 17 51.83 19.86 30.10
CA VAL B 17 51.16 19.06 29.09
C VAL B 17 49.65 19.13 29.35
N SER B 18 48.87 18.97 28.30
CA SER B 18 47.41 18.96 28.39
C SER B 18 46.87 17.62 27.91
N SER B 19 45.54 17.54 27.84
CA SER B 19 44.88 16.33 27.37
C SER B 19 45.04 16.20 25.86
N PHE B 20 44.62 15.04 25.33
CA PHE B 20 44.57 14.82 23.90
C PHE B 20 43.45 13.85 23.59
N SER B 21 42.93 13.93 22.36
CA SER B 21 41.96 12.96 21.87
C SER B 21 42.03 12.93 20.36
N VAL B 22 41.34 11.97 19.78
CA VAL B 22 41.39 11.70 18.35
C VAL B 22 40.23 12.42 17.66
N ASN B 23 40.48 12.84 16.42
CA ASN B 23 39.46 13.44 15.59
C ASN B 23 38.91 12.39 14.63
N SER B 24 37.65 12.58 14.21
CA SER B 24 36.85 11.45 13.76
C SER B 24 37.40 10.81 12.49
N ALA B 25 37.21 11.46 11.34
CA ALA B 25 37.39 10.78 10.06
C ALA B 25 37.17 11.71 8.87
N ALA B 26 37.38 11.17 7.67
CA ALA B 26 36.93 11.70 6.40
C ALA B 26 36.17 10.68 5.59
N THR B 27 36.63 9.42 5.60
CA THR B 27 35.85 8.24 5.24
C THR B 27 35.59 8.09 3.75
N ALA B 28 35.77 9.15 2.96
CA ALA B 28 35.53 9.04 1.52
C ALA B 28 36.31 10.13 0.78
N VAL B 29 37.49 9.79 0.29
CA VAL B 29 38.20 10.61 -0.69
C VAL B 29 38.71 9.66 -1.77
N PRO B 30 38.07 9.58 -2.93
CA PRO B 30 38.54 8.68 -3.99
C PRO B 30 39.46 9.35 -4.99
N LEU B 31 40.35 8.54 -5.56
CA LEU B 31 41.09 8.89 -6.75
C LEU B 31 40.68 7.95 -7.88
N PHE B 32 40.57 8.48 -9.09
CA PHE B 32 39.95 7.76 -10.19
C PHE B 32 41.02 7.26 -11.16
N ALA B 33 40.58 6.54 -12.19
CA ALA B 33 41.48 5.88 -13.13
C ALA B 33 41.39 6.59 -14.48
N TYR B 34 42.30 7.55 -14.69
CA TYR B 34 42.45 8.15 -16.00
C TYR B 34 43.11 7.14 -16.95
N ASP B 35 43.08 7.45 -18.25
CA ASP B 35 43.71 6.61 -19.27
C ASP B 35 44.81 7.40 -19.94
N SER B 36 45.99 6.78 -20.08
CA SER B 36 47.15 7.54 -20.55
C SER B 36 47.07 7.83 -22.05
N GLU B 37 46.50 6.93 -22.83
CA GLU B 37 46.42 7.10 -24.27
C GLU B 37 45.25 7.96 -24.72
N ASN B 38 44.49 8.54 -23.79
CA ASN B 38 43.29 9.27 -24.14
C ASN B 38 43.62 10.66 -24.68
N THR B 39 42.79 11.12 -25.61
CA THR B 39 43.07 12.34 -26.37
C THR B 39 42.23 13.53 -25.94
N ASN B 40 40.93 13.34 -25.72
CA ASN B 40 40.01 14.44 -25.43
C ASN B 40 40.08 14.82 -23.95
N THR B 41 41.26 15.29 -23.55
CA THR B 41 41.58 15.48 -22.14
C THR B 41 42.87 16.29 -22.06
N ILE B 42 43.27 16.60 -20.83
CA ILE B 42 44.48 17.39 -20.58
C ILE B 42 45.64 16.43 -20.37
N ASN B 43 46.83 16.85 -20.81
CA ASN B 43 48.05 16.09 -20.59
C ASN B 43 48.58 16.19 -19.16
N LYS B 44 47.92 16.96 -18.30
CA LYS B 44 48.32 17.00 -16.90
C LYS B 44 47.95 15.69 -16.22
N PRO B 45 48.88 15.04 -15.55
CA PRO B 45 48.58 13.74 -14.93
C PRO B 45 47.63 13.83 -13.75
N ILE B 46 47.87 14.77 -12.84
CA ILE B 46 47.13 14.86 -11.59
C ILE B 46 46.24 16.10 -11.65
N GLN B 47 44.93 15.89 -11.57
CA GLN B 47 43.97 16.96 -11.43
C GLN B 47 43.27 16.83 -10.07
N VAL B 48 42.87 17.97 -9.51
CA VAL B 48 42.13 18.00 -8.25
C VAL B 48 40.81 18.72 -8.48
N PHE B 49 39.72 18.01 -8.29
CA PHE B 49 38.37 18.56 -8.44
C PHE B 49 37.67 18.56 -7.08
N ARG B 50 36.99 19.65 -6.77
CA ARG B 50 36.37 19.78 -5.45
C ARG B 50 34.85 19.69 -5.46
N ASN B 51 34.19 20.28 -6.46
CA ASN B 51 32.77 20.02 -6.67
C ASN B 51 32.46 20.18 -8.16
N TRP B 52 31.16 20.22 -8.47
CA TRP B 52 30.68 20.14 -9.85
C TRP B 52 30.97 21.42 -10.63
N ALA B 53 31.30 22.52 -9.94
CA ALA B 53 31.41 23.81 -10.60
C ALA B 53 32.60 23.87 -11.55
N GLU B 54 33.80 23.57 -11.06
CA GLU B 54 34.99 23.67 -11.90
C GLU B 54 35.11 22.49 -12.87
N PHE B 55 34.39 21.40 -12.62
CA PHE B 55 34.39 20.29 -13.57
C PHE B 55 33.70 20.67 -14.88
N THR B 56 32.70 21.55 -14.82
CA THR B 56 31.98 21.97 -16.02
C THR B 56 32.76 23.02 -16.81
N VAL B 57 33.45 23.93 -16.12
CA VAL B 57 34.22 24.94 -16.83
C VAL B 57 35.49 24.35 -17.43
N GLU B 58 35.98 23.22 -16.89
CA GLU B 58 37.12 22.54 -17.50
C GLU B 58 36.68 21.69 -18.69
N TYR B 59 35.53 21.02 -18.56
CA TYR B 59 34.98 20.15 -19.59
C TYR B 59 33.63 20.73 -20.03
N PRO B 60 33.62 21.63 -21.01
CA PRO B 60 32.37 22.28 -21.39
C PRO B 60 31.46 21.38 -22.22
N THR B 61 32.05 20.44 -22.96
CA THR B 61 31.17 19.63 -23.79
C THR B 61 30.89 18.29 -23.13
N PRO B 62 29.66 17.78 -23.25
CA PRO B 62 29.39 16.40 -22.79
C PRO B 62 30.04 15.38 -23.71
N LEU B 63 30.86 14.52 -23.12
CA LEU B 63 31.62 13.52 -23.86
C LEU B 63 31.00 12.14 -23.66
N GLU B 64 31.67 11.11 -24.18
CA GLU B 64 31.18 9.74 -24.09
C GLU B 64 32.18 8.80 -23.43
N ASP B 65 33.32 9.31 -22.96
CA ASP B 65 34.37 8.46 -22.43
C ASP B 65 34.02 7.97 -21.03
N ALA B 66 34.73 6.92 -20.60
CA ALA B 66 34.36 6.23 -19.35
C ALA B 66 34.61 7.11 -18.13
N PHE B 67 35.60 8.00 -18.18
CA PHE B 67 35.84 8.86 -17.02
C PHE B 67 34.81 9.99 -16.93
N TYR B 68 34.32 10.49 -18.07
CA TYR B 68 33.33 11.55 -18.04
C TYR B 68 32.00 11.04 -17.50
N THR B 69 31.65 9.80 -17.82
CA THR B 69 30.44 9.17 -17.30
C THR B 69 30.60 8.72 -15.85
N SER B 70 31.83 8.72 -15.32
CA SER B 70 32.06 8.27 -13.95
C SER B 70 31.97 9.43 -12.95
N LEU B 71 32.61 10.56 -13.26
CA LEU B 71 32.54 11.70 -12.34
C LEU B 71 31.16 12.34 -12.35
N SER B 72 30.47 12.29 -13.49
CA SER B 72 29.09 12.79 -13.54
C SER B 72 28.15 11.93 -12.71
N LEU B 73 28.49 10.68 -12.45
CA LEU B 73 27.73 9.83 -11.55
C LEU B 73 28.18 9.95 -10.10
N TRP B 74 29.40 10.41 -9.86
CA TRP B 74 29.85 10.66 -8.49
C TRP B 74 29.19 11.91 -7.91
N PHE B 75 29.25 13.02 -8.65
CA PHE B 75 28.75 14.29 -8.13
C PHE B 75 27.23 14.30 -8.04
N MET B 76 26.55 13.53 -8.91
CA MET B 76 25.10 13.56 -8.96
C MET B 76 24.46 12.89 -7.75
N HIS B 77 25.19 12.02 -7.05
CA HIS B 77 24.73 11.43 -5.80
C HIS B 77 25.42 12.06 -4.60
N GLY B 78 25.63 13.37 -4.62
CA GLY B 78 26.33 14.04 -3.55
C GLY B 78 27.80 14.23 -3.85
N GLY B 79 28.65 13.47 -3.17
CA GLY B 79 30.07 13.48 -3.45
C GLY B 79 30.78 14.68 -2.87
N GLY B 80 32.10 14.68 -3.02
CA GLY B 80 32.92 15.73 -2.44
C GLY B 80 34.24 15.92 -3.16
N LYS B 81 35.32 16.02 -2.39
CA LYS B 81 36.65 16.26 -2.95
C LYS B 81 37.19 14.96 -3.53
N CYS B 82 37.31 14.91 -4.85
CA CYS B 82 37.78 13.71 -5.56
C CYS B 82 38.92 14.08 -6.50
N TYR B 83 39.87 13.16 -6.64
CA TYR B 83 41.04 13.38 -7.46
C TYR B 83 40.92 12.62 -8.78
N LEU B 84 41.89 12.83 -9.66
CA LEU B 84 41.92 12.15 -10.96
C LEU B 84 43.36 12.05 -11.41
N VAL B 85 43.94 10.85 -11.33
CA VAL B 85 45.35 10.63 -11.65
C VAL B 85 45.44 9.62 -12.78
N ASN B 86 46.53 9.71 -13.54
CA ASN B 86 46.78 8.73 -14.59
C ASN B 86 47.19 7.39 -13.96
N GLU B 87 47.16 6.35 -14.78
CA GLU B 87 47.32 4.98 -14.28
C GLU B 87 48.79 4.58 -14.15
N ALA B 88 49.72 5.52 -14.27
CA ALA B 88 51.13 5.26 -13.97
C ALA B 88 51.62 5.91 -12.69
N ASN B 89 50.79 6.72 -12.03
CA ASN B 89 51.25 7.50 -10.89
C ASN B 89 50.34 7.33 -9.67
N ILE B 90 49.76 6.14 -9.49
CA ILE B 90 49.04 5.87 -8.25
C ILE B 90 50.02 5.73 -7.09
N ALA B 91 51.17 5.08 -7.33
CA ALA B 91 52.13 4.82 -6.27
C ALA B 91 52.76 6.10 -5.73
N ASP B 92 52.70 7.21 -6.48
CA ASP B 92 53.14 8.50 -5.98
C ASP B 92 52.01 9.29 -5.33
N ALA B 93 50.80 9.23 -5.89
CA ALA B 93 49.74 10.12 -5.43
C ALA B 93 49.18 9.69 -4.08
N VAL B 94 49.26 8.39 -3.76
CA VAL B 94 48.76 7.92 -2.47
C VAL B 94 49.73 8.30 -1.35
N ALA B 95 51.03 8.21 -1.61
CA ALA B 95 52.04 8.47 -0.59
C ALA B 95 52.18 9.95 -0.25
N GLN B 96 51.56 10.84 -1.02
CA GLN B 96 51.66 12.27 -0.79
C GLN B 96 50.43 12.85 -0.08
N TYR B 97 49.23 12.60 -0.63
CA TYR B 97 48.09 13.45 -0.34
C TYR B 97 47.39 13.08 0.97
N ASP B 98 47.74 11.94 1.57
CA ASP B 98 47.51 11.64 2.99
C ASP B 98 46.04 11.52 3.35
N ASP B 99 45.14 11.45 2.37
CA ASP B 99 43.71 11.29 2.67
C ASP B 99 42.97 10.35 1.73
N ILE B 100 43.68 9.55 0.94
CA ILE B 100 43.02 8.69 -0.04
C ILE B 100 42.40 7.49 0.66
N THR B 101 41.17 7.15 0.27
CA THR B 101 40.47 6.00 0.80
C THR B 101 40.13 4.94 -0.25
N LEU B 102 39.67 5.36 -1.43
CA LEU B 102 39.20 4.42 -2.45
C LEU B 102 40.05 4.55 -3.71
N ILE B 103 40.40 3.41 -4.28
CA ILE B 103 40.99 3.34 -5.62
C ILE B 103 40.01 2.59 -6.51
N VAL B 104 39.24 3.32 -7.32
CA VAL B 104 38.29 2.71 -8.22
C VAL B 104 38.92 2.64 -9.62
N ALA B 105 38.35 1.77 -10.45
CA ALA B 105 38.83 1.56 -11.81
C ALA B 105 37.75 2.01 -12.79
N ALA B 106 38.02 3.08 -13.54
CA ALA B 106 37.08 3.57 -14.54
C ALA B 106 37.39 2.94 -15.90
N GLY B 107 37.23 1.63 -15.95
CA GLY B 107 37.40 0.89 -17.18
C GLY B 107 38.83 0.56 -17.52
N THR B 108 39.69 0.44 -16.50
CA THR B 108 41.06 -0.01 -16.67
C THR B 108 41.31 -1.22 -15.78
N ASP B 109 41.93 -2.25 -16.33
CA ASP B 109 42.17 -3.47 -15.59
C ASP B 109 43.64 -3.88 -15.55
N THR B 110 44.36 -3.78 -16.67
CA THR B 110 45.62 -4.49 -16.82
C THR B 110 46.70 -3.86 -15.94
N THR B 111 47.00 -2.58 -16.17
CA THR B 111 48.01 -1.87 -15.40
C THR B 111 47.49 -1.29 -14.09
N THR B 112 46.19 -1.42 -13.80
CA THR B 112 45.67 -0.92 -12.54
C THR B 112 45.91 -1.90 -11.40
N TYR B 113 45.85 -3.21 -11.67
CA TYR B 113 45.96 -4.19 -10.60
C TYR B 113 47.36 -4.24 -10.03
N THR B 114 48.37 -3.88 -10.83
CA THR B 114 49.74 -3.83 -10.33
C THR B 114 49.95 -2.63 -9.41
N ALA B 115 49.44 -1.46 -9.79
CA ALA B 115 49.59 -0.27 -8.98
C ALA B 115 48.72 -0.31 -7.72
N PHE B 116 47.65 -1.10 -7.73
CA PHE B 116 46.85 -1.28 -6.52
C PHE B 116 47.61 -2.06 -5.46
N THR B 117 48.13 -3.24 -5.82
CA THR B 117 48.85 -4.08 -4.88
C THR B 117 50.24 -3.53 -4.54
N THR B 118 50.70 -2.49 -5.24
CA THR B 118 51.96 -1.86 -4.84
C THR B 118 51.81 -1.12 -3.51
N VAL B 119 50.84 -0.21 -3.43
CA VAL B 119 50.69 0.60 -2.23
C VAL B 119 50.12 -0.20 -1.06
N VAL B 120 49.54 -1.37 -1.34
CA VAL B 120 49.23 -2.31 -0.26
C VAL B 120 50.52 -2.92 0.31
N GLY B 121 51.54 -3.09 -0.54
CA GLY B 121 52.77 -3.72 -0.09
C GLY B 121 53.55 -2.92 0.93
N GLN B 122 53.44 -1.59 0.88
CA GLN B 122 54.00 -0.76 1.94
C GLN B 122 53.07 -0.61 3.13
N GLY B 123 51.84 -1.11 3.05
CA GLY B 123 50.92 -1.02 4.17
C GLY B 123 50.34 0.37 4.37
N TYR B 124 49.66 0.89 3.36
CA TYR B 124 49.02 2.19 3.44
C TYR B 124 47.58 2.13 3.94
N ARG B 125 47.06 0.92 4.16
CA ARG B 125 45.72 0.70 4.71
C ARG B 125 44.65 1.37 3.86
N ILE B 126 44.52 0.87 2.63
CA ILE B 126 43.60 1.43 1.66
C ILE B 126 42.65 0.32 1.20
N PHE B 127 41.56 0.72 0.54
CA PHE B 127 40.53 -0.23 0.10
C PHE B 127 40.10 0.16 -1.31
N GLY B 128 40.58 -0.59 -2.30
CA GLY B 128 40.16 -0.42 -3.67
C GLY B 128 38.86 -1.14 -3.98
N LEU B 129 38.46 -1.05 -5.25
CA LEU B 129 37.32 -1.80 -5.75
C LEU B 129 37.37 -1.82 -7.27
N PHE B 130 37.06 -2.98 -7.86
CA PHE B 130 37.42 -3.28 -9.24
C PHE B 130 36.18 -3.40 -10.11
N ASP B 131 36.41 -3.64 -11.39
CA ASP B 131 35.34 -3.91 -12.35
C ASP B 131 35.13 -5.41 -12.52
N GLY B 132 34.02 -5.76 -13.15
CA GLY B 132 33.72 -7.14 -13.49
C GLY B 132 34.08 -7.46 -14.92
N PRO B 133 33.72 -8.66 -15.38
CA PRO B 133 33.86 -8.98 -16.80
C PRO B 133 32.89 -8.18 -17.64
N LYS B 134 33.14 -8.16 -18.95
CA LYS B 134 32.52 -7.14 -19.79
C LYS B 134 31.04 -7.40 -20.01
N GLU B 135 30.69 -8.55 -20.59
CA GLU B 135 29.29 -8.79 -20.92
C GLU B 135 28.96 -10.29 -20.94
N LYS B 136 27.85 -10.65 -20.28
CA LYS B 136 27.09 -11.87 -20.56
C LYS B 136 27.94 -13.13 -20.35
N ILE B 137 28.21 -13.43 -19.08
CA ILE B 137 28.49 -14.81 -18.71
C ILE B 137 27.29 -15.66 -19.11
N ALA B 138 27.53 -16.68 -19.95
CA ALA B 138 26.42 -17.47 -20.46
C ALA B 138 25.77 -18.32 -19.38
N GLY B 139 26.50 -18.65 -18.32
CA GLY B 139 25.97 -19.47 -17.26
C GLY B 139 25.86 -20.94 -17.55
N THR B 140 26.34 -21.41 -18.72
CA THR B 140 26.30 -22.83 -18.99
C THR B 140 27.28 -23.60 -18.11
N ALA B 141 28.46 -23.03 -17.87
CA ALA B 141 29.51 -23.74 -17.18
C ALA B 141 30.50 -22.71 -16.61
N LYS B 142 31.71 -23.16 -16.31
CA LYS B 142 32.92 -22.37 -16.03
C LYS B 142 32.66 -21.32 -14.95
N PRO B 143 32.57 -21.72 -13.68
CA PRO B 143 32.37 -20.73 -12.62
C PRO B 143 33.64 -20.05 -12.15
N ASP B 144 34.81 -20.57 -12.51
CA ASP B 144 36.07 -20.14 -11.93
C ASP B 144 36.99 -19.40 -12.89
N GLU B 145 36.94 -19.73 -14.19
CA GLU B 145 37.93 -19.20 -15.12
C GLU B 145 37.75 -17.72 -15.43
N VAL B 146 36.67 -17.09 -14.95
CA VAL B 146 36.49 -15.65 -15.10
C VAL B 146 37.04 -14.92 -13.89
N MET B 147 37.73 -15.64 -12.99
CA MET B 147 38.08 -15.06 -11.69
C MET B 147 39.55 -15.18 -11.32
N GLU B 148 40.43 -15.61 -12.24
CA GLU B 148 41.85 -15.65 -11.94
C GLU B 148 42.58 -14.39 -12.36
N GLU B 149 41.93 -13.50 -13.12
CA GLU B 149 42.53 -12.27 -13.58
C GLU B 149 42.38 -11.14 -12.56
N TYR B 150 41.92 -11.46 -11.35
CA TYR B 150 41.68 -10.49 -10.30
C TYR B 150 42.57 -10.77 -9.10
N PRO B 151 43.29 -9.78 -8.59
CA PRO B 151 44.29 -10.03 -7.54
C PRO B 151 43.58 -10.34 -6.22
N THR B 152 43.83 -11.54 -5.70
CA THR B 152 43.20 -11.98 -4.46
C THR B 152 43.81 -11.27 -3.26
N SER B 153 42.98 -10.53 -2.55
CA SER B 153 43.36 -9.70 -1.42
C SER B 153 42.09 -9.31 -0.67
N PRO B 154 42.19 -8.98 0.62
CA PRO B 154 40.99 -8.57 1.36
C PRO B 154 40.55 -7.14 1.06
N PHE B 155 41.08 -6.56 -0.01
CA PHE B 155 40.75 -5.20 -0.43
C PHE B 155 40.12 -5.28 -1.82
N GLY B 156 38.81 -5.08 -1.89
CA GLY B 156 38.18 -4.87 -3.19
C GLY B 156 37.01 -5.77 -3.54
N ALA B 157 36.20 -5.33 -4.49
CA ALA B 157 35.12 -6.11 -5.07
C ALA B 157 35.03 -5.77 -6.55
N VAL B 158 34.10 -6.41 -7.26
CA VAL B 158 34.12 -6.45 -8.71
C VAL B 158 32.87 -5.86 -9.34
N PHE B 159 31.69 -6.13 -8.79
CA PHE B 159 30.46 -5.44 -9.16
C PHE B 159 30.16 -5.62 -10.65
N TYR B 160 29.69 -6.81 -11.04
CA TYR B 160 29.62 -7.21 -12.43
C TYR B 160 28.71 -6.38 -13.34
N PRO B 161 27.38 -6.37 -13.14
CA PRO B 161 26.46 -6.32 -14.29
C PRO B 161 26.53 -5.11 -15.23
N TRP B 162 27.42 -4.15 -15.01
CA TRP B 162 27.68 -3.10 -15.99
C TRP B 162 26.41 -2.29 -16.30
N GLY B 163 25.99 -1.50 -15.31
CA GLY B 163 24.90 -0.56 -15.56
C GLY B 163 25.13 0.33 -16.76
N THR B 164 24.06 0.77 -17.41
CA THR B 164 24.14 1.30 -18.77
C THR B 164 23.78 2.77 -18.89
N LEU B 165 23.17 3.38 -17.87
CA LEU B 165 22.93 4.82 -17.82
C LEU B 165 22.10 5.28 -19.03
N ALA B 166 20.81 4.94 -18.95
CA ALA B 166 19.91 5.05 -20.10
C ALA B 166 19.85 6.45 -20.70
N SER B 167 20.31 7.47 -19.97
CA SER B 167 20.51 8.79 -20.58
C SER B 167 21.59 8.75 -21.66
N GLY B 168 22.78 8.31 -21.29
CA GLY B 168 23.90 8.34 -22.23
C GLY B 168 24.52 6.98 -22.48
N ALA B 169 25.85 6.93 -22.49
CA ALA B 169 26.58 5.71 -22.81
C ALA B 169 26.76 4.90 -21.51
N ALA B 170 27.59 3.86 -21.57
CA ALA B 170 27.68 2.95 -20.45
C ALA B 170 28.49 3.55 -19.32
N VAL B 171 28.29 3.00 -18.12
CA VAL B 171 28.98 3.43 -16.91
C VAL B 171 29.71 2.22 -16.35
N PRO B 172 31.00 2.30 -16.06
CA PRO B 172 31.67 1.21 -15.37
C PRO B 172 31.19 1.12 -13.94
N PRO B 173 31.03 -0.10 -13.41
CA PRO B 173 30.30 -0.27 -12.14
C PRO B 173 31.11 0.13 -10.92
N SER B 174 32.38 0.50 -11.07
CA SER B 174 33.09 1.08 -9.94
C SER B 174 32.51 2.42 -9.54
N ALA B 175 32.03 3.20 -10.52
CA ALA B 175 31.36 4.46 -10.20
C ALA B 175 30.02 4.23 -9.51
N ILE B 176 29.30 3.17 -9.90
CA ILE B 176 28.02 2.87 -9.28
C ILE B 176 28.21 2.41 -7.84
N ALA B 177 29.25 1.62 -7.59
CA ALA B 177 29.53 1.18 -6.23
C ALA B 177 30.05 2.33 -5.37
N ALA B 178 30.81 3.24 -5.96
CA ALA B 178 31.36 4.36 -5.19
C ALA B 178 30.28 5.38 -4.85
N ALA B 179 29.21 5.45 -5.65
CA ALA B 179 28.11 6.34 -5.31
C ALA B 179 27.27 5.81 -4.16
N SER B 180 27.27 4.49 -3.95
CA SER B 180 26.48 3.91 -2.88
C SER B 180 27.15 4.10 -1.52
N ILE B 181 28.46 4.29 -1.50
CA ILE B 181 29.17 4.52 -0.25
C ILE B 181 29.00 5.97 0.20
N THR B 182 28.81 6.89 -0.75
CA THR B 182 28.75 8.31 -0.43
C THR B 182 27.49 8.65 0.34
N GLN B 183 26.34 8.15 -0.11
CA GLN B 183 25.09 8.38 0.60
C GLN B 183 24.88 7.43 1.76
N THR B 184 25.88 6.59 2.09
CA THR B 184 25.80 5.71 3.25
C THR B 184 26.49 6.31 4.47
N ASP B 185 27.75 6.72 4.34
CA ASP B 185 28.48 7.23 5.49
C ASP B 185 27.97 8.60 5.92
N ARG B 186 27.42 9.38 4.99
CA ARG B 186 26.74 10.62 5.34
C ARG B 186 25.44 10.34 6.08
N THR B 187 24.73 9.29 5.70
CA THR B 187 23.45 8.99 6.32
C THR B 187 23.63 8.29 7.66
N ARG B 188 24.21 7.09 7.66
CA ARG B 188 24.33 6.32 8.90
C ARG B 188 25.65 5.54 8.88
N GLY B 189 26.70 6.18 9.36
CA GLY B 189 27.94 5.50 9.70
C GLY B 189 28.70 4.83 8.56
N VAL B 190 29.85 4.25 8.89
CA VAL B 190 30.64 3.48 7.94
C VAL B 190 30.55 1.98 8.21
N TRP B 191 30.12 1.56 9.40
CA TRP B 191 30.02 0.14 9.73
C TRP B 191 28.84 -0.54 9.04
N LYS B 192 27.93 0.20 8.43
CA LYS B 192 26.83 -0.40 7.68
C LYS B 192 27.23 -0.51 6.21
N ALA B 193 26.84 -1.62 5.59
CA ALA B 193 27.33 -1.95 4.26
C ALA B 193 26.65 -1.09 3.20
N PRO B 194 27.37 -0.68 2.16
CA PRO B 194 26.71 -0.05 1.00
C PRO B 194 25.88 -1.09 0.27
N ALA B 195 24.70 -1.40 0.80
CA ALA B 195 24.06 -2.68 0.52
C ALA B 195 22.63 -2.53 0.00
N ASN B 196 21.81 -1.73 0.66
CA ASN B 196 20.42 -1.56 0.25
C ASN B 196 20.05 -0.10 -0.01
N GLN B 197 20.99 0.83 0.05
CA GLN B 197 20.69 2.21 -0.32
C GLN B 197 20.65 2.33 -1.83
N ALA B 198 19.55 2.86 -2.35
CA ALA B 198 19.31 2.84 -3.78
C ALA B 198 20.05 3.97 -4.48
N VAL B 199 20.42 3.72 -5.74
CA VAL B 199 20.97 4.75 -6.60
C VAL B 199 19.88 5.18 -7.58
N ASN B 200 20.11 6.30 -8.25
CA ASN B 200 19.07 6.93 -9.06
C ASN B 200 19.64 7.33 -10.42
N GLY B 201 18.87 7.06 -11.47
CA GLY B 201 19.24 7.40 -12.82
C GLY B 201 20.05 6.35 -13.56
N VAL B 202 20.29 5.18 -12.97
CA VAL B 202 21.12 4.15 -13.57
C VAL B 202 20.30 2.87 -13.64
N THR B 203 20.18 2.31 -14.84
CA THR B 203 19.53 1.01 -14.97
C THR B 203 20.56 -0.04 -15.39
N PRO B 204 20.51 -1.24 -14.83
CA PRO B 204 21.43 -2.29 -15.29
C PRO B 204 21.06 -2.76 -16.68
N ALA B 205 22.08 -3.14 -17.46
CA ALA B 205 21.83 -3.56 -18.83
C ALA B 205 21.22 -4.94 -18.92
N PHE B 206 21.44 -5.79 -17.92
CA PHE B 206 21.00 -7.17 -17.94
C PHE B 206 20.01 -7.44 -16.81
N ALA B 207 19.27 -8.54 -16.94
CA ALA B 207 18.50 -9.11 -15.86
C ALA B 207 19.12 -10.46 -15.50
N VAL B 208 19.65 -10.57 -14.29
CA VAL B 208 20.63 -11.61 -14.01
C VAL B 208 19.95 -12.95 -13.69
N SER B 209 19.39 -13.08 -12.48
CA SER B 209 18.54 -14.20 -12.07
C SER B 209 18.20 -14.06 -10.59
N ASP B 210 17.58 -15.08 -10.03
CA ASP B 210 17.64 -15.29 -8.58
C ASP B 210 18.73 -16.28 -8.18
N ASP B 211 19.11 -17.21 -9.05
CA ASP B 211 20.03 -18.28 -8.68
C ASP B 211 21.43 -18.15 -9.25
N PHE B 212 21.63 -17.32 -10.28
CA PHE B 212 22.98 -17.02 -10.76
C PHE B 212 23.80 -16.25 -9.73
N GLN B 213 23.14 -15.55 -8.81
CA GLN B 213 23.80 -15.08 -7.59
C GLN B 213 24.33 -16.23 -6.74
N GLY B 214 23.68 -17.40 -6.80
CA GLY B 214 23.98 -18.43 -5.82
C GLY B 214 25.33 -19.11 -6.04
N LYS B 215 25.65 -19.45 -7.29
CA LYS B 215 26.90 -20.16 -7.54
C LYS B 215 28.12 -19.24 -7.55
N TYR B 216 27.92 -17.93 -7.50
CA TYR B 216 29.00 -16.95 -7.43
C TYR B 216 29.09 -16.27 -6.07
N ASN B 217 28.53 -16.91 -5.03
CA ASN B 217 28.55 -16.35 -3.69
C ASN B 217 29.62 -16.98 -2.80
N GLN B 218 30.17 -18.12 -3.20
CA GLN B 218 31.23 -18.79 -2.48
C GLN B 218 32.54 -18.60 -3.23
N GLY B 219 33.64 -18.82 -2.53
CA GLY B 219 34.94 -18.67 -3.17
C GLY B 219 35.30 -17.20 -3.34
N LYS B 220 34.65 -16.54 -4.30
CA LYS B 220 34.83 -15.11 -4.49
C LYS B 220 33.45 -14.43 -4.54
N ALA B 221 33.41 -13.15 -4.89
CA ALA B 221 32.38 -12.25 -4.37
C ALA B 221 31.79 -11.36 -5.47
N LEU B 222 31.26 -12.00 -6.52
CA LEU B 222 30.81 -11.29 -7.72
C LEU B 222 29.97 -10.07 -7.39
N ASN B 223 29.04 -10.19 -6.43
CA ASN B 223 28.29 -9.06 -5.86
C ASN B 223 27.50 -8.33 -6.94
N MET B 224 26.49 -9.03 -7.45
CA MET B 224 25.72 -8.54 -8.59
C MET B 224 24.90 -7.29 -8.22
N ILE B 225 24.45 -6.59 -9.25
CA ILE B 225 23.61 -5.40 -9.15
C ILE B 225 22.26 -5.76 -9.75
N ARG B 226 21.24 -5.91 -8.90
CA ARG B 226 19.97 -6.50 -9.32
C ARG B 226 18.81 -5.58 -8.95
N THR B 227 17.83 -5.51 -9.84
CA THR B 227 16.68 -4.63 -9.69
C THR B 227 15.48 -5.41 -9.18
N PHE B 228 14.87 -4.91 -8.11
CA PHE B 228 13.69 -5.50 -7.51
C PHE B 228 12.44 -4.70 -7.88
N SER B 229 11.28 -5.19 -7.45
CA SER B 229 10.04 -4.44 -7.56
C SER B 229 9.91 -3.51 -6.36
N GLY B 230 9.42 -2.30 -6.62
CA GLY B 230 9.39 -1.29 -5.58
C GLY B 230 10.71 -0.53 -5.59
N GLN B 231 11.61 -0.89 -4.69
CA GLN B 231 12.97 -0.38 -4.76
C GLN B 231 13.65 -0.94 -5.99
N GLY B 232 14.38 -0.09 -6.71
CA GLY B 232 14.93 -0.46 -8.00
C GLY B 232 16.43 -0.21 -8.06
N THR B 233 17.04 -0.86 -9.06
CA THR B 233 18.46 -0.76 -9.44
C THR B 233 19.40 -0.69 -8.24
N VAL B 234 19.08 -1.43 -7.19
CA VAL B 234 19.87 -1.37 -5.96
C VAL B 234 21.07 -2.31 -6.09
N VAL B 235 22.11 -2.03 -5.32
CA VAL B 235 23.23 -2.95 -5.21
C VAL B 235 22.79 -4.12 -4.33
N TRP B 236 23.57 -5.20 -4.33
CA TRP B 236 23.14 -6.42 -3.65
C TRP B 236 24.35 -7.28 -3.33
N GLY B 237 24.58 -7.53 -2.05
CA GLY B 237 25.72 -8.32 -1.61
C GLY B 237 26.99 -7.54 -1.32
N ALA B 238 27.53 -7.70 -0.11
CA ALA B 238 28.73 -6.99 0.32
C ALA B 238 29.68 -8.06 0.84
N ARG B 239 30.61 -8.48 -0.04
CA ARG B 239 31.52 -9.57 0.23
C ARG B 239 32.87 -9.26 -0.41
N THR B 240 33.96 -9.55 0.30
CA THR B 240 35.28 -9.32 -0.24
C THR B 240 35.83 -10.62 -0.83
N LEU B 241 37.09 -10.60 -1.24
CA LEU B 241 37.55 -11.60 -2.20
C LEU B 241 37.84 -12.94 -1.55
N GLU B 242 38.39 -12.95 -0.35
CA GLU B 242 38.59 -14.21 0.36
C GLU B 242 37.31 -14.67 1.03
N ASP B 243 37.28 -15.95 1.40
CA ASP B 243 36.32 -16.49 2.35
C ASP B 243 37.10 -17.06 3.52
N SER B 244 37.48 -16.18 4.44
CA SER B 244 37.93 -16.57 5.78
C SER B 244 37.09 -15.87 6.82
N ASP B 245 36.90 -16.55 7.96
CA ASP B 245 35.95 -16.08 8.96
C ASP B 245 36.44 -14.84 9.72
N ASN B 246 37.66 -14.39 9.47
CA ASN B 246 38.09 -13.08 9.99
C ASN B 246 37.79 -11.96 9.00
N TRP B 247 38.06 -12.17 7.71
CA TRP B 247 38.00 -11.11 6.70
C TRP B 247 37.01 -11.51 5.63
N ARG B 248 35.72 -11.29 5.91
CA ARG B 248 34.70 -11.13 4.88
C ARG B 248 33.97 -9.82 5.11
N TYR B 249 32.83 -9.61 4.44
CA TYR B 249 31.87 -8.58 4.84
C TYR B 249 32.50 -7.19 4.84
N ILE B 250 32.63 -6.62 3.64
CA ILE B 250 33.24 -5.32 3.35
C ILE B 250 33.09 -4.25 4.45
N PRO B 251 31.92 -4.09 5.10
CA PRO B 251 31.86 -3.13 6.22
C PRO B 251 32.69 -3.51 7.44
N VAL B 252 33.00 -4.79 7.68
CA VAL B 252 33.84 -5.10 8.82
C VAL B 252 35.31 -4.89 8.50
N ARG B 253 35.65 -4.79 7.21
CA ARG B 253 36.99 -4.38 6.79
C ARG B 253 37.17 -2.88 6.93
N ARG B 254 36.20 -2.10 6.44
CA ARG B 254 36.30 -0.64 6.49
C ARG B 254 36.16 -0.11 7.92
N LEU B 255 35.62 -0.91 8.84
CA LEU B 255 35.57 -0.49 10.23
C LEU B 255 36.96 -0.50 10.85
N PHE B 256 37.70 -1.59 10.65
CA PHE B 256 39.09 -1.64 11.12
C PHE B 256 40.00 -0.74 10.30
N ASN B 257 39.62 -0.42 9.06
CA ASN B 257 40.45 0.42 8.20
C ASN B 257 40.38 1.89 8.59
N ALA B 258 39.28 2.31 9.22
CA ALA B 258 39.08 3.71 9.58
C ALA B 258 39.13 3.95 11.08
N VAL B 259 39.26 2.90 11.90
CA VAL B 259 39.42 3.08 13.34
C VAL B 259 40.87 3.27 13.74
N GLU B 260 41.82 3.12 12.81
CA GLU B 260 43.22 3.31 13.10
C GLU B 260 43.86 4.47 12.36
N ARG B 261 43.27 4.93 11.25
CA ARG B 261 43.82 6.08 10.55
C ARG B 261 43.53 7.40 11.27
N ASP B 262 42.73 7.38 12.33
CA ASP B 262 42.57 8.54 13.19
C ASP B 262 43.41 8.47 14.46
N ILE B 263 43.77 7.27 14.90
CA ILE B 263 44.71 7.13 16.01
C ILE B 263 46.14 7.37 15.55
N GLN B 264 46.49 6.84 14.38
CA GLN B 264 47.83 7.08 13.83
C GLN B 264 48.02 8.53 13.44
N LYS B 265 46.95 9.23 13.06
CA LYS B 265 47.09 10.65 12.73
C LYS B 265 47.29 11.50 13.98
N SER B 266 46.76 11.06 15.12
CA SER B 266 46.80 11.87 16.33
C SER B 266 48.07 11.66 17.13
N LEU B 267 48.58 10.43 17.17
CA LEU B 267 49.74 10.10 17.98
C LEU B 267 51.05 10.59 17.40
N ASN B 268 51.03 11.32 16.28
CA ASN B 268 52.26 11.88 15.74
C ASN B 268 52.79 13.03 16.59
N LYS B 269 51.93 13.66 17.39
CA LYS B 269 52.36 14.71 18.31
C LYS B 269 52.63 14.19 19.72
N LEU B 270 52.70 12.86 19.88
CA LEU B 270 52.99 12.27 21.18
C LEU B 270 54.27 11.45 21.18
N VAL B 271 54.97 11.37 20.04
CA VAL B 271 56.26 10.68 20.02
C VAL B 271 57.31 11.53 20.71
N PHE B 272 58.41 10.87 21.09
CA PHE B 272 59.50 11.48 21.86
C PHE B 272 59.04 12.00 23.21
N GLU B 273 57.90 11.50 23.71
CA GLU B 273 57.43 11.83 25.05
C GLU B 273 57.99 10.82 26.05
N PRO B 274 58.20 11.21 27.31
CA PRO B 274 58.81 10.28 28.27
C PRO B 274 57.95 9.07 28.54
N ASN B 275 58.57 7.88 28.40
CA ASN B 275 57.90 6.59 28.54
C ASN B 275 57.80 6.26 30.03
N SER B 276 56.85 6.90 30.70
CA SER B 276 56.73 6.76 32.14
C SER B 276 55.33 6.34 32.57
N GLN B 277 55.04 6.44 33.87
CA GLN B 277 53.75 6.06 34.42
C GLN B 277 52.62 7.04 34.11
N PRO B 278 52.83 8.37 34.14
CA PRO B 278 51.71 9.26 33.77
C PRO B 278 51.39 9.25 32.28
N THR B 279 52.26 8.70 31.43
CA THR B 279 51.91 8.53 30.03
C THR B 279 50.98 7.33 29.83
N TRP B 280 51.26 6.24 30.54
CA TRP B 280 50.53 4.99 30.32
C TRP B 280 49.08 5.10 30.78
N GLN B 281 48.83 5.84 31.85
CA GLN B 281 47.47 6.06 32.32
C GLN B 281 46.74 7.16 31.58
N ARG B 282 47.38 7.82 30.61
CA ARG B 282 46.73 8.87 29.84
C ARG B 282 46.32 8.43 28.45
N VAL B 283 47.13 7.59 27.80
CA VAL B 283 46.73 7.01 26.53
C VAL B 283 45.63 5.97 26.74
N LYS B 284 45.73 5.22 27.84
CA LYS B 284 44.70 4.24 28.18
C LYS B 284 43.37 4.91 28.51
N ALA B 285 43.41 6.13 29.06
CA ALA B 285 42.19 6.86 29.36
C ALA B 285 41.72 7.75 28.22
N ALA B 286 42.46 7.81 27.11
CA ALA B 286 42.05 8.60 25.97
C ALA B 286 41.52 7.76 24.82
N VAL B 287 41.94 6.49 24.73
CA VAL B 287 41.49 5.63 23.65
C VAL B 287 40.09 5.11 23.94
N ASP B 288 39.86 4.63 25.17
CA ASP B 288 38.57 4.05 25.54
C ASP B 288 37.47 5.10 25.64
N SER B 289 37.81 6.38 25.78
CA SER B 289 36.82 7.43 25.68
C SER B 289 36.40 7.70 24.24
N TYR B 290 37.15 7.21 23.26
CA TYR B 290 36.73 7.25 21.87
C TYR B 290 35.92 6.02 21.49
N LEU B 291 36.27 4.87 22.05
CA LEU B 291 35.51 3.65 21.78
C LEU B 291 34.14 3.69 22.46
N HIS B 292 34.04 4.34 23.63
CA HIS B 292 32.76 4.43 24.30
C HIS B 292 31.79 5.33 23.55
N SER B 293 32.32 6.34 22.83
CA SER B 293 31.48 7.11 21.93
C SER B 293 31.07 6.31 20.71
N LEU B 294 31.84 5.27 20.38
CA LEU B 294 31.57 4.43 19.21
C LEU B 294 30.71 3.23 19.54
N TRP B 295 30.58 2.88 20.83
CA TRP B 295 29.76 1.75 21.22
C TRP B 295 28.29 2.13 21.35
N GLN B 296 28.00 3.36 21.80
CA GLN B 296 26.62 3.80 21.90
C GLN B 296 25.99 4.05 20.54
N GLN B 297 26.80 4.30 19.51
CA GLN B 297 26.32 4.59 18.17
C GLN B 297 26.00 3.32 17.39
N GLY B 298 26.22 2.15 17.99
CA GLY B 298 25.87 0.89 17.35
C GLY B 298 26.89 0.38 16.36
N ALA B 299 28.15 0.79 16.48
CA ALA B 299 29.16 0.39 15.52
C ALA B 299 29.70 -1.00 15.84
N LEU B 300 29.97 -1.28 17.11
CA LEU B 300 30.52 -2.54 17.56
C LEU B 300 29.66 -3.08 18.69
N ALA B 301 29.30 -4.36 18.63
CA ALA B 301 28.19 -4.89 19.41
C ALA B 301 28.71 -5.59 20.65
N GLY B 302 28.03 -5.34 21.77
CA GLY B 302 28.23 -6.12 22.98
C GLY B 302 27.74 -5.40 24.22
N ASN B 303 27.09 -6.12 25.12
CA ASN B 303 26.78 -5.56 26.42
C ASN B 303 28.03 -5.55 27.31
N THR B 304 27.88 -4.96 28.51
CA THR B 304 28.92 -4.74 29.51
C THR B 304 30.22 -4.29 28.85
N PRO B 305 30.33 -3.00 28.48
CA PRO B 305 31.28 -2.60 27.44
C PRO B 305 32.75 -2.87 27.76
N ALA B 306 33.03 -3.47 28.92
CA ALA B 306 34.30 -4.16 29.11
C ALA B 306 34.41 -5.42 28.27
N ASP B 307 33.29 -5.99 27.85
CA ASP B 307 33.30 -7.15 26.96
C ASP B 307 33.47 -6.77 25.49
N ALA B 308 33.09 -5.55 25.12
CA ALA B 308 33.09 -5.16 23.71
C ALA B 308 34.51 -4.89 23.20
N TRP B 309 35.36 -4.29 24.03
CA TRP B 309 36.74 -4.03 23.67
C TRP B 309 37.61 -4.28 24.89
N PHE B 310 38.93 -4.15 24.71
CA PHE B 310 39.84 -4.05 25.83
C PHE B 310 41.06 -3.23 25.43
N VAL B 311 41.57 -2.46 26.37
CA VAL B 311 42.79 -1.68 26.22
C VAL B 311 43.70 -1.98 27.41
N GLN B 312 44.98 -2.23 27.14
CA GLN B 312 45.94 -2.49 28.20
C GLN B 312 47.29 -1.93 27.82
N VAL B 313 47.97 -1.33 28.81
CA VAL B 313 49.31 -0.77 28.66
C VAL B 313 49.94 -0.74 30.04
N GLY B 314 51.19 -1.20 30.14
CA GLY B 314 51.82 -1.32 31.43
C GLY B 314 53.32 -1.49 31.33
N LYS B 315 53.89 -2.10 32.38
CA LYS B 315 55.33 -2.31 32.47
C LYS B 315 55.74 -3.77 32.38
N ASP B 316 54.92 -4.71 32.85
CA ASP B 316 55.25 -6.12 32.79
C ASP B 316 54.18 -6.99 32.14
N LEU B 317 52.94 -6.53 32.01
CA LEU B 317 52.01 -7.20 31.11
C LEU B 317 52.47 -7.08 29.65
N THR B 318 52.99 -5.92 29.27
CA THR B 318 53.64 -5.75 27.97
C THR B 318 54.93 -4.97 28.14
N MET B 319 55.78 -5.04 27.12
CA MET B 319 57.00 -4.23 26.97
C MET B 319 57.83 -4.23 28.26
N THR B 320 58.48 -5.37 28.48
CA THR B 320 59.36 -5.56 29.63
C THR B 320 60.57 -4.63 29.60
N GLN B 321 61.41 -4.74 30.64
CA GLN B 321 62.38 -3.69 30.97
C GLN B 321 63.44 -3.49 29.90
N GLU B 322 63.85 -4.56 29.21
CA GLU B 322 64.94 -4.41 28.24
C GLU B 322 64.49 -3.69 26.97
N GLU B 323 63.26 -3.95 26.50
CA GLU B 323 62.79 -3.22 25.34
C GLU B 323 62.23 -1.84 25.69
N ILE B 324 62.10 -1.51 26.97
CA ILE B 324 61.92 -0.12 27.37
C ILE B 324 63.23 0.65 27.21
N ASN B 325 64.37 -0.01 27.46
CA ASN B 325 65.67 0.64 27.29
C ASN B 325 66.01 0.90 25.84
N GLN B 326 65.38 0.19 24.90
CA GLN B 326 65.55 0.50 23.49
C GLN B 326 64.59 1.57 23.01
N GLY B 327 63.70 2.05 23.87
CA GLY B 327 62.80 3.15 23.55
C GLY B 327 61.41 2.73 23.15
N LYS B 328 61.20 1.45 22.86
CA LYS B 328 59.92 1.01 22.31
C LYS B 328 58.79 1.21 23.33
N MET B 329 57.62 1.57 22.82
CA MET B 329 56.39 1.67 23.61
C MET B 329 55.29 0.94 22.87
N ILE B 330 55.10 -0.34 23.21
CA ILE B 330 54.16 -1.19 22.48
C ILE B 330 52.86 -1.31 23.27
N ILE B 331 51.74 -1.28 22.56
CA ILE B 331 50.42 -1.48 23.13
C ILE B 331 49.69 -2.55 22.32
N LYS B 332 48.54 -2.98 22.82
CA LYS B 332 47.62 -3.79 22.03
C LYS B 332 46.21 -3.54 22.51
N ILE B 333 45.30 -3.30 21.55
CA ILE B 333 43.87 -3.18 21.82
C ILE B 333 43.11 -4.11 20.89
N GLY B 334 42.00 -4.65 21.38
CA GLY B 334 41.19 -5.55 20.58
C GLY B 334 39.71 -5.37 20.80
N LEU B 335 38.93 -5.42 19.71
CA LEU B 335 37.52 -5.08 19.76
C LEU B 335 36.77 -5.93 18.75
N ALA B 336 35.48 -6.17 19.03
CA ALA B 336 34.64 -7.04 18.22
C ALA B 336 33.59 -6.17 17.53
N ALA B 337 33.62 -6.14 16.20
CA ALA B 337 32.77 -5.27 15.42
C ALA B 337 31.44 -5.98 15.14
N VAL B 338 30.60 -5.37 14.31
CA VAL B 338 29.34 -5.96 13.89
C VAL B 338 29.50 -6.55 12.50
N ARG B 339 28.58 -7.44 12.14
CA ARG B 339 28.58 -8.11 10.87
C ARG B 339 27.18 -8.10 10.29
N PRO B 340 27.06 -8.03 8.96
CA PRO B 340 25.72 -7.96 8.35
C PRO B 340 24.96 -9.25 8.50
N ALA B 341 23.63 -9.12 8.60
CA ALA B 341 22.74 -10.29 8.67
C ALA B 341 22.36 -10.71 7.26
N GLU B 342 23.35 -11.31 6.57
CA GLU B 342 23.18 -11.61 5.16
C GLU B 342 22.11 -12.67 4.92
N PHE B 343 21.96 -13.61 5.84
CA PHE B 343 21.00 -14.69 5.70
C PHE B 343 20.02 -14.62 6.86
N ILE B 344 18.72 -14.63 6.55
CA ILE B 344 17.67 -14.57 7.57
C ILE B 344 16.80 -15.81 7.42
N ILE B 345 16.93 -16.75 8.35
CA ILE B 345 16.12 -17.96 8.36
C ILE B 345 15.18 -17.89 9.54
N LEU B 346 13.98 -18.45 9.37
CA LEU B 346 12.94 -18.34 10.39
C LEU B 346 12.17 -19.64 10.47
N GLN B 347 11.90 -20.09 11.70
CA GLN B 347 11.38 -21.42 11.96
C GLN B 347 10.00 -21.32 12.61
N PHE B 348 9.04 -22.04 12.05
CA PHE B 348 7.72 -22.16 12.67
C PHE B 348 7.61 -23.46 13.45
N SER B 349 6.76 -23.46 14.46
CA SER B 349 6.54 -24.63 15.29
C SER B 349 5.12 -24.57 15.84
N GLN B 350 4.82 -25.43 16.80
CA GLN B 350 3.53 -25.43 17.50
C GLN B 350 3.79 -25.69 18.98
N ASP B 351 3.67 -24.64 19.79
CA ASP B 351 3.76 -24.78 21.24
C ASP B 351 2.97 -23.68 21.94
N VAL C 4 34.64 15.55 9.12
CA VAL C 4 33.31 15.62 8.55
C VAL C 4 32.75 17.04 8.69
N THR C 5 33.26 17.77 9.68
CA THR C 5 32.80 19.12 9.99
C THR C 5 34.01 20.03 10.07
N SER C 6 34.11 20.97 9.12
CA SER C 6 35.23 21.91 9.09
C SER C 6 34.76 23.35 9.26
N VAL C 7 33.93 23.86 8.37
CA VAL C 7 33.38 25.21 8.54
C VAL C 7 32.44 25.22 9.74
N PRO C 8 32.54 26.20 10.66
CA PRO C 8 31.79 26.12 11.92
C PRO C 8 30.28 26.06 11.71
N GLY C 9 29.73 27.11 11.12
CA GLY C 9 28.36 27.15 10.63
C GLY C 9 27.30 26.56 11.56
N VAL C 10 26.24 26.04 10.95
CA VAL C 10 25.30 25.14 11.64
C VAL C 10 25.00 23.97 10.70
N TYR C 11 25.08 22.76 11.23
CA TYR C 11 24.88 21.55 10.45
C TYR C 11 23.54 20.90 10.80
N ILE C 12 22.94 20.27 9.80
CA ILE C 12 21.64 19.62 9.93
C ILE C 12 21.83 18.13 9.70
N GLU C 13 21.10 17.31 10.46
CA GLU C 13 21.32 15.88 10.46
C GLU C 13 20.09 15.19 11.00
N GLU C 14 19.76 14.03 10.43
CA GLU C 14 18.61 13.25 10.86
C GLU C 14 19.04 11.82 11.15
N ASP C 15 18.19 11.11 11.90
CA ASP C 15 18.41 9.71 12.20
C ASP C 15 17.61 8.86 11.23
N ALA C 16 18.29 8.03 10.45
CA ALA C 16 17.67 7.12 9.51
C ALA C 16 17.69 5.70 10.07
N SER C 17 16.57 5.01 9.90
CA SER C 17 16.43 3.65 10.42
C SER C 17 15.36 2.93 9.61
N PRO C 18 15.51 1.63 9.38
CA PRO C 18 14.54 0.92 8.54
C PRO C 18 13.36 0.38 9.33
N ALA C 19 13.08 1.02 10.48
CA ALA C 19 12.07 0.53 11.41
C ALA C 19 10.75 0.25 10.70
N MET C 20 10.20 -0.94 10.94
CA MET C 20 9.23 -1.56 10.04
C MET C 20 8.07 -2.11 10.84
N SER C 21 6.96 -2.32 10.16
CA SER C 21 5.84 -3.09 10.70
C SER C 21 5.24 -3.92 9.58
N VAL C 22 4.35 -4.83 9.97
CA VAL C 22 3.82 -5.86 9.08
C VAL C 22 2.32 -5.65 8.92
N SER C 23 1.85 -5.67 7.68
CA SER C 23 0.43 -5.57 7.39
C SER C 23 0.04 -6.68 6.42
N ALA C 24 -1.23 -7.08 6.51
CA ALA C 24 -1.69 -8.31 5.88
C ALA C 24 -2.26 -8.02 4.50
N SER C 25 -2.05 -8.97 3.58
CA SER C 25 -2.70 -8.94 2.29
C SER C 25 -3.84 -9.96 2.26
N ALA C 26 -4.40 -10.18 1.07
CA ALA C 26 -5.54 -11.07 0.91
C ALA C 26 -5.09 -12.42 0.36
N THR C 27 -5.87 -13.45 0.69
CA THR C 27 -5.59 -14.83 0.27
C THR C 27 -6.67 -15.23 -0.73
N ALA C 28 -6.47 -14.82 -1.98
CA ALA C 28 -7.51 -14.94 -2.99
C ALA C 28 -6.87 -14.82 -4.37
N VAL C 29 -7.68 -14.45 -5.36
CA VAL C 29 -7.29 -14.08 -6.73
C VAL C 29 -6.30 -15.11 -7.31
N PRO C 30 -6.80 -16.26 -7.77
CA PRO C 30 -5.91 -17.25 -8.39
C PRO C 30 -5.64 -16.94 -9.85
N LEU C 31 -5.01 -17.87 -10.56
CA LEU C 31 -4.98 -17.86 -12.02
C LEU C 31 -5.52 -19.18 -12.56
N PHE C 32 -6.06 -19.12 -13.78
CA PHE C 32 -6.65 -20.28 -14.44
C PHE C 32 -5.84 -20.59 -15.68
N VAL C 33 -5.63 -21.89 -15.94
CA VAL C 33 -4.73 -22.30 -17.01
C VAL C 33 -5.50 -23.09 -18.06
N ALA C 34 -6.78 -22.78 -18.24
CA ALA C 34 -7.58 -23.42 -19.27
C ALA C 34 -7.28 -22.77 -20.62
N ARG C 35 -7.92 -23.29 -21.66
CA ARG C 35 -7.75 -22.77 -23.01
C ARG C 35 -8.79 -21.69 -23.29
N PHE C 36 -8.38 -20.65 -24.01
CA PHE C 36 -9.26 -19.54 -24.33
C PHE C 36 -9.07 -19.18 -25.80
N THR C 37 -9.70 -18.08 -26.22
CA THR C 37 -9.50 -17.52 -27.55
C THR C 37 -9.22 -16.03 -27.41
N PRO C 38 -7.95 -15.62 -27.39
CA PRO C 38 -7.64 -14.19 -27.30
C PRO C 38 -7.93 -13.46 -28.60
N LEU C 39 -8.06 -12.14 -28.49
CA LEU C 39 -8.45 -11.30 -29.61
C LEU C 39 -7.25 -10.61 -30.27
N LYS C 40 -6.16 -10.45 -29.54
CA LYS C 40 -4.96 -9.78 -30.00
C LYS C 40 -3.76 -10.70 -29.83
N PRO C 41 -2.77 -10.62 -30.72
CA PRO C 41 -1.70 -11.63 -30.69
C PRO C 41 -0.76 -11.50 -29.50
N GLU C 42 -0.70 -10.33 -28.85
CA GLU C 42 0.11 -10.20 -27.65
C GLU C 42 -0.54 -10.83 -26.42
N LEU C 43 -1.82 -11.20 -26.50
CA LEU C 43 -2.51 -11.92 -25.44
C LEU C 43 -2.41 -13.43 -25.59
N ALA C 44 -1.35 -13.94 -26.24
CA ALA C 44 -1.27 -15.36 -26.56
C ALA C 44 -0.70 -16.18 -25.42
N GLY C 45 0.39 -15.72 -24.81
CA GLY C 45 1.10 -16.53 -23.82
C GLY C 45 1.61 -15.79 -22.61
N VAL C 46 0.91 -14.74 -22.18
CA VAL C 46 1.38 -13.94 -21.06
C VAL C 46 0.23 -13.79 -20.05
N ILE C 47 0.60 -13.66 -18.78
CA ILE C 47 -0.38 -13.55 -17.71
C ILE C 47 -1.09 -12.20 -17.81
N THR C 48 -2.41 -12.23 -17.66
CA THR C 48 -3.24 -11.04 -17.84
C THR C 48 -4.18 -10.89 -16.65
N ARG C 49 -4.24 -9.68 -16.09
CA ARG C 49 -5.10 -9.41 -14.96
C ARG C 49 -6.51 -9.06 -15.44
N ILE C 50 -7.50 -9.77 -14.89
CA ILE C 50 -8.91 -9.52 -15.20
C ILE C 50 -9.59 -9.03 -13.94
N GLY C 51 -10.27 -7.90 -14.04
CA GLY C 51 -10.87 -7.28 -12.87
C GLY C 51 -12.28 -7.74 -12.55
N SER C 52 -13.06 -8.02 -13.57
CA SER C 52 -14.47 -8.35 -13.40
C SER C 52 -14.93 -9.18 -14.60
N TRP C 53 -16.24 -9.31 -14.77
CA TRP C 53 -16.79 -9.94 -15.96
C TRP C 53 -16.90 -8.97 -17.13
N LEU C 54 -16.92 -7.66 -16.85
CA LEU C 54 -17.07 -6.67 -17.91
C LEU C 54 -15.84 -6.62 -18.80
N ASP C 55 -14.66 -6.45 -18.19
CA ASP C 55 -13.43 -6.35 -18.97
C ASP C 55 -12.98 -7.68 -19.56
N TYR C 56 -13.54 -8.80 -19.10
CA TYR C 56 -13.31 -10.06 -19.78
C TYR C 56 -13.98 -10.08 -21.15
N THR C 57 -15.17 -9.48 -21.25
CA THR C 57 -15.89 -9.43 -22.52
C THR C 57 -15.23 -8.49 -23.53
N ILE C 58 -14.39 -7.57 -23.06
CA ILE C 58 -13.67 -6.68 -23.97
C ILE C 58 -12.45 -7.37 -24.56
N LEU C 59 -11.63 -7.98 -23.71
CA LEU C 59 -10.40 -8.59 -24.18
C LEU C 59 -10.65 -9.91 -24.89
N PHE C 60 -11.54 -10.72 -24.35
CA PHE C 60 -11.84 -12.04 -24.89
C PHE C 60 -13.26 -12.07 -25.45
N ASP C 61 -13.74 -13.25 -25.82
CA ASP C 61 -15.01 -13.39 -26.50
C ASP C 61 -15.72 -14.64 -26.01
N SER C 62 -17.01 -14.72 -26.32
CA SER C 62 -17.82 -15.91 -26.09
C SER C 62 -18.15 -16.55 -27.43
N ASN C 63 -17.72 -17.80 -27.61
CA ASN C 63 -17.84 -18.47 -28.90
C ASN C 63 -19.05 -19.39 -28.91
N VAL C 64 -19.30 -20.01 -30.06
CA VAL C 64 -20.39 -20.97 -30.22
C VAL C 64 -19.84 -22.22 -30.91
N PRO C 65 -20.09 -23.42 -30.35
CA PRO C 65 -19.58 -24.66 -30.94
C PRO C 65 -20.27 -25.02 -32.26
N PRO C 109 -16.23 -25.69 -25.54
CA PRO C 109 -16.70 -24.32 -25.33
C PRO C 109 -17.21 -24.08 -23.91
N THR C 110 -16.46 -24.53 -22.92
CA THR C 110 -16.88 -24.48 -21.52
C THR C 110 -16.07 -23.49 -20.70
N ALA C 111 -15.04 -22.87 -21.28
CA ALA C 111 -14.21 -21.95 -20.52
C ALA C 111 -14.94 -20.64 -20.23
N SER C 112 -15.78 -20.17 -21.15
CA SER C 112 -16.57 -18.98 -20.89
C SER C 112 -17.72 -19.23 -19.93
N VAL C 113 -18.20 -20.48 -19.84
CA VAL C 113 -19.29 -20.79 -18.91
C VAL C 113 -18.74 -21.01 -17.50
N ALA C 114 -17.59 -21.68 -17.39
CA ALA C 114 -17.02 -21.99 -16.08
C ALA C 114 -16.44 -20.76 -15.40
N LEU C 115 -16.14 -19.70 -16.14
CA LEU C 115 -15.51 -18.52 -15.57
C LEU C 115 -16.53 -17.50 -15.06
N ARG C 116 -17.72 -17.45 -15.65
CA ARG C 116 -18.74 -16.54 -15.16
C ARG C 116 -19.41 -17.04 -13.88
N LEU C 117 -19.35 -18.35 -13.63
CA LEU C 117 -19.81 -18.88 -12.34
C LEU C 117 -18.86 -18.55 -11.21
N TYR C 118 -17.62 -18.19 -11.51
CA TYR C 118 -16.70 -17.73 -10.48
C TYR C 118 -17.14 -16.40 -9.88
N PHE C 119 -17.65 -15.50 -10.72
CA PHE C 119 -18.01 -14.17 -10.23
C PHE C 119 -19.35 -14.16 -9.51
N GLN C 120 -20.26 -15.09 -9.87
CA GLN C 120 -21.55 -15.13 -9.20
C GLN C 120 -21.44 -15.64 -7.76
N ASN C 121 -20.40 -16.43 -7.47
CA ASN C 121 -20.20 -16.91 -6.11
C ASN C 121 -19.49 -15.86 -5.26
N GLY C 122 -18.27 -15.54 -5.62
CA GLY C 122 -17.49 -14.55 -4.89
C GLY C 122 -16.77 -13.63 -5.84
N GLY C 123 -16.54 -12.40 -5.38
CA GLY C 123 -15.95 -11.39 -6.24
C GLY C 123 -14.45 -11.52 -6.37
N GLY C 124 -13.74 -10.39 -6.36
CA GLY C 124 -12.30 -10.38 -6.46
C GLY C 124 -11.84 -10.52 -7.88
N PRO C 125 -10.67 -9.98 -8.20
CA PRO C 125 -10.08 -10.19 -9.53
C PRO C 125 -9.53 -11.59 -9.66
N CYS C 126 -9.11 -11.92 -10.89
CA CYS C 126 -8.48 -13.19 -11.16
C CYS C 126 -7.56 -13.05 -12.38
N TYR C 127 -6.63 -13.98 -12.50
CA TYR C 127 -5.74 -14.07 -13.65
C TYR C 127 -6.15 -15.24 -14.53
N LEU C 128 -5.54 -15.30 -15.73
CA LEU C 128 -5.75 -16.43 -16.61
C LEU C 128 -4.56 -16.55 -17.56
N TYR C 129 -4.17 -17.79 -17.86
CA TYR C 129 -3.03 -18.08 -18.72
C TYR C 129 -3.49 -18.96 -19.87
N PRO C 130 -3.77 -18.40 -21.05
CA PRO C 130 -4.27 -19.22 -22.16
C PRO C 130 -3.15 -20.00 -22.83
N LEU C 131 -3.36 -21.30 -23.02
CA LEU C 131 -2.50 -22.14 -23.81
C LEU C 131 -3.38 -23.12 -24.60
N GLU C 132 -2.87 -23.56 -25.74
CA GLU C 132 -3.70 -24.26 -26.72
C GLU C 132 -3.47 -25.77 -26.75
N LYS C 133 -2.23 -26.23 -26.67
CA LYS C 133 -1.92 -27.64 -26.82
C LYS C 133 -1.48 -28.22 -25.48
N ALA C 134 -2.03 -29.39 -25.15
CA ALA C 134 -1.77 -29.99 -23.84
C ALA C 134 -0.31 -30.42 -23.69
N ASP C 135 0.27 -30.98 -24.75
CA ASP C 135 1.64 -31.48 -24.70
C ASP C 135 2.66 -30.44 -25.16
N ASP C 136 2.25 -29.19 -25.30
CA ASP C 136 3.18 -28.11 -25.67
C ASP C 136 4.00 -27.76 -24.43
N ASN C 137 5.10 -28.50 -24.24
CA ASN C 137 5.93 -28.34 -23.06
C ASN C 137 6.91 -27.17 -23.16
N GLY C 138 6.81 -26.37 -24.23
CA GLY C 138 7.54 -25.13 -24.31
C GLY C 138 7.07 -24.12 -23.28
N PRO C 139 5.85 -23.62 -23.46
CA PRO C 139 5.28 -22.69 -22.45
C PRO C 139 4.95 -23.35 -21.12
N LEU C 140 4.78 -24.67 -21.08
CA LEU C 140 4.54 -25.33 -19.80
C LEU C 140 5.80 -25.32 -18.94
N ALA C 141 6.98 -25.49 -19.56
CA ALA C 141 8.23 -25.27 -18.83
C ALA C 141 8.44 -23.79 -18.53
N ALA C 142 7.95 -22.91 -19.40
CA ALA C 142 8.03 -21.47 -19.22
C ALA C 142 6.90 -20.92 -18.38
N LEU C 143 6.09 -21.79 -17.76
CA LEU C 143 5.03 -21.35 -16.86
C LEU C 143 5.51 -21.00 -15.46
N PRO C 144 6.30 -21.85 -14.78
CA PRO C 144 6.60 -21.57 -13.36
C PRO C 144 7.54 -20.39 -13.15
N ASP C 145 8.31 -19.99 -14.16
CA ASP C 145 9.13 -18.78 -14.05
C ASP C 145 8.38 -17.51 -14.47
N LEU C 146 7.07 -17.61 -14.71
CA LEU C 146 6.23 -16.42 -14.83
C LEU C 146 5.37 -16.16 -13.60
N ILE C 147 5.14 -17.19 -12.77
CA ILE C 147 4.28 -17.02 -11.61
C ILE C 147 5.03 -16.30 -10.50
N ASP C 148 6.36 -16.44 -10.46
CA ASP C 148 7.16 -15.91 -9.36
C ASP C 148 7.32 -14.40 -9.45
N GLU C 149 7.31 -13.83 -10.65
CA GLU C 149 7.52 -12.40 -10.78
C GLU C 149 6.31 -11.59 -10.32
N VAL C 150 5.11 -12.15 -10.37
CA VAL C 150 3.95 -11.56 -9.72
C VAL C 150 3.90 -12.09 -8.29
N GLY C 151 3.93 -11.19 -7.31
CA GLY C 151 4.14 -11.60 -5.93
C GLY C 151 2.95 -12.15 -5.19
N GLU C 152 1.76 -12.17 -5.80
CA GLU C 152 0.54 -12.37 -5.03
C GLU C 152 0.02 -13.80 -5.05
N ILE C 153 0.24 -14.52 -6.16
CA ILE C 153 -0.48 -15.75 -6.49
C ILE C 153 -0.58 -16.68 -5.30
N THR C 154 -1.81 -17.08 -4.94
CA THR C 154 -2.03 -17.96 -3.80
C THR C 154 -2.64 -19.30 -4.21
N LEU C 155 -3.77 -19.29 -4.90
CA LEU C 155 -4.45 -20.52 -5.30
C LEU C 155 -4.12 -20.88 -6.74
N LEU C 156 -4.49 -22.11 -7.11
CA LEU C 156 -4.20 -22.67 -8.43
C LEU C 156 -5.36 -23.57 -8.80
N ALA C 157 -5.77 -23.51 -10.06
CA ALA C 157 -6.93 -24.28 -10.52
C ALA C 157 -6.85 -24.48 -12.02
N SER C 158 -7.75 -25.33 -12.52
CA SER C 158 -7.88 -25.59 -13.95
C SER C 158 -9.31 -26.03 -14.27
N PRO C 159 -10.11 -25.19 -14.91
CA PRO C 159 -11.50 -25.54 -15.19
C PRO C 159 -11.72 -26.38 -16.44
N ASP C 160 -10.66 -26.96 -17.02
CA ASP C 160 -10.84 -27.69 -18.27
C ASP C 160 -11.46 -29.06 -17.98
N PRO C 161 -12.38 -29.53 -18.82
CA PRO C 161 -13.14 -30.75 -18.50
C PRO C 161 -12.35 -32.05 -18.48
N ASP C 162 -11.59 -32.35 -19.53
CA ASP C 162 -11.08 -33.70 -19.69
C ASP C 162 -9.85 -33.95 -18.82
N GLU C 163 -9.42 -35.21 -18.81
CA GLU C 163 -8.36 -35.67 -17.93
C GLU C 163 -6.97 -35.53 -18.54
N THR C 164 -6.84 -35.67 -19.86
CA THR C 164 -5.53 -35.61 -20.49
C THR C 164 -4.93 -34.20 -20.45
N TYR C 165 -5.78 -33.18 -20.43
CA TYR C 165 -5.30 -31.80 -20.34
C TYR C 165 -4.95 -31.41 -18.91
N ARG C 166 -5.75 -31.87 -17.93
CA ARG C 166 -5.53 -31.45 -16.55
C ARG C 166 -4.30 -32.12 -15.95
N THR C 167 -4.13 -33.42 -16.18
CA THR C 167 -2.98 -34.11 -15.61
C THR C 167 -1.67 -33.73 -16.28
N ALA C 168 -1.71 -33.20 -17.50
CA ALA C 168 -0.51 -32.62 -18.09
C ALA C 168 -0.13 -31.32 -17.40
N VAL C 169 -1.11 -30.57 -16.90
CA VAL C 169 -0.84 -29.33 -16.19
C VAL C 169 -0.35 -29.61 -14.78
N TYR C 170 -1.04 -30.51 -14.07
CA TYR C 170 -0.77 -30.73 -12.65
C TYR C 170 0.63 -31.27 -12.41
N GLY C 171 1.20 -31.96 -13.38
CA GLY C 171 2.58 -32.41 -13.26
C GLY C 171 3.60 -31.39 -13.70
N ALA C 172 3.15 -30.36 -14.43
CA ALA C 172 4.09 -29.36 -14.94
C ALA C 172 4.57 -28.43 -13.83
N LEU C 173 3.68 -28.05 -12.91
CA LEU C 173 4.02 -27.14 -11.82
C LEU C 173 3.99 -27.84 -10.46
N ALA C 174 4.04 -29.17 -10.44
CA ALA C 174 4.10 -29.90 -9.19
C ALA C 174 5.41 -29.70 -8.45
N ALA C 175 6.50 -29.35 -9.16
CA ALA C 175 7.77 -29.12 -8.48
C ALA C 175 7.79 -27.80 -7.74
N SER C 176 6.95 -26.85 -8.12
CA SER C 176 6.97 -25.50 -7.57
C SER C 176 6.14 -25.38 -6.29
N LEU C 177 5.89 -26.49 -5.60
CA LEU C 177 5.09 -26.49 -4.39
C LEU C 177 5.89 -26.71 -3.12
N ASP C 178 7.17 -27.10 -3.22
CA ASP C 178 7.90 -27.63 -2.08
C ASP C 178 9.09 -26.77 -1.68
N GLN C 179 9.29 -25.61 -2.31
CA GLN C 179 10.24 -24.63 -1.82
C GLN C 179 9.58 -23.52 -0.99
N HIS C 180 8.35 -23.75 -0.53
CA HIS C 180 7.74 -22.99 0.57
C HIS C 180 7.54 -21.51 0.22
N LYS C 181 7.18 -21.23 -1.04
CA LYS C 181 6.86 -19.84 -1.37
C LYS C 181 5.41 -19.48 -1.09
N GLY C 182 4.52 -20.47 -0.98
CA GLY C 182 3.18 -20.22 -0.49
C GLY C 182 2.01 -20.56 -1.40
N TYR C 183 2.11 -21.64 -2.16
CA TYR C 183 1.03 -22.00 -3.07
C TYR C 183 0.07 -23.00 -2.43
N PHE C 184 -1.11 -23.12 -3.04
CA PHE C 184 -2.14 -24.06 -2.57
C PHE C 184 -3.08 -24.30 -3.74
N LEU C 185 -2.94 -25.44 -4.41
CA LEU C 185 -3.73 -25.71 -5.60
C LEU C 185 -4.97 -26.52 -5.25
N LEU C 186 -5.86 -26.64 -6.23
CA LEU C 186 -7.07 -27.43 -6.13
C LEU C 186 -7.08 -28.49 -7.24
N ALA C 187 -7.85 -29.55 -7.01
CA ALA C 187 -7.86 -30.66 -7.95
C ALA C 187 -9.21 -31.36 -7.89
N ASP C 188 -9.50 -32.11 -8.95
CA ASP C 188 -10.72 -32.90 -9.07
C ASP C 188 -10.34 -34.36 -9.32
N SER C 189 -11.30 -35.25 -9.08
CA SER C 189 -11.08 -36.68 -9.18
C SER C 189 -11.94 -37.25 -10.30
N VAL C 190 -11.33 -38.09 -11.13
CA VAL C 190 -12.05 -38.65 -12.27
C VAL C 190 -13.03 -39.72 -11.83
N ASN C 191 -12.72 -40.45 -10.77
CA ASN C 191 -13.64 -41.40 -10.17
C ASN C 191 -13.31 -41.51 -8.68
N GLY C 192 -13.76 -42.60 -8.06
CA GLY C 192 -13.94 -42.67 -6.62
C GLY C 192 -12.67 -42.52 -5.80
N ASP C 193 -11.50 -42.45 -6.43
CA ASP C 193 -10.25 -42.31 -5.73
C ASP C 193 -9.49 -41.09 -6.23
N ALA C 194 -8.46 -40.72 -5.47
CA ALA C 194 -7.76 -39.47 -5.71
C ALA C 194 -6.88 -39.57 -6.95
N PRO C 195 -6.56 -38.43 -7.57
CA PRO C 195 -5.60 -38.46 -8.68
C PRO C 195 -4.18 -38.67 -8.19
N SER C 196 -3.34 -39.22 -9.07
CA SER C 196 -1.99 -39.64 -8.72
C SER C 196 -0.93 -38.75 -9.33
N ALA C 197 -1.30 -37.64 -9.96
CA ALA C 197 -0.30 -36.72 -10.49
C ALA C 197 0.42 -35.98 -9.36
N VAL C 198 -0.29 -35.66 -8.28
CA VAL C 198 0.30 -35.20 -7.04
C VAL C 198 -0.09 -36.20 -5.96
N GLY C 199 0.84 -37.08 -5.60
CA GLY C 199 0.50 -38.20 -4.75
C GLY C 199 0.19 -37.82 -3.32
N GLY C 200 1.20 -37.44 -2.55
CA GLY C 200 1.00 -37.00 -1.19
C GLY C 200 1.65 -35.68 -0.85
N SER C 201 0.83 -34.66 -0.56
CA SER C 201 1.35 -33.33 -0.27
C SER C 201 0.45 -32.67 0.74
N ALA C 202 1.02 -31.68 1.45
CA ALA C 202 0.26 -30.93 2.44
C ALA C 202 -0.67 -29.89 1.82
N GLN C 203 -0.44 -29.50 0.57
CA GLN C 203 -1.25 -28.51 -0.12
C GLN C 203 -1.83 -29.15 -1.38
N VAL C 204 -2.90 -29.92 -1.22
CA VAL C 204 -3.90 -30.14 -2.25
C VAL C 204 -5.28 -30.20 -1.58
N ALA C 205 -6.32 -30.28 -2.42
CA ALA C 205 -7.68 -30.48 -1.96
C ALA C 205 -8.48 -31.04 -3.12
N VAL C 206 -9.21 -32.14 -2.88
CA VAL C 206 -9.94 -32.85 -3.91
C VAL C 206 -11.43 -32.77 -3.62
N TYR C 207 -12.21 -32.36 -4.61
CA TYR C 207 -13.67 -32.28 -4.52
C TYR C 207 -14.23 -33.26 -5.52
N TYR C 208 -14.88 -34.31 -5.03
CA TYR C 208 -15.10 -35.49 -5.88
C TYR C 208 -16.16 -35.26 -6.95
N PRO C 209 -17.44 -35.05 -6.61
CA PRO C 209 -18.48 -35.18 -7.64
C PRO C 209 -18.57 -33.92 -8.50
N ASN C 210 -18.52 -34.11 -9.82
CA ASN C 210 -18.56 -32.99 -10.74
C ASN C 210 -19.99 -32.45 -10.86
N VAL C 211 -20.10 -31.17 -11.20
CA VAL C 211 -21.36 -30.44 -11.15
C VAL C 211 -21.76 -30.11 -12.58
N GLU C 212 -23.05 -30.23 -12.88
CA GLU C 212 -23.57 -29.90 -14.20
C GLU C 212 -24.29 -28.56 -14.17
N VAL C 213 -24.65 -28.09 -15.36
CA VAL C 213 -25.22 -26.76 -15.54
C VAL C 213 -26.03 -26.74 -16.83
N PRO C 214 -27.22 -26.14 -16.84
CA PRO C 214 -28.04 -26.19 -18.06
C PRO C 214 -27.53 -25.22 -19.10
N HIS C 215 -27.58 -25.66 -20.37
CA HIS C 215 -27.12 -24.83 -21.47
C HIS C 215 -27.77 -25.33 -22.75
N THR C 216 -28.04 -24.40 -23.66
CA THR C 216 -28.64 -24.73 -24.95
C THR C 216 -27.59 -25.22 -25.94
N ALA C 264 -29.26 -30.59 -23.98
CA ALA C 264 -28.61 -31.40 -22.95
C ALA C 264 -27.69 -30.54 -22.08
N PRO C 265 -27.84 -30.67 -20.76
CA PRO C 265 -26.96 -29.91 -19.86
C PRO C 265 -25.56 -30.51 -19.81
N LEU C 266 -24.56 -29.64 -19.84
CA LEU C 266 -23.17 -30.04 -19.90
C LEU C 266 -22.58 -30.14 -18.50
N SER C 267 -21.72 -31.14 -18.30
CA SER C 267 -21.05 -31.29 -17.03
C SER C 267 -19.87 -30.31 -16.92
N LEU C 268 -19.34 -30.20 -15.70
CA LEU C 268 -18.30 -29.22 -15.42
C LEU C 268 -17.50 -29.66 -14.20
N PRO C 269 -16.17 -29.75 -14.30
CA PRO C 269 -15.36 -30.10 -13.13
C PRO C 269 -15.33 -28.97 -12.13
N PRO C 270 -15.65 -29.26 -10.86
CA PRO C 270 -16.00 -28.19 -9.91
C PRO C 270 -14.81 -27.39 -9.39
N SER C 271 -13.61 -27.56 -9.95
CA SER C 271 -12.45 -26.84 -9.46
C SER C 271 -12.49 -25.35 -9.82
N ALA C 272 -13.39 -24.94 -10.71
CA ALA C 272 -13.50 -23.54 -11.09
C ALA C 272 -14.30 -22.75 -10.06
N LEU C 273 -15.55 -23.17 -9.82
CA LEU C 273 -16.45 -22.39 -8.99
C LEU C 273 -16.18 -22.57 -7.49
N ILE C 274 -15.38 -23.58 -7.11
CA ILE C 274 -15.00 -23.73 -5.71
C ILE C 274 -13.88 -22.78 -5.31
N ALA C 275 -13.22 -22.14 -6.28
CA ALA C 275 -12.24 -21.11 -5.95
C ALA C 275 -12.93 -19.81 -5.50
N GLY C 276 -14.12 -19.54 -6.02
CA GLY C 276 -14.84 -18.34 -5.64
C GLY C 276 -15.41 -18.37 -4.25
N VAL C 277 -15.65 -19.57 -3.70
CA VAL C 277 -16.22 -19.69 -2.37
C VAL C 277 -15.17 -19.53 -1.27
N TYR C 278 -13.89 -19.61 -1.63
CA TYR C 278 -12.82 -19.17 -0.72
C TYR C 278 -12.72 -17.66 -0.64
N GLY C 279 -13.31 -16.93 -1.59
CA GLY C 279 -13.28 -15.49 -1.57
C GLY C 279 -14.35 -14.83 -0.72
N LYS C 280 -15.36 -15.59 -0.30
CA LYS C 280 -16.35 -15.09 0.64
C LYS C 280 -15.99 -15.37 2.09
N THR C 281 -15.40 -16.54 2.36
CA THR C 281 -15.12 -16.91 3.74
C THR C 281 -14.04 -16.02 4.36
N ASP C 282 -13.01 -15.67 3.58
CA ASP C 282 -12.00 -14.75 4.09
C ASP C 282 -12.48 -13.30 4.15
N GLY C 283 -13.62 -12.99 3.53
CA GLY C 283 -14.17 -11.65 3.64
C GLY C 283 -14.71 -11.32 5.01
N GLU C 284 -15.77 -12.01 5.44
CA GLU C 284 -16.40 -11.70 6.71
C GLU C 284 -15.82 -12.51 7.86
N ARG C 285 -15.55 -13.79 7.65
CA ARG C 285 -15.13 -14.67 8.73
C ARG C 285 -13.62 -14.75 8.87
N GLY C 286 -12.89 -14.57 7.78
CA GLY C 286 -11.44 -14.63 7.80
C GLY C 286 -10.91 -15.93 7.22
N VAL C 287 -9.60 -16.12 7.41
CA VAL C 287 -8.92 -17.29 6.87
C VAL C 287 -9.23 -18.53 7.71
N TRP C 288 -9.28 -18.36 9.03
CA TRP C 288 -9.28 -19.46 9.98
C TRP C 288 -10.63 -20.15 10.12
N LYS C 289 -11.58 -19.91 9.22
CA LYS C 289 -12.85 -20.62 9.23
C LYS C 289 -12.94 -21.55 8.03
N ALA C 290 -13.22 -22.82 8.29
CA ALA C 290 -13.33 -23.81 7.23
C ALA C 290 -14.59 -23.59 6.42
N PRO C 291 -14.51 -23.43 5.10
CA PRO C 291 -15.74 -23.24 4.31
C PRO C 291 -16.48 -24.55 4.10
N ALA C 292 -17.53 -24.79 4.88
CA ALA C 292 -18.39 -25.94 4.66
C ALA C 292 -19.84 -25.54 4.56
N ASN C 293 -20.34 -24.75 5.52
CA ASN C 293 -21.74 -24.40 5.56
C ASN C 293 -22.12 -23.36 4.51
N VAL C 294 -21.13 -22.86 3.75
CA VAL C 294 -21.41 -21.93 2.67
C VAL C 294 -22.16 -22.65 1.56
N VAL C 295 -23.10 -21.96 0.93
CA VAL C 295 -24.04 -22.57 -0.01
C VAL C 295 -23.62 -22.19 -1.42
N LEU C 296 -23.58 -23.18 -2.30
CA LEU C 296 -23.22 -22.93 -3.69
C LEU C 296 -24.31 -22.10 -4.38
N ASN C 297 -23.89 -21.06 -5.08
CA ASN C 297 -24.80 -20.02 -5.56
C ASN C 297 -25.03 -20.25 -7.05
N GLY C 298 -26.04 -21.06 -7.36
CA GLY C 298 -26.57 -21.18 -8.70
C GLY C 298 -26.11 -22.42 -9.45
N VAL C 299 -26.90 -23.48 -9.33
CA VAL C 299 -26.61 -24.78 -9.94
C VAL C 299 -27.92 -25.54 -9.99
N SER C 300 -28.01 -26.51 -10.89
CA SER C 300 -29.19 -27.37 -10.93
C SER C 300 -29.07 -28.54 -9.95
N ASP C 301 -28.12 -29.43 -10.18
CA ASP C 301 -28.01 -30.66 -9.42
C ASP C 301 -26.64 -31.26 -9.63
N VAL C 302 -26.25 -32.17 -8.73
CA VAL C 302 -25.00 -32.89 -8.91
C VAL C 302 -25.17 -33.93 -10.02
N SER C 303 -24.04 -34.44 -10.51
CA SER C 303 -24.09 -35.42 -11.58
C SER C 303 -24.49 -36.79 -11.06
N VAL C 304 -23.86 -37.23 -9.97
CA VAL C 304 -24.18 -38.49 -9.31
C VAL C 304 -24.55 -38.19 -7.86
N ARG C 305 -25.62 -38.83 -7.38
CA ARG C 305 -26.14 -38.54 -6.05
C ARG C 305 -25.44 -39.44 -5.04
N VAL C 306 -24.71 -38.84 -4.10
CA VAL C 306 -23.99 -39.58 -3.08
C VAL C 306 -24.85 -39.67 -1.82
N THR C 307 -24.72 -40.78 -1.11
CA THR C 307 -25.47 -41.04 0.11
C THR C 307 -24.50 -41.25 1.27
N ASN C 308 -25.09 -41.36 2.47
CA ASN C 308 -24.29 -41.33 3.70
C ASN C 308 -23.47 -42.60 3.92
N GLU C 309 -23.88 -43.73 3.33
CA GLU C 309 -23.21 -44.99 3.60
C GLU C 309 -21.89 -45.15 2.83
N GLN C 310 -21.70 -44.42 1.73
CA GLN C 310 -20.39 -44.30 1.10
C GLN C 310 -19.73 -42.97 1.36
N GLN C 311 -20.39 -42.06 2.07
CA GLN C 311 -19.68 -40.95 2.71
C GLN C 311 -18.70 -41.46 3.77
N ALA C 312 -19.06 -42.55 4.45
CA ALA C 312 -18.20 -43.11 5.49
C ALA C 312 -16.86 -43.60 4.92
N GLU C 313 -16.86 -44.05 3.66
CA GLU C 313 -15.63 -44.56 3.07
C GLU C 313 -14.75 -43.46 2.50
N LEU C 314 -15.37 -42.43 1.92
CA LEU C 314 -14.66 -41.37 1.22
C LEU C 314 -14.17 -40.24 2.13
N ASN C 315 -14.59 -40.21 3.39
CA ASN C 315 -14.19 -39.13 4.29
C ASN C 315 -12.83 -39.43 4.93
N PRO C 316 -12.48 -40.71 5.18
CA PRO C 316 -11.06 -41.07 5.21
C PRO C 316 -10.44 -41.07 3.82
N LYS C 317 -9.16 -41.42 3.72
CA LYS C 317 -8.32 -41.14 2.56
C LYS C 317 -8.61 -39.75 1.99
N GLY C 318 -8.48 -38.76 2.87
CA GLY C 318 -9.28 -37.55 2.86
C GLY C 318 -9.46 -36.84 1.53
N ILE C 319 -10.68 -36.95 1.00
CA ILE C 319 -11.14 -36.19 -0.15
C ILE C 319 -12.51 -35.62 0.22
N ASN C 320 -12.83 -34.46 -0.33
CA ASN C 320 -14.07 -33.79 0.08
C ASN C 320 -15.20 -34.21 -0.84
N VAL C 321 -16.37 -33.58 -0.67
CA VAL C 321 -17.58 -34.06 -1.31
C VAL C 321 -18.56 -32.89 -1.42
N ILE C 322 -19.25 -32.82 -2.56
CA ILE C 322 -20.39 -31.94 -2.73
C ILE C 322 -21.64 -32.74 -2.40
N ARG C 323 -22.41 -32.27 -1.43
CA ARG C 323 -23.61 -32.96 -1.00
C ARG C 323 -24.86 -32.26 -1.51
N HIS C 324 -25.98 -32.99 -1.48
CA HIS C 324 -27.29 -32.44 -1.76
C HIS C 324 -28.19 -32.63 -0.54
N PHE C 325 -28.85 -31.55 -0.13
CA PHE C 325 -29.86 -31.62 0.92
C PHE C 325 -31.20 -31.14 0.38
N SER C 326 -32.27 -31.50 1.07
CA SER C 326 -33.61 -31.20 0.58
C SER C 326 -34.00 -29.76 0.87
N ASP C 327 -33.73 -29.29 2.10
CA ASP C 327 -34.22 -27.98 2.52
C ASP C 327 -33.36 -26.84 1.98
N ARG C 328 -32.04 -27.02 1.93
CA ARG C 328 -31.13 -25.95 1.58
C ARG C 328 -30.40 -26.15 0.26
N GLY C 329 -30.69 -27.25 -0.45
CA GLY C 329 -30.07 -27.44 -1.76
C GLY C 329 -28.66 -28.00 -1.66
N LEU C 330 -27.86 -27.69 -2.68
CA LEU C 330 -26.49 -28.18 -2.72
C LEU C 330 -25.61 -27.43 -1.73
N VAL C 331 -24.63 -28.12 -1.18
CA VAL C 331 -23.69 -27.54 -0.24
C VAL C 331 -22.37 -28.31 -0.30
N VAL C 332 -21.26 -27.59 -0.14
CA VAL C 332 -19.98 -28.26 0.02
C VAL C 332 -19.88 -28.85 1.41
N TRP C 333 -19.03 -29.87 1.55
CA TRP C 333 -19.00 -30.66 2.76
C TRP C 333 -17.62 -31.29 2.95
N GLY C 334 -17.09 -31.19 4.16
CA GLY C 334 -15.76 -31.70 4.48
C GLY C 334 -14.65 -30.71 4.15
N SER C 335 -13.66 -30.60 5.03
CA SER C 335 -12.59 -29.62 4.87
C SER C 335 -11.25 -30.24 5.25
N ARG C 336 -11.00 -31.45 4.73
CA ARG C 336 -9.79 -32.20 5.08
C ARG C 336 -8.83 -32.20 3.89
N THR C 337 -7.54 -32.13 4.18
CA THR C 337 -6.50 -32.18 3.15
C THR C 337 -6.10 -33.63 2.91
N GLN C 338 -4.98 -33.82 2.21
CA GLN C 338 -4.68 -35.15 1.66
C GLN C 338 -4.03 -36.06 2.71
N LYS C 339 -2.83 -35.70 3.15
CA LYS C 339 -2.02 -36.58 3.98
C LYS C 339 -2.41 -36.42 5.45
N ASP C 340 -2.53 -37.56 6.13
CA ASP C 340 -3.37 -37.65 7.32
C ASP C 340 -2.58 -37.94 8.59
N ASP C 341 -1.46 -37.28 8.80
CA ASP C 341 -0.92 -37.19 10.15
C ASP C 341 -1.52 -36.00 10.89
N ASP C 342 -1.40 -36.01 12.22
CA ASP C 342 -2.00 -35.00 13.06
C ASP C 342 -1.29 -33.65 12.97
N ASP C 343 -0.27 -33.52 12.12
CA ASP C 343 0.38 -32.25 11.87
C ASP C 343 -0.55 -31.26 11.18
N TRP C 344 -0.96 -31.55 9.94
CA TRP C 344 -1.96 -30.72 9.24
C TRP C 344 -2.93 -31.64 8.50
N ARG C 345 -4.09 -31.88 9.10
CA ARG C 345 -5.18 -32.59 8.45
C ARG C 345 -6.31 -31.66 7.99
N TYR C 346 -6.23 -30.37 8.29
CA TYR C 346 -7.33 -29.45 8.08
C TYR C 346 -6.92 -28.30 7.17
N ILE C 347 -7.86 -27.89 6.30
CA ILE C 347 -7.58 -26.80 5.37
C ILE C 347 -7.18 -25.51 6.07
N PRO C 348 -7.89 -25.02 7.10
CA PRO C 348 -7.52 -23.72 7.68
C PRO C 348 -6.22 -23.74 8.45
N VAL C 349 -5.89 -24.85 9.12
CA VAL C 349 -4.63 -24.90 9.84
C VAL C 349 -3.45 -24.89 8.88
N ARG C 350 -3.64 -25.47 7.69
CA ARG C 350 -2.63 -25.35 6.64
C ARG C 350 -2.58 -23.92 6.08
N ARG C 351 -3.73 -23.32 5.82
CA ARG C 351 -3.78 -21.99 5.22
C ARG C 351 -3.57 -20.86 6.21
N LEU C 352 -3.58 -21.13 7.52
CA LEU C 352 -3.24 -20.08 8.48
C LEU C 352 -1.73 -19.88 8.56
N PHE C 353 -0.96 -20.97 8.56
CA PHE C 353 0.50 -20.84 8.58
C PHE C 353 1.04 -20.38 7.23
N ASP C 354 0.28 -20.60 6.14
CA ASP C 354 0.71 -20.19 4.81
C ASP C 354 0.57 -18.69 4.60
N ALA C 355 -0.38 -18.05 5.29
CA ALA C 355 -0.59 -16.62 5.16
C ALA C 355 0.17 -15.81 6.20
N ALA C 356 0.42 -16.38 7.38
CA ALA C 356 1.21 -15.67 8.39
C ALA C 356 2.68 -15.56 8.01
N GLU C 357 3.19 -16.52 7.23
CA GLU C 357 4.59 -16.43 6.79
C GLU C 357 4.77 -15.40 5.68
N ARG C 358 3.80 -15.29 4.77
CA ARG C 358 3.98 -14.47 3.58
C ARG C 358 3.91 -12.98 3.89
N ASP C 359 3.29 -12.59 5.00
CA ASP C 359 3.23 -11.18 5.38
C ASP C 359 4.47 -10.73 6.13
N ILE C 360 5.08 -11.59 6.94
CA ILE C 360 6.29 -11.19 7.62
C ILE C 360 7.52 -11.36 6.73
N LYS C 361 7.47 -12.26 5.76
CA LYS C 361 8.61 -12.42 4.85
C LYS C 361 8.69 -11.28 3.84
N LYS C 362 7.56 -10.65 3.52
CA LYS C 362 7.57 -9.53 2.58
C LYS C 362 8.10 -8.25 3.20
N ALA C 363 8.01 -8.10 4.52
CA ALA C 363 8.43 -6.87 5.17
C ALA C 363 9.81 -6.97 5.82
N LEU C 364 10.35 -8.17 5.99
CA LEU C 364 11.74 -8.30 6.41
C LEU C 364 12.72 -8.13 5.25
N GLN C 365 12.22 -8.12 4.02
CA GLN C 365 13.01 -7.95 2.80
C GLN C 365 13.64 -6.56 2.67
N PRO C 366 13.00 -5.49 3.16
CA PRO C 366 13.74 -4.22 3.26
C PRO C 366 14.90 -4.23 4.25
N MET C 367 14.85 -5.02 5.32
CA MET C 367 15.99 -5.14 6.22
C MET C 367 16.63 -6.52 6.08
N VAL C 368 17.58 -6.63 5.16
CA VAL C 368 18.21 -7.90 4.85
C VAL C 368 19.74 -7.80 4.84
N PHE C 369 20.29 -6.61 5.03
CA PHE C 369 21.74 -6.41 5.06
C PHE C 369 22.15 -5.52 6.24
N GLU C 370 21.28 -5.35 7.23
CA GLU C 370 21.60 -4.54 8.40
C GLU C 370 22.50 -5.30 9.38
N PRO C 371 23.26 -4.57 10.19
CA PRO C 371 24.17 -5.22 11.14
C PRO C 371 23.43 -6.04 12.18
N ASN C 372 24.13 -7.05 12.70
CA ASN C 372 23.54 -8.09 13.55
C ASN C 372 23.73 -7.77 15.02
N SER C 373 23.62 -6.51 15.40
CA SER C 373 23.84 -6.08 16.78
C SER C 373 22.60 -6.39 17.62
N GLN C 374 22.53 -5.84 18.82
CA GLN C 374 21.45 -6.15 19.74
C GLN C 374 20.23 -5.25 19.57
N LEU C 375 20.41 -4.00 19.13
CA LEU C 375 19.25 -3.12 18.99
C LEU C 375 18.42 -3.47 17.77
N THR C 376 18.98 -4.21 16.81
CA THR C 376 18.18 -4.72 15.70
C THR C 376 17.32 -5.89 16.15
N TRP C 377 17.80 -6.67 17.11
CA TRP C 377 17.09 -7.85 17.57
C TRP C 377 15.81 -7.50 18.31
N LYS C 378 15.86 -6.50 19.20
CA LYS C 378 14.65 -6.11 19.93
C LYS C 378 13.66 -5.35 19.07
N ARG C 379 14.09 -4.79 17.94
CA ARG C 379 13.15 -4.09 17.06
C ARG C 379 12.41 -5.08 16.15
N VAL C 380 13.04 -6.20 15.80
CA VAL C 380 12.37 -7.22 15.02
C VAL C 380 11.46 -8.07 15.89
N GLN C 381 11.93 -8.44 17.08
CA GLN C 381 11.14 -9.26 17.99
C GLN C 381 9.87 -8.55 18.45
N THR C 382 9.88 -7.21 18.46
CA THR C 382 8.68 -6.48 18.84
C THR C 382 7.67 -6.41 17.69
N ALA C 383 8.15 -6.16 16.46
CA ALA C 383 7.24 -6.03 15.34
C ALA C 383 6.60 -7.36 14.96
N ILE C 384 7.19 -8.48 15.38
CA ILE C 384 6.52 -9.77 15.27
C ILE C 384 5.58 -10.00 16.44
N ASP C 385 5.91 -9.48 17.61
CA ASP C 385 5.06 -9.63 18.79
C ASP C 385 3.73 -8.89 18.62
N ASN C 386 3.78 -7.68 18.05
CA ASN C 386 2.56 -6.90 17.83
C ASN C 386 1.77 -7.36 16.62
N TYR C 387 2.21 -8.40 15.91
CA TYR C 387 1.44 -8.97 14.81
C TYR C 387 0.63 -10.18 15.23
N LEU C 388 1.18 -11.05 16.09
CA LEU C 388 0.43 -12.19 16.59
C LEU C 388 -0.54 -11.81 17.69
N TYR C 389 -0.28 -10.73 18.41
CA TYR C 389 -1.18 -10.31 19.48
C TYR C 389 -2.47 -9.74 18.91
N ARG C 390 -2.38 -8.96 17.84
CA ARG C 390 -3.58 -8.49 17.16
C ARG C 390 -4.37 -9.64 16.55
N LEU C 391 -3.67 -10.64 16.04
CA LEU C 391 -4.34 -11.81 15.46
C LEU C 391 -4.86 -12.76 16.53
N TRP C 392 -4.32 -12.70 17.75
CA TRP C 392 -4.83 -13.53 18.84
C TRP C 392 -6.16 -13.01 19.35
N GLN C 393 -6.28 -11.70 19.55
CA GLN C 393 -7.45 -11.09 20.16
C GLN C 393 -8.59 -10.88 19.17
N GLN C 394 -8.54 -11.49 17.98
CA GLN C 394 -9.70 -11.59 17.10
C GLN C 394 -10.09 -13.03 16.84
N GLY C 395 -9.69 -13.95 17.70
CA GLY C 395 -10.22 -15.30 17.69
C GLY C 395 -9.69 -16.20 16.59
N ALA C 396 -8.36 -16.29 16.48
CA ALA C 396 -7.75 -17.16 15.48
C ALA C 396 -6.63 -18.05 16.04
N LEU C 397 -6.08 -17.74 17.21
CA LEU C 397 -5.12 -18.60 17.89
C LEU C 397 -5.80 -19.24 19.09
N ALA C 398 -5.88 -20.58 19.10
CA ALA C 398 -6.60 -21.30 20.14
C ALA C 398 -5.73 -21.37 21.40
N GLY C 399 -5.59 -20.22 22.06
CA GLY C 399 -5.02 -20.16 23.39
C GLY C 399 -6.03 -19.64 24.40
N ASN C 400 -5.80 -19.92 25.68
CA ASN C 400 -6.73 -19.47 26.72
C ASN C 400 -6.38 -18.04 27.11
N LYS C 401 -6.90 -17.57 28.24
CA LYS C 401 -6.73 -16.17 28.63
C LYS C 401 -5.32 -15.84 29.09
N ALA C 402 -4.40 -16.80 29.08
CA ALA C 402 -2.99 -16.50 29.27
C ALA C 402 -2.39 -15.97 27.97
N GLU C 403 -1.06 -15.82 27.95
CA GLU C 403 -0.32 -15.33 26.79
C GLU C 403 0.10 -16.45 25.84
N GLU C 404 -0.10 -17.71 26.22
CA GLU C 404 0.61 -18.83 25.59
C GLU C 404 0.03 -19.08 24.19
N ALA C 405 0.46 -18.23 23.25
CA ALA C 405 0.22 -18.46 21.83
C ALA C 405 1.42 -18.12 20.97
N TYR C 406 2.52 -17.63 21.55
CA TYR C 406 3.69 -17.19 20.79
C TYR C 406 4.88 -17.12 21.74
N PHE C 407 6.05 -17.48 21.23
CA PHE C 407 7.28 -17.47 22.02
C PHE C 407 8.45 -16.97 21.17
N VAL C 408 8.22 -15.90 20.41
CA VAL C 408 9.19 -15.39 19.46
C VAL C 408 10.42 -14.89 20.21
N ARG C 409 11.59 -15.44 19.88
CA ARG C 409 12.83 -15.08 20.56
C ARG C 409 13.96 -15.05 19.53
N VAL C 410 14.88 -14.09 19.71
CA VAL C 410 15.85 -13.75 18.69
C VAL C 410 17.22 -13.51 19.30
N GLY C 411 17.38 -13.88 20.57
CA GLY C 411 18.57 -13.50 21.31
C GLY C 411 19.82 -14.19 20.78
N LYS C 412 20.93 -13.96 21.49
CA LYS C 412 22.21 -14.57 21.13
C LYS C 412 22.59 -15.72 22.04
N GLY C 413 22.35 -15.60 23.35
CA GLY C 413 22.53 -16.74 24.23
C GLY C 413 21.53 -17.84 23.95
N ILE C 414 20.24 -17.49 23.92
CA ILE C 414 19.21 -18.37 23.38
C ILE C 414 19.26 -18.36 21.86
N THR C 415 18.86 -19.49 21.27
CA THR C 415 18.49 -19.67 19.87
C THR C 415 19.63 -19.44 18.88
N MET C 416 20.78 -18.95 19.34
CA MET C 416 21.95 -18.82 18.49
C MET C 416 23.20 -19.09 19.31
N THR C 417 24.35 -18.91 18.67
CA THR C 417 25.65 -18.80 19.35
C THR C 417 26.61 -18.04 18.45
N GLN C 418 27.87 -17.98 18.86
CA GLN C 418 28.81 -16.99 18.33
C GLN C 418 29.25 -17.33 16.91
N ASP C 419 29.45 -18.61 16.60
CA ASP C 419 30.18 -19.01 15.40
C ASP C 419 29.34 -18.96 14.13
N GLU C 420 28.03 -18.87 14.21
CA GLU C 420 27.21 -18.61 13.03
C GLU C 420 26.93 -17.13 12.81
N ILE C 421 27.37 -16.27 13.73
CA ILE C 421 27.41 -14.84 13.44
C ILE C 421 28.48 -14.56 12.38
N ASN C 422 29.56 -15.34 12.37
CA ASN C 422 30.66 -15.08 11.45
C ASN C 422 30.29 -15.46 10.02
N GLN C 423 29.44 -16.47 9.84
CA GLN C 423 28.78 -16.71 8.57
C GLN C 423 27.35 -16.16 8.68
N GLY C 424 27.23 -14.87 8.42
CA GLY C 424 26.15 -14.03 8.90
C GLY C 424 24.74 -14.60 8.82
N LYS C 425 24.14 -14.87 9.97
CA LYS C 425 22.84 -15.51 10.04
C LYS C 425 21.99 -14.83 11.11
N MET C 426 20.68 -15.03 11.01
CA MET C 426 19.75 -14.79 12.10
C MET C 426 18.78 -15.96 12.17
N ILE C 427 18.30 -16.24 13.37
CA ILE C 427 17.37 -17.35 13.59
C ILE C 427 16.15 -16.79 14.31
N ILE C 428 14.98 -16.95 13.68
CA ILE C 428 13.70 -16.51 14.26
C ILE C 428 12.90 -17.74 14.66
N GLN C 429 13.02 -18.16 15.92
CA GLN C 429 12.15 -19.23 16.42
C GLN C 429 10.81 -18.62 16.81
N VAL C 430 9.77 -18.92 16.04
CA VAL C 430 8.42 -18.45 16.31
C VAL C 430 7.47 -19.64 16.21
N GLY C 431 6.40 -19.60 16.99
CA GLY C 431 5.43 -20.68 16.95
C GLY C 431 4.06 -20.28 17.46
N MET C 432 3.03 -20.80 16.81
CA MET C 432 1.64 -20.45 17.10
C MET C 432 0.90 -21.67 17.65
N ALA C 433 -0.40 -21.48 17.89
CA ALA C 433 -1.27 -22.56 18.35
C ALA C 433 -2.62 -22.33 17.68
N ALA C 434 -2.81 -22.93 16.50
CA ALA C 434 -3.97 -22.61 15.69
C ALA C 434 -5.23 -23.25 16.27
N VAL C 435 -6.36 -22.92 15.65
CA VAL C 435 -7.67 -23.39 16.10
C VAL C 435 -8.16 -24.45 15.15
N ARG C 436 -8.81 -25.47 15.69
CA ARG C 436 -9.31 -26.56 14.87
C ARG C 436 -10.81 -26.41 14.63
N PRO C 437 -11.30 -26.82 13.46
CA PRO C 437 -12.75 -26.82 13.24
C PRO C 437 -13.42 -27.88 14.10
N ALA C 438 -14.67 -27.62 14.46
CA ALA C 438 -15.44 -28.51 15.33
C ALA C 438 -16.42 -29.31 14.46
N GLU C 439 -16.07 -30.56 14.20
CA GLU C 439 -16.98 -31.54 13.64
C GLU C 439 -17.10 -32.73 14.59
N PHE C 440 -18.07 -33.60 14.30
CA PHE C 440 -18.47 -34.70 15.18
C PHE C 440 -18.86 -34.18 16.56
N ILE C 441 -19.99 -33.49 16.60
CA ILE C 441 -20.54 -33.02 17.87
C ILE C 441 -21.26 -34.17 18.54
N ILE C 442 -20.89 -34.47 19.78
CA ILE C 442 -21.43 -35.61 20.51
C ILE C 442 -22.14 -35.10 21.75
N LEU C 443 -23.36 -35.57 21.97
CA LEU C 443 -24.23 -35.05 23.01
C LEU C 443 -24.05 -35.80 24.33
N LYS C 444 -24.25 -37.12 24.29
CA LYS C 444 -24.21 -38.02 25.45
C LYS C 444 -25.05 -37.49 26.61
N PHE C 445 -26.36 -37.54 26.39
CA PHE C 445 -27.32 -37.34 27.47
C PHE C 445 -27.13 -38.38 28.57
N THR C 446 -27.43 -37.98 29.80
CA THR C 446 -27.43 -38.89 30.93
C THR C 446 -28.66 -38.63 31.79
N GLN C 447 -28.90 -39.53 32.74
CA GLN C 447 -30.01 -39.36 33.67
C GLN C 447 -29.64 -38.46 34.83
N ASP C 448 -28.48 -38.71 35.45
CA ASP C 448 -27.82 -37.72 36.29
C ASP C 448 -26.33 -38.04 36.44
N THR D 2 10.94 47.42 2.38
CA THR D 2 11.16 46.70 3.61
C THR D 2 9.92 46.76 4.50
N MET D 3 8.94 47.57 4.09
CA MET D 3 7.82 47.92 4.95
C MET D 3 6.58 47.13 4.60
N VAL D 4 5.50 47.46 5.30
CA VAL D 4 4.37 46.57 5.49
C VAL D 4 3.18 47.39 5.99
N LEU D 5 1.99 46.98 5.54
CA LEU D 5 0.70 47.59 5.81
C LEU D 5 -0.02 46.70 6.82
N PRO D 6 -1.21 47.15 7.44
CA PRO D 6 -1.71 46.39 8.60
C PRO D 6 -2.15 44.97 8.31
N GLY D 7 -2.49 44.68 7.05
CA GLY D 7 -2.80 43.33 6.67
C GLY D 7 -4.06 42.84 7.33
N VAL D 8 -5.18 43.44 6.95
CA VAL D 8 -6.47 43.33 7.63
C VAL D 8 -7.04 41.92 7.63
N SER D 9 -6.53 41.07 6.75
CA SER D 9 -6.59 39.61 6.85
C SER D 9 -8.00 39.05 6.80
N TYR D 10 -8.72 39.21 5.70
CA TYR D 10 -10.10 38.76 5.71
C TYR D 10 -10.15 37.26 5.44
N ASN D 11 -11.11 36.59 6.06
CA ASN D 11 -11.44 35.20 5.82
C ASN D 11 -12.87 34.96 6.25
N GLU D 12 -13.38 33.75 6.06
CA GLU D 12 -14.74 33.41 6.50
C GLU D 12 -14.87 31.91 6.71
N THR D 13 -16.07 31.47 7.12
CA THR D 13 -16.34 30.06 7.37
C THR D 13 -17.59 29.62 6.63
N LEU D 14 -18.09 28.44 7.00
CA LEU D 14 -19.06 27.74 6.17
C LEU D 14 -20.17 27.14 7.03
N LEU D 15 -20.92 26.25 6.38
CA LEU D 15 -22.22 25.76 6.79
C LEU D 15 -22.41 24.32 6.30
N THR D 16 -23.68 23.96 6.05
CA THR D 16 -24.16 22.94 5.10
C THR D 16 -23.69 21.50 5.31
N GLN D 17 -24.28 20.84 6.30
CA GLN D 17 -24.43 19.39 6.27
C GLN D 17 -25.36 18.89 5.14
N ALA D 18 -26.12 19.76 4.48
CA ALA D 18 -27.46 19.57 3.94
C ALA D 18 -27.82 18.25 3.24
N SER D 19 -26.84 17.46 2.80
CA SER D 19 -27.04 16.18 2.11
C SER D 19 -28.05 15.26 2.80
N ASN D 20 -29.07 14.81 2.07
CA ASN D 20 -30.20 14.15 2.71
C ASN D 20 -30.75 12.95 1.96
N ASP D 21 -30.45 12.84 0.66
CA ASP D 21 -31.28 12.24 -0.39
C ASP D 21 -32.06 10.96 -0.08
N ASP D 22 -31.34 9.88 0.23
CA ASP D 22 -31.83 8.50 0.26
C ASP D 22 -32.63 8.15 -0.99
N PRO D 23 -31.99 7.95 -2.14
CA PRO D 23 -32.75 7.43 -3.28
C PRO D 23 -32.73 5.92 -3.31
N VAL D 24 -32.88 5.27 -2.15
CA VAL D 24 -32.92 3.82 -2.14
C VAL D 24 -34.39 3.48 -2.32
N THR D 25 -35.25 4.34 -1.81
CA THR D 25 -36.69 4.14 -1.88
C THR D 25 -37.23 4.45 -3.27
N MET D 26 -36.36 4.86 -4.18
CA MET D 26 -36.78 5.14 -5.53
C MET D 26 -36.90 3.86 -6.32
N PRO D 27 -38.02 3.63 -7.00
CA PRO D 27 -38.12 2.48 -7.89
C PRO D 27 -37.67 2.81 -9.30
N LEU D 28 -37.32 1.76 -10.02
CA LEU D 28 -36.93 1.88 -11.43
C LEU D 28 -37.79 0.92 -12.23
N PHE D 29 -38.51 1.47 -13.21
CA PHE D 29 -39.26 0.66 -14.16
C PHE D 29 -38.35 0.35 -15.34
N ILE D 30 -38.09 -0.94 -15.57
CA ILE D 30 -36.97 -1.31 -16.41
C ILE D 30 -37.50 -2.03 -17.64
N GLY D 31 -38.67 -1.62 -18.11
CA GLY D 31 -39.28 -2.29 -19.24
C GLY D 31 -38.70 -1.85 -20.58
N TYR D 32 -39.26 -2.43 -21.64
CA TYR D 32 -39.02 -1.94 -22.99
C TYR D 32 -39.76 -0.62 -23.23
N THR D 33 -39.54 -0.04 -24.41
CA THR D 33 -40.32 1.13 -24.77
C THR D 33 -41.73 0.72 -25.20
N PRO D 34 -42.76 1.34 -24.67
CA PRO D 34 -44.08 1.21 -25.27
C PRO D 34 -44.14 1.95 -26.58
N PRO D 35 -44.38 1.24 -27.70
CA PRO D 35 -44.37 1.87 -29.01
C PRO D 35 -45.64 2.68 -29.29
N PRO D 40 -38.89 8.66 -28.37
CA PRO D 40 -37.50 8.41 -28.79
C PRO D 40 -36.50 8.49 -27.64
N VAL D 41 -36.67 7.58 -26.67
CA VAL D 41 -35.77 7.50 -25.52
C VAL D 41 -34.52 6.70 -25.85
N THR D 42 -33.55 6.73 -24.94
CA THR D 42 -32.44 5.80 -25.00
C THR D 42 -32.91 4.39 -24.71
N VAL D 43 -32.03 3.43 -24.97
CA VAL D 43 -32.34 2.04 -24.74
C VAL D 43 -31.79 1.72 -23.35
N MET D 44 -31.15 2.70 -22.72
CA MET D 44 -30.26 2.34 -21.64
C MET D 44 -30.43 3.18 -20.37
N GLN D 45 -30.97 4.38 -20.48
CA GLN D 45 -30.88 5.30 -19.35
C GLN D 45 -32.13 5.23 -18.47
N PRO D 46 -31.97 5.30 -17.15
CA PRO D 46 -33.12 5.56 -16.28
C PRO D 46 -33.69 6.94 -16.52
N VAL D 47 -35.02 7.04 -16.54
CA VAL D 47 -35.71 8.30 -16.78
C VAL D 47 -36.64 8.54 -15.61
N SER D 48 -36.56 9.73 -15.02
CA SER D 48 -37.43 10.11 -13.92
C SER D 48 -38.85 10.29 -14.41
N VAL D 49 -39.82 10.09 -13.51
CA VAL D 49 -41.22 10.25 -13.85
C VAL D 49 -41.86 11.22 -12.88
N GLY D 50 -42.40 12.31 -13.41
CA GLY D 50 -43.25 13.17 -12.60
C GLY D 50 -44.58 12.52 -12.30
N SER D 51 -45.32 12.14 -13.34
CA SER D 51 -46.62 11.54 -13.15
C SER D 51 -46.93 10.63 -14.32
N LEU D 52 -48.08 9.97 -14.22
CA LEU D 52 -48.60 9.21 -15.34
C LEU D 52 -49.11 10.16 -16.40
N THR D 53 -49.66 11.27 -15.93
CA THR D 53 -50.01 12.38 -16.82
C THR D 53 -48.77 12.91 -17.50
N GLN D 54 -47.65 12.92 -16.79
CA GLN D 54 -46.40 13.21 -17.45
C GLN D 54 -45.99 12.06 -18.37
N ALA D 55 -45.75 10.87 -17.81
CA ALA D 55 -44.92 9.89 -18.51
C ALA D 55 -45.73 9.00 -19.43
N ASN D 56 -46.92 8.55 -18.98
CA ASN D 56 -47.69 7.64 -19.80
C ASN D 56 -48.30 8.35 -21.00
N SER D 57 -48.35 9.69 -20.94
CA SER D 57 -48.82 10.44 -22.09
C SER D 57 -47.73 10.58 -23.14
N LEU D 58 -46.49 10.25 -22.79
CA LEU D 58 -45.40 10.39 -23.75
C LEU D 58 -45.51 9.34 -24.84
N PHE D 59 -45.59 8.08 -24.44
CA PHE D 59 -45.29 6.96 -25.32
C PHE D 59 -46.43 5.96 -25.22
N GLY D 60 -47.63 6.49 -25.12
CA GLY D 60 -48.79 5.63 -25.02
C GLY D 60 -49.00 5.12 -23.62
N GLN D 61 -50.27 5.05 -23.23
CA GLN D 61 -50.70 4.43 -22.00
C GLN D 61 -50.90 2.94 -22.19
N ARG D 62 -50.50 2.42 -23.34
CA ARG D 62 -50.77 1.05 -23.74
C ARG D 62 -49.45 0.35 -24.01
N GLY D 63 -49.41 -0.94 -23.71
CA GLY D 63 -48.21 -1.72 -23.77
C GLY D 63 -48.24 -2.72 -22.63
N THR D 64 -47.09 -3.09 -22.12
CA THR D 64 -47.04 -3.84 -20.89
C THR D 64 -46.56 -2.99 -19.75
N LEU D 65 -45.44 -2.30 -19.95
CA LEU D 65 -44.97 -1.28 -19.04
C LEU D 65 -45.99 -0.19 -18.83
N ALA D 66 -46.67 0.23 -19.91
CA ALA D 66 -47.45 1.45 -19.88
C ALA D 66 -48.70 1.32 -19.02
N TYR D 67 -49.26 0.11 -18.90
CA TYR D 67 -50.29 -0.10 -17.90
C TYR D 67 -49.69 -0.15 -16.51
N SER D 68 -48.59 -0.86 -16.33
CA SER D 68 -47.94 -0.88 -15.04
C SER D 68 -47.27 0.45 -14.73
N LEU D 69 -46.97 1.26 -15.76
CA LEU D 69 -46.79 2.69 -15.52
C LEU D 69 -48.00 3.24 -14.83
N ARG D 70 -49.16 3.21 -15.52
CA ARG D 70 -50.43 3.69 -15.01
C ARG D 70 -50.81 3.07 -13.68
N HIS D 71 -50.36 1.85 -13.42
CA HIS D 71 -50.72 1.21 -12.17
C HIS D 71 -49.82 1.63 -11.02
N PHE D 72 -49.00 2.67 -11.21
CA PHE D 72 -48.12 3.06 -10.11
C PHE D 72 -48.68 4.21 -9.30
N PHE D 73 -48.80 5.40 -9.91
CA PHE D 73 -49.28 6.53 -9.16
C PHE D 73 -50.77 6.48 -8.93
N GLU D 74 -51.48 5.72 -9.74
CA GLU D 74 -52.88 5.46 -9.47
C GLU D 74 -53.07 4.49 -8.31
N ASN D 75 -51.99 3.87 -7.86
CA ASN D 75 -52.00 3.21 -6.56
C ASN D 75 -51.26 4.04 -5.53
N GLY D 76 -51.00 5.30 -5.83
CA GLY D 76 -50.35 6.17 -4.88
C GLY D 76 -48.85 6.07 -4.85
N GLY D 77 -48.18 6.18 -5.98
CA GLY D 77 -46.74 6.24 -5.96
C GLY D 77 -46.28 7.62 -5.58
N LEU D 78 -45.00 7.73 -5.20
CA LEU D 78 -44.44 9.05 -4.93
C LEU D 78 -43.69 9.55 -6.15
N GLN D 79 -42.73 8.77 -6.60
CA GLN D 79 -42.00 8.98 -7.83
C GLN D 79 -41.35 7.67 -8.21
N CYS D 80 -41.40 7.33 -9.50
CA CYS D 80 -40.66 6.20 -10.00
C CYS D 80 -39.69 6.65 -11.07
N TYR D 81 -38.73 5.78 -11.39
CA TYR D 81 -37.84 6.02 -12.51
C TYR D 81 -38.10 4.98 -13.60
N VAL D 82 -37.79 5.33 -14.84
CA VAL D 82 -38.06 4.43 -15.96
C VAL D 82 -36.79 4.20 -16.74
N LEU D 83 -36.38 2.94 -16.85
CA LEU D 83 -35.32 2.63 -17.78
C LEU D 83 -35.96 1.92 -18.96
N PRO D 84 -36.18 2.60 -20.08
CA PRO D 84 -36.69 1.94 -21.27
C PRO D 84 -35.62 1.04 -21.87
N LEU D 85 -36.08 0.05 -22.64
CA LEU D 85 -35.18 -0.95 -23.20
C LEU D 85 -35.31 -1.17 -24.69
N GLY D 86 -36.02 -0.33 -25.41
CA GLY D 86 -36.11 -0.51 -26.83
C GLY D 86 -37.50 -0.91 -27.21
N PRO D 87 -37.77 -0.97 -28.47
CA PRO D 87 -39.01 -1.60 -28.94
C PRO D 87 -38.89 -3.12 -28.88
N GLY D 88 -39.33 -3.72 -27.78
CA GLY D 88 -39.49 -5.15 -27.70
C GLY D 88 -40.25 -5.72 -28.89
N LYS D 89 -39.84 -6.94 -29.26
CA LYS D 89 -39.90 -7.39 -30.64
C LYS D 89 -41.33 -7.71 -31.09
N GLY D 90 -42.18 -8.08 -30.15
CA GLY D 90 -43.29 -8.96 -30.43
C GLY D 90 -42.82 -10.40 -30.29
N GLU D 91 -43.80 -11.30 -30.20
CA GLU D 91 -43.65 -12.69 -29.79
C GLU D 91 -42.93 -12.69 -28.45
N PRO D 92 -43.64 -12.43 -27.35
CA PRO D 92 -43.00 -12.16 -26.06
C PRO D 92 -42.10 -13.28 -25.54
N ALA D 93 -42.28 -14.52 -25.99
CA ALA D 93 -41.31 -15.55 -25.65
C ALA D 93 -39.95 -15.28 -26.26
N ALA D 94 -39.88 -14.63 -27.41
CA ALA D 94 -38.61 -14.13 -27.90
C ALA D 94 -38.15 -12.90 -27.16
N ARG D 95 -39.07 -11.96 -26.88
CA ARG D 95 -38.71 -10.73 -26.20
C ARG D 95 -38.14 -11.00 -24.82
N LEU D 96 -38.80 -11.89 -24.09
CA LEU D 96 -38.46 -12.18 -22.71
C LEU D 96 -37.39 -13.27 -22.61
N GLN D 97 -36.62 -13.50 -23.67
CA GLN D 97 -35.42 -14.30 -23.59
C GLN D 97 -34.21 -13.60 -24.16
N GLU D 98 -34.41 -12.69 -25.13
CA GLU D 98 -33.42 -11.71 -25.51
C GLU D 98 -33.14 -10.75 -24.38
N LEU D 99 -34.16 -10.51 -23.57
CA LEU D 99 -34.03 -9.76 -22.34
C LEU D 99 -32.95 -10.35 -21.45
N ILE D 100 -32.90 -11.67 -21.35
CA ILE D 100 -31.82 -12.34 -20.65
C ILE D 100 -30.48 -12.02 -21.31
N ALA D 101 -30.42 -12.11 -22.64
CA ALA D 101 -29.21 -11.71 -23.35
C ALA D 101 -28.97 -10.22 -23.21
N ALA D 102 -30.03 -9.43 -23.09
CA ALA D 102 -29.87 -8.03 -22.72
C ALA D 102 -29.37 -7.90 -21.29
N LEU D 103 -29.88 -8.72 -20.37
CA LEU D 103 -29.32 -8.76 -19.04
C LEU D 103 -27.90 -9.30 -19.03
N GLN D 104 -27.58 -10.19 -19.96
CA GLN D 104 -26.24 -10.73 -20.06
C GLN D 104 -25.25 -9.77 -20.69
N THR D 105 -25.69 -8.60 -21.12
CA THR D 105 -24.74 -7.58 -21.45
C THR D 105 -24.00 -7.16 -20.19
N PRO D 106 -22.68 -6.98 -20.27
CA PRO D 106 -21.98 -6.26 -19.21
C PRO D 106 -22.35 -4.79 -19.16
N GLN D 107 -23.03 -4.29 -20.18
CA GLN D 107 -23.55 -2.95 -20.27
C GLN D 107 -24.63 -2.64 -19.24
N MET D 108 -25.11 -3.64 -18.53
CA MET D 108 -26.08 -3.39 -17.48
C MET D 108 -25.44 -2.62 -16.33
N LEU D 109 -24.51 -3.26 -15.62
CA LEU D 109 -23.98 -2.74 -14.36
C LEU D 109 -23.24 -1.43 -14.53
N GLU D 110 -22.68 -1.18 -15.71
CA GLU D 110 -22.06 0.11 -15.97
C GLU D 110 -23.09 1.24 -15.99
N THR D 111 -24.35 0.92 -16.20
CA THR D 111 -25.45 1.84 -16.04
C THR D 111 -26.13 1.66 -14.71
N LEU D 112 -25.82 0.58 -14.00
CA LEU D 112 -26.40 0.33 -12.70
C LEU D 112 -25.50 0.77 -11.57
N LEU D 113 -24.21 0.46 -11.67
CA LEU D 113 -23.30 0.97 -10.67
C LEU D 113 -23.09 2.46 -10.86
N ALA D 114 -23.19 2.93 -12.10
CA ALA D 114 -23.31 4.36 -12.35
C ALA D 114 -24.77 4.77 -12.51
N ASP D 115 -25.60 4.38 -11.55
CA ASP D 115 -26.98 4.85 -11.46
C ASP D 115 -27.23 5.62 -10.18
N ASP D 116 -26.88 5.02 -9.03
CA ASP D 116 -26.96 5.45 -7.64
C ASP D 116 -28.18 6.30 -7.28
N LYS D 117 -29.33 5.98 -7.88
CA LYS D 117 -30.54 6.76 -7.66
C LYS D 117 -31.78 5.94 -7.48
N THR D 118 -31.71 4.62 -7.60
CA THR D 118 -32.76 3.75 -7.14
C THR D 118 -32.13 2.75 -6.17
N GLY D 119 -32.99 2.04 -5.46
CA GLY D 119 -32.53 0.88 -4.73
C GLY D 119 -33.51 -0.22 -5.02
N LEU D 120 -34.51 0.11 -5.82
CA LEU D 120 -35.65 -0.78 -6.04
C LEU D 120 -35.63 -1.18 -7.51
N VAL D 121 -35.28 -2.43 -7.74
CA VAL D 121 -35.17 -2.97 -9.09
C VAL D 121 -36.49 -3.64 -9.45
N LEU D 122 -37.15 -3.15 -10.51
CA LEU D 122 -38.47 -3.68 -10.79
C LEU D 122 -38.73 -3.82 -12.28
N VAL D 123 -39.03 -5.05 -12.69
CA VAL D 123 -39.68 -5.34 -13.97
C VAL D 123 -41.01 -6.02 -13.67
N PRO D 124 -42.13 -5.39 -14.03
CA PRO D 124 -43.43 -6.03 -13.83
C PRO D 124 -43.84 -6.97 -14.95
N GLU D 125 -42.98 -7.19 -15.94
CA GLU D 125 -43.34 -7.88 -17.17
C GLU D 125 -43.28 -9.39 -17.06
N LEU D 126 -43.24 -9.94 -15.85
CA LEU D 126 -43.11 -11.37 -15.66
C LEU D 126 -44.44 -12.10 -15.80
N SER D 127 -45.53 -11.38 -16.04
CA SER D 127 -46.80 -12.04 -16.25
C SER D 127 -46.84 -12.82 -17.56
N GLU D 128 -46.01 -12.42 -18.53
CA GLU D 128 -45.91 -13.16 -19.78
C GLU D 128 -45.20 -14.50 -19.60
N LEU D 129 -44.42 -14.66 -18.53
CA LEU D 129 -43.89 -15.96 -18.18
C LEU D 129 -45.00 -16.94 -17.82
N ASN D 130 -46.08 -16.44 -17.23
CA ASN D 130 -47.24 -17.29 -16.99
C ASN D 130 -47.93 -17.64 -18.29
N GLU D 131 -47.76 -16.79 -19.30
CA GLU D 131 -48.46 -17.02 -20.56
C GLU D 131 -47.75 -18.07 -21.39
N VAL D 132 -46.44 -18.11 -21.32
CA VAL D 132 -45.67 -19.06 -22.10
C VAL D 132 -45.60 -20.40 -21.37
N ASP D 148 -38.21 -24.06 -20.88
CA ASP D 148 -38.98 -24.08 -19.63
C ASP D 148 -38.95 -22.76 -18.93
N ALA D 149 -40.16 -22.26 -18.65
CA ALA D 149 -40.30 -20.96 -18.01
C ALA D 149 -39.75 -20.98 -16.60
N ASP D 150 -39.83 -22.13 -15.93
CA ASP D 150 -39.38 -22.21 -14.55
C ASP D 150 -37.87 -22.03 -14.45
N ALA D 151 -37.13 -22.51 -15.45
CA ALA D 151 -35.71 -22.17 -15.51
C ALA D 151 -35.56 -20.68 -15.78
N LEU D 152 -36.37 -20.14 -16.67
CA LEU D 152 -36.36 -18.70 -16.91
C LEU D 152 -36.85 -17.95 -15.69
N TRP D 153 -37.84 -18.50 -14.98
CA TRP D 153 -38.16 -18.00 -13.65
C TRP D 153 -36.94 -18.10 -12.75
N TYR D 154 -36.23 -19.22 -12.81
CA TYR D 154 -35.06 -19.41 -11.97
C TYR D 154 -33.91 -18.49 -12.39
N GLN D 155 -33.38 -18.70 -13.58
CA GLN D 155 -32.09 -18.12 -13.91
C GLN D 155 -32.21 -16.65 -14.22
N GLY D 156 -33.40 -16.20 -14.58
CA GLY D 156 -33.66 -14.79 -14.72
C GLY D 156 -33.53 -14.13 -13.38
N TRP D 157 -34.09 -14.76 -12.34
CA TRP D 157 -33.97 -14.22 -11.00
C TRP D 157 -32.53 -14.29 -10.52
N GLN D 158 -31.86 -15.38 -10.88
CA GLN D 158 -30.45 -15.57 -10.59
C GLN D 158 -29.60 -14.46 -11.17
N VAL D 159 -29.97 -13.95 -12.35
CA VAL D 159 -29.37 -12.71 -12.82
C VAL D 159 -29.70 -11.58 -11.88
N LEU D 160 -30.99 -11.43 -11.53
CA LEU D 160 -31.44 -10.31 -10.72
C LEU D 160 -30.86 -10.35 -9.32
N LEU D 161 -30.66 -11.55 -8.80
CA LEU D 161 -30.01 -11.69 -7.52
C LEU D 161 -28.56 -11.25 -7.55
N THR D 162 -27.81 -11.68 -8.56
CA THR D 162 -26.40 -11.35 -8.64
C THR D 162 -26.18 -9.90 -8.98
N LEU D 163 -27.10 -9.30 -9.74
CA LEU D 163 -27.02 -7.87 -10.01
C LEU D 163 -27.13 -7.05 -8.75
N CYS D 164 -28.20 -7.25 -7.97
CA CYS D 164 -28.37 -6.55 -6.72
C CYS D 164 -27.33 -6.94 -5.68
N ARG D 165 -26.78 -8.15 -5.81
CA ARG D 165 -25.64 -8.55 -5.01
C ARG D 165 -24.42 -7.72 -5.34
N GLN D 166 -24.10 -7.61 -6.62
CA GLN D 166 -22.91 -6.86 -7.01
C GLN D 166 -23.20 -5.38 -7.04
N ALA D 167 -24.47 -5.00 -7.09
CA ALA D 167 -24.85 -3.66 -6.70
C ALA D 167 -24.57 -3.48 -5.22
N PRO D 168 -24.22 -2.27 -4.79
CA PRO D 168 -23.98 -2.05 -3.35
C PRO D 168 -25.21 -2.29 -2.49
N GLN D 169 -26.28 -1.53 -2.70
CA GLN D 169 -27.56 -1.80 -2.06
C GLN D 169 -28.66 -1.59 -3.09
N ARG D 170 -29.00 -2.65 -3.81
CA ARG D 170 -30.18 -2.68 -4.66
C ARG D 170 -30.95 -3.94 -4.36
N PHE D 171 -32.19 -3.99 -4.79
CA PHE D 171 -33.08 -5.00 -4.26
C PHE D 171 -33.96 -5.57 -5.37
N ALA D 172 -33.90 -6.87 -5.56
CA ALA D 172 -34.70 -7.52 -6.59
C ALA D 172 -36.14 -7.66 -6.13
N LEU D 173 -37.06 -7.56 -7.10
CA LEU D 173 -38.49 -7.59 -6.84
C LEU D 173 -39.13 -8.54 -7.84
N LEU D 174 -39.72 -9.62 -7.33
CA LEU D 174 -40.14 -10.73 -8.16
C LEU D 174 -41.64 -10.97 -7.97
N GLU D 175 -42.13 -12.01 -8.64
CA GLU D 175 -43.48 -12.50 -8.39
C GLU D 175 -43.47 -13.98 -8.70
N LEU D 176 -44.43 -14.66 -8.15
CA LEU D 176 -44.31 -16.07 -8.46
C LEU D 176 -45.10 -16.44 -9.71
N PRO D 177 -44.79 -17.59 -10.32
CA PRO D 177 -45.80 -18.23 -11.13
C PRO D 177 -46.98 -18.65 -10.27
N GLU D 178 -48.17 -18.33 -10.77
CA GLU D 178 -49.38 -18.66 -10.05
C GLU D 178 -49.63 -20.17 -10.06
N ASP D 179 -49.07 -20.86 -11.04
CA ASP D 179 -49.19 -22.31 -11.12
C ASP D 179 -48.39 -22.96 -10.01
N PRO D 180 -49.00 -23.82 -9.20
CA PRO D 180 -48.25 -24.57 -8.20
C PRO D 180 -47.31 -25.57 -8.85
N ALA D 181 -46.25 -25.90 -8.11
CA ALA D 181 -45.11 -26.76 -8.50
C ALA D 181 -44.28 -26.19 -9.64
N SER D 182 -44.65 -25.04 -10.15
CA SER D 182 -43.83 -24.30 -11.09
C SER D 182 -43.08 -23.30 -10.23
N ALA D 183 -43.72 -22.94 -9.13
CA ALA D 183 -43.10 -22.11 -8.11
C ALA D 183 -42.50 -22.94 -6.98
N VAL D 184 -43.07 -24.11 -6.70
CA VAL D 184 -42.62 -24.87 -5.54
C VAL D 184 -41.24 -25.45 -5.79
N THR D 185 -41.11 -26.20 -6.90
CA THR D 185 -39.83 -26.70 -7.37
C THR D 185 -38.83 -25.60 -7.64
N LEU D 186 -39.33 -24.44 -8.04
CA LEU D 186 -38.51 -23.24 -8.16
C LEU D 186 -37.94 -22.83 -6.82
N THR D 187 -38.78 -22.85 -5.77
CA THR D 187 -38.27 -22.61 -4.43
C THR D 187 -37.40 -23.75 -3.97
N GLN D 188 -37.65 -24.95 -4.48
CA GLN D 188 -36.79 -26.10 -4.21
C GLN D 188 -35.51 -26.06 -5.01
N GLN D 189 -34.62 -25.15 -4.66
CA GLN D 189 -33.45 -24.90 -5.46
C GLN D 189 -32.37 -24.27 -4.58
N SER D 190 -31.11 -24.48 -4.98
CA SER D 190 -29.95 -24.04 -4.22
C SER D 190 -29.71 -22.54 -4.41
N PHE D 191 -29.68 -21.80 -3.30
CA PHE D 191 -29.42 -20.36 -3.35
C PHE D 191 -28.59 -19.93 -2.17
N SER D 192 -27.60 -19.10 -2.44
CA SER D 192 -26.75 -18.57 -1.39
C SER D 192 -27.55 -17.63 -0.49
N ALA D 193 -27.01 -17.40 0.70
CA ALA D 193 -27.73 -16.63 1.69
C ALA D 193 -27.76 -15.15 1.32
N ASP D 194 -26.71 -14.67 0.67
CA ASP D 194 -26.55 -13.25 0.42
C ASP D 194 -27.57 -12.77 -0.61
N GLN D 195 -27.88 -13.62 -1.58
CA GLN D 195 -28.92 -13.25 -2.52
C GLN D 195 -30.29 -13.43 -1.90
N CYS D 196 -30.41 -14.37 -0.95
CA CYS D 196 -31.67 -14.54 -0.25
C CYS D 196 -31.88 -13.43 0.77
N GLN D 197 -30.81 -12.71 1.11
CA GLN D 197 -30.96 -11.48 1.87
C GLN D 197 -31.71 -10.43 1.08
N ARG D 198 -31.46 -10.35 -0.22
CA ARG D 198 -31.95 -9.27 -1.06
C ARG D 198 -32.80 -9.81 -2.22
N GLY D 199 -34.11 -9.83 -2.01
CA GLY D 199 -35.04 -10.14 -3.09
C GLY D 199 -36.26 -10.94 -2.64
N ALA D 200 -37.47 -10.56 -3.08
CA ALA D 200 -38.67 -11.31 -2.73
C ALA D 200 -39.67 -11.32 -3.87
N ALA D 201 -40.70 -12.15 -3.71
CA ALA D 201 -41.71 -12.39 -4.72
C ALA D 201 -43.09 -12.36 -4.10
N TRP D 202 -44.09 -12.17 -4.95
CA TRP D 202 -45.49 -12.14 -4.58
C TRP D 202 -46.25 -13.16 -5.41
N TRP D 203 -46.90 -14.09 -4.73
CA TRP D 203 -47.58 -15.11 -5.50
C TRP D 203 -48.91 -14.67 -6.13
N PRO D 204 -49.84 -14.00 -5.43
CA PRO D 204 -51.11 -13.72 -6.13
C PRO D 204 -50.95 -12.51 -7.05
N ARG D 205 -50.84 -12.78 -8.35
CA ARG D 205 -50.87 -11.69 -9.31
C ARG D 205 -52.29 -11.16 -9.43
N LEU D 206 -52.41 -9.86 -9.70
CA LEU D 206 -53.63 -9.14 -9.38
C LEU D 206 -54.53 -8.98 -10.59
N GLU D 207 -55.82 -9.12 -10.37
CA GLU D 207 -56.84 -8.70 -11.33
C GLU D 207 -57.11 -7.22 -11.09
N THR D 208 -56.67 -6.37 -12.00
CA THR D 208 -56.91 -4.95 -11.85
C THR D 208 -58.27 -4.60 -12.41
N SER D 209 -58.75 -3.41 -12.07
CA SER D 209 -59.92 -2.85 -12.71
C SER D 209 -59.56 -2.12 -13.99
N TYR D 210 -58.29 -2.19 -14.42
CA TYR D 210 -57.92 -1.70 -15.73
C TYR D 210 -58.63 -2.50 -16.80
N GLN D 211 -59.02 -1.79 -17.84
CA GLN D 211 -59.74 -2.46 -18.88
C GLN D 211 -58.79 -2.91 -19.96
N ASP D 212 -58.88 -4.20 -20.27
CA ASP D 212 -58.06 -4.80 -21.32
C ASP D 212 -58.59 -4.48 -22.70
N GLU D 213 -58.61 -3.18 -23.06
CA GLU D 213 -59.27 -2.48 -24.18
C GLU D 213 -60.73 -2.90 -24.32
N SER D 214 -61.35 -3.43 -23.28
CA SER D 214 -62.58 -4.17 -23.34
C SER D 214 -63.17 -4.17 -21.94
N SER D 215 -64.12 -5.06 -21.70
CA SER D 215 -64.58 -5.29 -20.34
C SER D 215 -63.55 -6.06 -19.53
N ALA D 216 -62.58 -6.68 -20.19
CA ALA D 216 -61.70 -7.61 -19.52
C ALA D 216 -60.75 -6.87 -18.59
N PRO D 217 -60.45 -7.43 -17.43
CA PRO D 217 -59.39 -6.88 -16.60
C PRO D 217 -58.05 -7.01 -17.28
N VAL D 218 -57.22 -6.03 -17.04
CA VAL D 218 -55.80 -6.21 -17.23
C VAL D 218 -55.29 -6.87 -15.97
N VAL D 219 -54.94 -8.15 -16.06
CA VAL D 219 -54.32 -8.85 -14.95
C VAL D 219 -52.88 -8.39 -14.92
N LEU D 220 -52.58 -7.46 -14.02
CA LEU D 220 -51.22 -6.98 -13.88
C LEU D 220 -50.55 -7.66 -12.70
N SER D 221 -49.23 -7.64 -12.76
CA SER D 221 -48.39 -7.97 -11.62
C SER D 221 -48.75 -7.04 -10.46
N PRO D 222 -48.64 -7.53 -9.23
CA PRO D 222 -48.85 -6.64 -8.09
C PRO D 222 -47.80 -5.55 -7.97
N LEU D 223 -46.66 -5.76 -8.58
CA LEU D 223 -45.43 -5.01 -8.51
C LEU D 223 -45.54 -3.48 -8.60
N PRO D 224 -46.36 -2.89 -9.50
CA PRO D 224 -46.51 -1.43 -9.42
C PRO D 224 -47.42 -0.99 -8.29
N ALA D 225 -48.44 -1.77 -7.95
CA ALA D 225 -49.20 -1.49 -6.75
C ALA D 225 -48.38 -1.81 -5.51
N VAL D 226 -47.44 -2.74 -5.63
CA VAL D 226 -46.47 -2.96 -4.56
C VAL D 226 -45.63 -1.72 -4.34
N ALA D 227 -44.99 -1.23 -5.40
CA ALA D 227 -43.98 -0.19 -5.29
C ALA D 227 -44.54 1.16 -4.87
N ALA D 228 -45.83 1.39 -5.09
CA ALA D 228 -46.42 2.70 -4.84
C ALA D 228 -46.44 3.03 -3.36
N ALA D 229 -46.88 2.09 -2.52
CA ALA D 229 -47.00 2.37 -1.10
C ALA D 229 -45.67 2.25 -0.40
N ILE D 230 -44.66 1.65 -1.04
CA ILE D 230 -43.41 1.33 -0.36
C ILE D 230 -42.68 2.58 0.05
N GLN D 231 -42.28 3.39 -0.94
CA GLN D 231 -41.66 4.65 -0.66
C GLN D 231 -42.60 5.60 0.02
N ARG D 232 -43.90 5.47 -0.25
CA ARG D 232 -44.91 6.24 0.44
C ARG D 232 -44.97 5.92 1.92
N SER D 233 -45.06 4.65 2.29
CA SER D 233 -44.91 4.30 3.70
C SER D 233 -43.52 4.60 4.24
N ALA D 234 -42.50 4.46 3.41
CA ALA D 234 -41.19 4.97 3.79
C ALA D 234 -41.18 6.48 3.90
N HIS D 235 -41.95 7.18 3.08
CA HIS D 235 -42.13 8.61 3.30
C HIS D 235 -42.89 8.88 4.56
N ASP D 236 -44.01 8.19 4.73
CA ASP D 236 -44.91 8.57 5.80
C ASP D 236 -44.47 7.99 7.13
N ASN D 237 -44.44 6.68 7.24
CA ASN D 237 -44.07 6.03 8.48
C ASN D 237 -42.57 5.91 8.65
N GLY D 238 -41.82 6.15 7.60
CA GLY D 238 -40.52 5.52 7.64
C GLY D 238 -40.61 4.07 7.23
N VAL D 239 -39.44 3.51 6.89
CA VAL D 239 -39.39 2.13 6.44
C VAL D 239 -39.64 1.14 7.56
N TRP D 240 -39.32 1.50 8.80
CA TRP D 240 -39.15 0.52 9.87
C TRP D 240 -40.45 -0.13 10.33
N LYS D 241 -41.61 0.36 9.92
CA LYS D 241 -42.82 -0.22 10.47
C LYS D 241 -43.18 -1.52 9.77
N ALA D 242 -43.55 -1.44 8.48
CA ALA D 242 -44.06 -2.58 7.72
C ALA D 242 -44.31 -2.25 6.27
N PRO D 243 -44.42 -3.27 5.42
CA PRO D 243 -45.07 -3.09 4.12
C PRO D 243 -46.52 -3.55 4.04
N ALA D 244 -47.03 -4.32 5.00
CA ALA D 244 -48.17 -5.17 4.70
C ALA D 244 -49.48 -4.61 5.25
N ASN D 245 -50.57 -5.36 4.98
CA ASN D 245 -51.95 -5.01 5.35
C ASN D 245 -52.38 -3.70 4.74
N ILE D 246 -52.08 -3.52 3.47
CA ILE D 246 -52.40 -2.30 2.76
C ILE D 246 -53.39 -2.63 1.66
N ALA D 247 -54.57 -2.02 1.74
CA ALA D 247 -55.62 -2.23 0.75
C ALA D 247 -55.19 -1.59 -0.55
N LEU D 248 -55.38 -2.30 -1.66
CA LEU D 248 -54.86 -1.85 -2.93
C LEU D 248 -55.93 -1.15 -3.74
N ALA D 249 -55.52 -0.18 -4.56
CA ALA D 249 -56.46 0.80 -5.08
C ALA D 249 -57.28 0.27 -6.24
N LYS D 250 -56.62 -0.08 -7.34
CA LYS D 250 -57.37 -0.12 -8.59
C LYS D 250 -57.41 -1.54 -9.10
N THR D 251 -57.63 -2.48 -8.19
CA THR D 251 -57.68 -3.90 -8.49
C THR D 251 -59.01 -4.48 -8.09
N ARG D 252 -59.49 -5.43 -8.90
CA ARG D 252 -60.74 -6.08 -8.58
C ARG D 252 -60.53 -7.09 -7.46
N ARG D 253 -59.52 -7.94 -7.61
CA ARG D 253 -59.14 -8.93 -6.61
C ARG D 253 -57.77 -9.47 -7.01
N PRO D 254 -57.07 -10.15 -6.09
CA PRO D 254 -55.97 -11.00 -6.54
C PRO D 254 -56.54 -12.20 -7.27
N THR D 255 -55.95 -12.50 -8.43
CA THR D 255 -56.51 -13.51 -9.33
C THR D 255 -56.58 -14.90 -8.73
N GLN D 256 -55.67 -15.25 -7.83
CA GLN D 256 -55.73 -16.54 -7.17
C GLN D 256 -55.47 -16.35 -5.69
N SER D 257 -56.33 -16.96 -4.88
CA SER D 257 -56.15 -16.98 -3.44
C SER D 257 -55.24 -18.15 -3.06
N ILE D 258 -54.80 -18.13 -1.80
CA ILE D 258 -54.01 -19.24 -1.29
C ILE D 258 -54.88 -20.45 -0.97
N LEU D 259 -56.20 -20.25 -0.86
CA LEU D 259 -57.11 -21.33 -0.54
C LEU D 259 -57.24 -22.33 -1.66
N THR D 260 -57.02 -21.90 -2.89
CA THR D 260 -57.00 -22.81 -4.02
C THR D 260 -55.59 -23.30 -4.35
N SER D 261 -54.59 -22.91 -3.58
CA SER D 261 -53.22 -23.35 -3.82
C SER D 261 -52.63 -23.82 -2.48
N GLN D 262 -52.82 -25.10 -2.18
CA GLN D 262 -52.27 -25.68 -0.98
C GLN D 262 -50.83 -26.08 -1.15
N ALA D 263 -50.33 -26.11 -2.38
CA ALA D 263 -48.90 -26.10 -2.59
C ALA D 263 -48.35 -24.72 -2.28
N LEU D 264 -47.02 -24.64 -2.16
CA LEU D 264 -46.18 -23.56 -1.63
C LEU D 264 -46.34 -23.40 -0.12
N LEU D 265 -47.26 -24.11 0.50
CA LEU D 265 -47.38 -24.15 1.95
C LEU D 265 -46.29 -24.99 2.56
N ASP D 266 -45.63 -25.81 1.76
CA ASP D 266 -44.45 -26.53 2.20
C ASP D 266 -43.33 -25.53 2.39
N ASN D 267 -42.92 -25.33 3.63
CA ASN D 267 -41.88 -24.34 3.91
C ASN D 267 -40.53 -25.05 3.91
N GLN D 268 -40.25 -25.69 2.78
CA GLN D 268 -38.95 -26.28 2.53
C GLN D 268 -38.24 -25.51 1.45
N GLY D 269 -38.97 -24.96 0.49
CA GLY D 269 -38.39 -23.95 -0.36
C GLY D 269 -38.57 -22.60 0.28
N VAL D 270 -38.06 -21.56 -0.37
CA VAL D 270 -37.92 -20.26 0.28
C VAL D 270 -39.26 -19.57 0.38
N SER D 271 -39.32 -18.52 1.20
CA SER D 271 -40.60 -17.92 1.57
C SER D 271 -41.13 -17.04 0.44
N CYS D 272 -42.38 -16.62 0.57
CA CYS D 272 -43.04 -15.77 -0.41
C CYS D 272 -43.52 -14.49 0.26
N ASN D 273 -44.32 -13.71 -0.47
CA ASN D 273 -45.21 -12.72 0.10
C ASN D 273 -46.60 -12.95 -0.44
N LEU D 274 -47.50 -13.40 0.42
CA LEU D 274 -48.87 -13.66 0.03
C LEU D 274 -49.59 -12.33 -0.07
N ILE D 275 -50.62 -12.27 -0.90
CA ILE D 275 -51.49 -11.11 -1.03
C ILE D 275 -52.92 -11.59 -0.82
N ARG D 276 -53.64 -10.97 0.11
CA ARG D 276 -54.96 -11.50 0.41
C ARG D 276 -56.01 -10.42 0.30
N SER D 277 -57.13 -10.78 -0.33
CA SER D 277 -58.31 -9.94 -0.39
C SER D 277 -59.11 -10.19 0.86
N PHE D 278 -59.39 -9.13 1.59
CA PHE D 278 -60.11 -9.33 2.84
C PHE D 278 -61.59 -9.06 2.60
N VAL D 279 -62.39 -9.35 3.62
CA VAL D 279 -63.84 -9.25 3.49
C VAL D 279 -64.29 -7.85 3.83
N GLY D 280 -64.14 -7.48 5.10
CA GLY D 280 -64.59 -6.16 5.53
C GLY D 280 -63.62 -5.05 5.26
N LYS D 281 -62.48 -5.36 4.66
CA LYS D 281 -61.53 -4.35 4.25
C LYS D 281 -60.89 -4.86 2.97
N GLY D 282 -60.01 -4.04 2.40
CA GLY D 282 -59.52 -4.26 1.05
C GLY D 282 -58.55 -5.41 0.93
N VAL D 283 -57.92 -5.49 -0.23
CA VAL D 283 -56.96 -6.54 -0.49
C VAL D 283 -55.70 -6.22 0.28
N ARG D 284 -55.50 -6.91 1.39
CA ARG D 284 -54.43 -6.54 2.29
C ARG D 284 -53.19 -7.36 2.02
N LEU D 285 -52.07 -6.66 2.01
CA LEU D 285 -50.80 -7.29 1.75
C LEU D 285 -50.46 -8.19 2.91
N TRP D 286 -49.98 -9.39 2.60
CA TRP D 286 -49.80 -10.38 3.63
C TRP D 286 -48.47 -11.13 3.46
N GLY D 287 -47.38 -10.39 3.32
CA GLY D 287 -46.08 -11.03 3.46
C GLY D 287 -44.93 -10.06 3.50
N CYS D 288 -44.08 -10.16 4.53
CA CYS D 288 -42.82 -9.40 4.56
C CYS D 288 -41.79 -10.20 5.37
N ARG D 289 -41.05 -11.04 4.65
CA ARG D 289 -40.12 -11.97 5.28
C ARG D 289 -39.24 -12.54 4.19
N THR D 290 -37.95 -12.22 4.22
CA THR D 290 -37.14 -12.39 3.02
C THR D 290 -36.83 -13.87 2.76
N LEU D 291 -36.25 -14.11 1.60
CA LEU D 291 -36.03 -15.48 1.13
C LEU D 291 -34.90 -16.18 1.85
N LEU D 292 -34.20 -15.49 2.74
CA LEU D 292 -33.56 -16.23 3.82
C LEU D 292 -34.68 -16.89 4.60
N ASN D 293 -34.88 -18.17 4.36
CA ASN D 293 -36.07 -18.90 4.80
C ASN D 293 -35.84 -19.41 6.22
N GLU D 294 -35.52 -18.45 7.09
CA GLU D 294 -34.67 -18.68 8.25
C GLU D 294 -35.22 -17.90 9.42
N GLU D 295 -34.91 -18.38 10.63
CA GLU D 295 -35.64 -17.99 11.82
C GLU D 295 -34.86 -17.07 12.73
N ASN D 296 -33.55 -16.96 12.55
CA ASN D 296 -32.71 -16.32 13.53
C ASN D 296 -31.96 -15.11 13.02
N THR D 297 -31.54 -15.14 11.76
CA THR D 297 -30.88 -13.99 11.18
C THR D 297 -31.88 -12.87 11.01
N ALA D 298 -31.49 -11.67 11.42
CA ALA D 298 -32.36 -10.49 11.27
C ALA D 298 -32.32 -9.96 9.85
N TRP D 299 -32.57 -10.84 8.89
CA TRP D 299 -32.54 -10.52 7.47
C TRP D 299 -33.71 -11.14 6.74
N ARG D 300 -34.71 -11.59 7.49
CA ARG D 300 -36.10 -11.56 7.06
C ARG D 300 -36.63 -10.17 7.35
N TYR D 301 -37.95 -9.99 7.28
CA TYR D 301 -38.67 -8.80 7.72
C TYR D 301 -38.18 -7.58 6.97
N ILE D 302 -38.46 -7.53 5.66
CA ILE D 302 -37.76 -6.80 4.61
C ILE D 302 -37.37 -5.38 4.98
N GLN D 303 -38.24 -4.72 5.76
CA GLN D 303 -37.99 -3.41 6.31
C GLN D 303 -36.70 -3.35 7.12
N ILE D 304 -36.29 -4.45 7.74
CA ILE D 304 -35.04 -4.47 8.49
C ILE D 304 -33.86 -4.40 7.54
N ARG D 305 -33.91 -5.17 6.45
CA ARG D 305 -32.93 -5.08 5.38
C ARG D 305 -32.80 -3.68 4.82
N LEU D 306 -33.91 -2.98 4.74
CA LEU D 306 -33.87 -1.72 4.04
C LEU D 306 -33.67 -0.54 4.96
N LEU D 307 -34.03 -0.69 6.24
CA LEU D 307 -33.78 0.38 7.22
C LEU D 307 -32.30 0.61 7.40
N VAL D 308 -31.53 -0.48 7.48
CA VAL D 308 -30.10 -0.33 7.69
C VAL D 308 -29.44 0.29 6.47
N SER D 309 -29.85 -0.11 5.27
CA SER D 309 -29.23 0.29 4.03
C SER D 309 -29.30 1.79 3.78
N SER D 310 -30.39 2.42 4.18
CA SER D 310 -30.47 3.87 4.09
C SER D 310 -29.60 4.55 5.11
N VAL D 311 -29.46 3.95 6.29
CA VAL D 311 -28.53 4.48 7.26
C VAL D 311 -27.12 4.31 6.75
N GLU D 312 -26.83 3.16 6.14
CA GLU D 312 -25.58 2.97 5.42
C GLU D 312 -25.40 4.03 4.37
N HIS D 313 -26.48 4.32 3.64
CA HIS D 313 -26.46 5.44 2.73
C HIS D 313 -26.31 6.76 3.47
N TYR D 314 -26.83 6.85 4.67
CA TYR D 314 -26.69 8.10 5.38
C TYR D 314 -25.32 8.23 6.02
N LEU D 315 -24.69 7.12 6.36
CA LEU D 315 -23.39 7.27 6.97
C LEU D 315 -22.30 7.36 5.92
N SER D 316 -22.51 6.72 4.78
CA SER D 316 -21.68 7.01 3.63
C SER D 316 -21.86 8.44 3.15
N LYS D 317 -23.04 9.01 3.42
CA LYS D 317 -23.32 10.39 3.05
C LYS D 317 -22.38 11.37 3.72
N LEU D 318 -21.98 11.05 4.94
CA LEU D 318 -21.08 11.89 5.69
C LEU D 318 -19.67 11.32 5.80
N ALA D 319 -19.46 10.09 5.32
CA ALA D 319 -18.14 9.50 5.44
C ALA D 319 -17.17 10.16 4.47
N ARG D 320 -17.60 10.33 3.23
CA ARG D 320 -16.79 10.98 2.21
C ARG D 320 -16.51 12.44 2.51
N ALA D 321 -17.31 13.07 3.38
CA ALA D 321 -16.94 14.38 3.91
C ALA D 321 -15.64 14.29 4.68
N TYR D 322 -15.56 13.39 5.64
CA TYR D 322 -14.32 13.20 6.38
C TYR D 322 -13.35 12.32 5.62
N LEU D 323 -12.77 12.82 4.54
CA LEU D 323 -12.05 11.90 3.67
C LEU D 323 -10.57 11.84 4.01
N PHE D 324 -9.82 12.90 3.68
CA PHE D 324 -8.38 12.90 3.96
C PHE D 324 -8.09 13.60 5.27
N GLU D 325 -8.64 13.06 6.32
CA GLU D 325 -8.50 13.59 7.66
C GLU D 325 -7.11 13.32 8.18
N PRO D 326 -6.75 13.90 9.33
CA PRO D 326 -5.64 13.34 10.10
C PRO D 326 -6.14 12.28 11.06
N ASN D 327 -5.22 11.47 11.58
CA ASN D 327 -5.61 10.34 12.40
C ASN D 327 -5.72 10.68 13.88
N THR D 328 -6.08 11.91 14.22
CA THR D 328 -5.99 12.28 15.62
C THR D 328 -7.27 11.93 16.35
N ALA D 329 -7.11 11.58 17.62
CA ALA D 329 -8.26 11.37 18.49
C ALA D 329 -9.22 12.56 18.61
N PRO D 330 -8.80 13.84 18.60
CA PRO D 330 -9.81 14.91 18.54
C PRO D 330 -10.60 14.91 17.27
N THR D 331 -9.96 14.60 16.15
CA THR D 331 -10.68 14.51 14.90
C THR D 331 -11.68 13.38 14.87
N TRP D 332 -11.47 12.35 15.69
CA TRP D 332 -12.49 11.30 15.80
C TRP D 332 -13.72 11.87 16.47
N MET D 333 -13.50 12.63 17.53
CA MET D 333 -14.52 13.20 18.39
C MET D 333 -15.47 14.12 17.64
N LYS D 334 -14.95 14.79 16.60
CA LYS D 334 -15.77 15.60 15.73
C LYS D 334 -16.87 14.80 15.09
N LEU D 335 -16.57 13.59 14.65
CA LEU D 335 -17.61 12.74 14.10
C LEU D 335 -18.48 12.18 15.20
N LYS D 336 -17.88 11.98 16.36
CA LYS D 336 -18.54 11.27 17.44
C LYS D 336 -19.71 12.06 17.97
N GLY D 337 -19.61 13.38 17.96
CA GLY D 337 -20.75 14.19 18.32
C GLY D 337 -21.87 14.08 17.30
N GLN D 338 -21.51 13.94 16.02
CA GLN D 338 -22.48 14.00 14.92
C GLN D 338 -23.44 12.84 14.92
N VAL D 339 -22.91 11.65 15.01
CA VAL D 339 -23.73 10.47 14.95
C VAL D 339 -24.55 10.33 16.21
N TRP D 340 -23.91 10.64 17.33
CA TRP D 340 -24.59 10.71 18.61
C TRP D 340 -25.68 11.75 18.59
N THR D 341 -25.47 12.83 17.86
CA THR D 341 -26.55 13.77 17.64
C THR D 341 -27.61 13.12 16.77
N TRP D 342 -27.20 12.58 15.62
CA TRP D 342 -28.17 12.29 14.58
C TRP D 342 -29.07 11.13 14.93
N LEU D 343 -28.50 9.98 15.28
CA LEU D 343 -29.32 8.80 15.52
C LEU D 343 -30.19 8.94 16.75
N ARG D 344 -29.81 9.83 17.66
CA ARG D 344 -30.58 10.08 18.87
C ARG D 344 -31.99 10.52 18.55
N GLN D 345 -32.10 11.55 17.72
CA GLN D 345 -33.32 11.97 17.07
C GLN D 345 -34.05 10.81 16.44
N GLN D 346 -33.32 9.98 15.72
CA GLN D 346 -33.94 8.91 14.94
C GLN D 346 -34.45 7.81 15.85
N TRP D 347 -33.71 7.46 16.88
CA TRP D 347 -34.24 6.59 17.91
C TRP D 347 -35.37 7.26 18.67
N LEU D 348 -35.20 8.54 18.98
CA LEU D 348 -36.33 9.27 19.54
C LEU D 348 -37.42 9.53 18.51
N ALA D 349 -37.15 9.35 17.23
CA ALA D 349 -38.22 9.23 16.25
C ALA D 349 -38.80 7.83 16.19
N GLY D 350 -38.48 6.97 17.15
CA GLY D 350 -39.03 5.65 17.23
C GLY D 350 -38.60 4.71 16.13
N ALA D 351 -37.59 5.08 15.36
CA ALA D 351 -37.10 4.18 14.33
C ALA D 351 -36.32 3.01 14.92
N PHE D 352 -35.90 3.11 16.18
CA PHE D 352 -35.00 2.11 16.73
C PHE D 352 -35.48 1.59 18.06
N PHE D 353 -34.78 0.56 18.50
CA PHE D 353 -35.16 -0.16 19.68
C PHE D 353 -34.64 0.52 20.92
N GLY D 354 -35.29 0.26 22.05
CA GLY D 354 -34.71 0.64 23.29
C GLY D 354 -35.29 1.91 23.87
N THR D 355 -35.44 1.96 25.18
CA THR D 355 -35.96 3.14 25.85
C THR D 355 -34.87 4.09 26.32
N VAL D 356 -33.60 3.68 26.25
CA VAL D 356 -32.53 4.66 26.39
C VAL D 356 -31.74 4.68 25.10
N GLU D 357 -30.99 5.76 24.93
CA GLU D 357 -30.16 5.94 23.76
C GLU D 357 -28.97 4.99 23.80
N ASP D 358 -28.58 4.59 25.00
CA ASP D 358 -27.39 3.80 25.19
C ASP D 358 -27.59 2.39 24.69
N GLU D 359 -28.80 1.86 24.85
CA GLU D 359 -29.19 0.60 24.24
C GLU D 359 -29.71 0.81 22.84
N ALA D 360 -29.93 2.06 22.42
CA ALA D 360 -30.25 2.27 21.02
C ALA D 360 -29.04 2.08 20.13
N PHE D 361 -28.05 2.95 20.22
CA PHE D 361 -26.91 2.88 19.32
C PHE D 361 -25.64 3.18 20.11
N SER D 362 -24.55 2.58 19.67
CA SER D 362 -23.30 2.66 20.41
C SER D 362 -22.13 2.70 19.44
N LEU D 363 -21.13 3.49 19.82
CA LEU D 363 -20.00 3.83 18.97
C LEU D 363 -18.73 3.37 19.66
N SER D 364 -17.75 2.92 18.90
CA SER D 364 -16.57 2.38 19.56
C SER D 364 -15.28 2.74 18.85
N ILE D 365 -15.19 3.93 18.26
CA ILE D 365 -13.93 4.35 17.69
C ILE D 365 -12.94 4.68 18.80
N GLY D 366 -11.71 4.21 18.63
CA GLY D 366 -10.66 4.59 19.53
C GLY D 366 -9.33 4.04 19.06
N LEU D 367 -8.32 4.32 19.87
CA LEU D 367 -6.91 4.12 19.54
C LEU D 367 -6.58 2.67 19.27
N ASP D 368 -7.01 1.78 20.15
CA ASP D 368 -6.96 0.34 19.90
C ASP D 368 -8.32 -0.26 20.17
N GLU D 369 -9.33 0.59 20.08
CA GLU D 369 -10.73 0.19 20.15
C GLU D 369 -11.25 -0.10 18.76
N THR D 370 -10.69 0.58 17.78
CA THR D 370 -10.84 0.24 16.37
C THR D 370 -9.52 0.08 15.66
N MET D 371 -8.54 0.92 15.99
CA MET D 371 -7.40 1.10 15.13
C MET D 371 -6.12 0.60 15.80
N THR D 372 -4.99 0.88 15.16
CA THR D 372 -3.67 0.81 15.77
C THR D 372 -2.76 1.73 15.00
N GLU D 373 -1.52 1.85 15.49
CA GLU D 373 -0.54 2.70 14.82
C GLU D 373 -0.20 2.21 13.42
N ASP D 374 -0.21 0.90 13.21
CA ASP D 374 -0.11 0.36 11.86
C ASP D 374 -1.21 0.91 10.97
N ASP D 375 -2.44 0.94 11.45
CA ASP D 375 -3.48 1.58 10.66
C ASP D 375 -3.45 3.09 10.78
N ILE D 376 -2.75 3.62 11.77
CA ILE D 376 -2.47 5.05 11.72
C ILE D 376 -1.44 5.32 10.64
N ARG D 377 -0.41 4.49 10.55
CA ARG D 377 0.49 4.62 9.42
C ARG D 377 -0.02 3.91 8.19
N HIS D 378 -1.15 3.23 8.29
CA HIS D 378 -1.92 2.98 7.08
C HIS D 378 -3.11 3.93 6.95
N GLY D 379 -3.25 4.89 7.85
CA GLY D 379 -4.21 5.97 7.64
C GLY D 379 -5.65 5.52 7.67
N LYS D 380 -5.92 4.37 8.25
CA LYS D 380 -7.28 3.88 8.35
C LYS D 380 -8.01 4.66 9.42
N MET D 381 -9.31 4.77 9.27
CA MET D 381 -10.13 5.56 10.17
C MET D 381 -11.38 4.75 10.39
N ILE D 382 -11.46 4.08 11.53
CA ILE D 382 -12.30 2.90 11.73
C ILE D 382 -13.25 3.17 12.89
N LEU D 383 -14.50 2.72 12.76
CA LEU D 383 -15.49 2.87 13.82
C LEU D 383 -16.37 1.64 13.88
N GLN D 384 -16.87 1.32 15.08
CA GLN D 384 -17.75 0.20 15.32
C GLN D 384 -19.15 0.68 15.64
N VAL D 385 -20.13 0.21 14.87
CA VAL D 385 -21.48 0.75 14.86
C VAL D 385 -22.45 -0.28 15.39
N ARG D 386 -23.13 0.05 16.49
CA ARG D 386 -24.02 -0.87 17.18
C ARG D 386 -25.47 -0.41 17.06
N LEU D 387 -26.40 -1.37 17.00
CA LEU D 387 -27.82 -1.09 17.05
C LEU D 387 -28.63 -2.29 17.52
N ALA D 388 -29.56 -2.02 18.44
CA ALA D 388 -30.51 -3.02 18.93
C ALA D 388 -31.79 -2.90 18.12
N LEU D 389 -32.58 -3.97 18.09
CA LEU D 389 -33.57 -4.15 17.03
C LEU D 389 -34.99 -4.26 17.56
N LEU D 390 -35.89 -3.56 16.87
CA LEU D 390 -37.34 -3.65 17.04
C LEU D 390 -37.85 -4.93 16.40
N ALA D 391 -39.16 -5.20 16.60
CA ALA D 391 -39.81 -6.29 15.87
C ALA D 391 -41.29 -6.00 15.66
N PRO D 392 -41.85 -6.33 14.51
CA PRO D 392 -43.30 -6.21 14.35
C PRO D 392 -44.03 -7.36 15.05
N ALA D 393 -45.31 -7.10 15.34
CA ALA D 393 -46.13 -7.95 16.22
C ALA D 393 -47.08 -8.84 15.42
N GLU D 394 -46.55 -9.89 14.80
CA GLU D 394 -47.26 -10.51 13.69
C GLU D 394 -48.43 -11.38 14.11
N PHE D 395 -48.38 -12.01 15.28
CA PHE D 395 -49.34 -13.07 15.54
C PHE D 395 -49.91 -12.99 16.94
N ILE D 396 -51.06 -13.61 17.11
CA ILE D 396 -52.00 -13.27 18.16
C ILE D 396 -52.17 -14.49 19.05
N ALA D 397 -51.32 -14.66 20.04
CA ALA D 397 -51.38 -15.86 20.87
C ALA D 397 -52.27 -15.62 22.09
N ILE D 398 -53.57 -15.80 21.86
CA ILE D 398 -54.54 -15.53 22.90
C ILE D 398 -54.63 -16.70 23.86
N SER D 399 -54.68 -16.39 25.15
CA SER D 399 -55.10 -17.37 26.13
C SER D 399 -56.22 -16.78 26.97
N LEU D 400 -57.15 -17.63 27.36
CA LEU D 400 -58.26 -17.21 28.18
C LEU D 400 -58.14 -17.78 29.58
N THR D 401 -58.81 -17.13 30.52
CA THR D 401 -58.93 -17.59 31.89
C THR D 401 -60.23 -17.08 32.46
N LEU D 402 -61.12 -18.01 32.83
CA LEU D 402 -62.41 -17.62 33.40
C LEU D 402 -62.26 -16.97 34.77
N ASP D 403 -61.45 -17.58 35.64
CA ASP D 403 -61.20 -17.09 37.00
C ASP D 403 -62.51 -17.00 37.79
N LEU D 404 -62.89 -18.20 38.29
CA LEU D 404 -64.18 -18.59 38.87
C LEU D 404 -64.95 -17.46 39.53
N ARG D 405 -64.27 -16.75 40.43
CA ARG D 405 -64.82 -15.65 41.22
C ARG D 405 -66.10 -16.10 41.91
N ASP D 406 -65.88 -17.01 42.88
CA ASP D 406 -66.91 -17.79 43.56
C ASP D 406 -67.74 -18.58 42.55
#